data_9V2L
#
_entry.id   9V2L
#
_cell.length_a   1.00
_cell.length_b   1.00
_cell.length_c   1.00
_cell.angle_alpha   90.00
_cell.angle_beta   90.00
_cell.angle_gamma   90.00
#
_symmetry.space_group_name_H-M   'P 1'
#
loop_
_entity.id
_entity.type
_entity.pdbx_description
1 polymer 'Spike glycoprotein'
2 polymer 'Dipeptidyl peptidase 4 soluble form'
3 branched 2-acetamido-2-deoxy-beta-D-glucopyranose-(1-4)-2-acetamido-2-deoxy-beta-D-glucopyranose
4 non-polymer 2-acetamido-2-deoxy-beta-D-glucopyranose
#
loop_
_entity_poly.entity_id
_entity_poly.type
_entity_poly.pdbx_seq_one_letter_code
_entity_poly.pdbx_strand_id
1 'polypeptide(L)'
;EVHSRGQFIEQPNSVECDFTKLLSGTPPQVYNFNRLVFTNCNYNLTKLLSLFMVNEFSCDGISPDAIARGCYSSLTVDYF
AYPLSMKSYMQPGSAGVISQYNYKQSFANPTCRIFATAPANLTITKPSSYSFISKCSRLTGDNSHIETPIVINPGEYSIC
KNFAPNGFSQDGDYFTRQLSQLEGGGILVGVGSVTPMTDTLQMGFIISVQYGTDTNSVCPMMD
;
A
2 'polypeptide(L)'
;RKTYTLTDYLKNTYRLKLYSLRWISDHEYLYKQENNILVFNAEYGNSSVFLENSTFDEFGHSINDYSISPDGQFILLEYN
YVKQWRHSYTASYDIYDLNKRQLITEERIPNNTQWVTWSPVGHKLAYVWNNDIYVKIEPNLPSYRITWTGKEDIIYNGIT
DWVYEEEVFSAYSALWWSPNGTFLAYAQFNDTEVPLIEYSFYSDESLQYPKTVRVPYPKAGAVNPTVKFFVVNTDSLSSV
TNATSIQITAPASMLIGDHYLCDVTWATQERISLQWLRRIQNYSVMDICDYDESSGRWNCLVARQHIEMSTTGWVGRFRP
SEPHFTLDGNSFYKIISNEEGYRHICYFQIDKKDCTFITKGTWEVIGIEALTSDYLYYISNEYKGMPGGRNLYKIQLSDY
TKVTCLSCELNPERCQYYSVSFSKEAKYYQLRCSGPGLPLYTLHSSVNDKGLRVLEDNSALDKMLQNVQMPSKKLDFIIL
NETKFWYQMILPPHFDKSKKYPLLLDVYAGPCSQKADTVFRLNWATYLASTENIIVASFDGRGSGYQGDKIMHAINRRLG
TFEVEDQIEAARQFSKMGFVDNKRIAIWGWSYGGYVTSMVLGSGSGVFKCGIAVAPVSRWEYYDSVYTERYMGLPTPEDN
LDHYRNSTVMSRAENFKQVEYLLIHGTADDNVHFQQSAQISKALVDVGVDFQAMWYTDEDHGIASSTAHQHIYTHMSHFI
KQCFSLP
;
B,C
#
# COMPACT_ATOMS: atom_id res chain seq x y z
N VAL A 15 53.77 -21.96 51.00
CA VAL A 15 52.65 -21.12 50.57
C VAL A 15 53.18 -19.98 49.70
N GLU A 16 52.48 -19.72 48.59
CA GLU A 16 52.90 -18.72 47.63
C GLU A 16 51.70 -17.90 47.19
N CYS A 17 51.93 -16.62 46.88
CA CYS A 17 50.88 -15.74 46.38
C CYS A 17 50.67 -16.00 44.90
N ASP A 18 49.61 -16.72 44.56
CA ASP A 18 49.38 -17.13 43.18
C ASP A 18 49.27 -15.92 42.27
N PHE A 19 50.19 -15.84 41.30
CA PHE A 19 50.18 -14.77 40.31
C PHE A 19 49.65 -15.23 38.95
N THR A 20 49.28 -16.50 38.82
CA THR A 20 48.77 -16.99 37.53
C THR A 20 47.44 -16.33 37.19
N LYS A 21 46.67 -15.94 38.20
CA LYS A 21 45.31 -15.46 37.97
C LYS A 21 45.26 -14.11 37.24
N LEU A 22 46.32 -13.30 37.36
CA LEU A 22 46.30 -11.99 36.72
C LEU A 22 46.24 -12.11 35.19
N LEU A 23 47.01 -13.03 34.62
CA LEU A 23 47.02 -13.27 33.19
C LEU A 23 46.09 -14.41 32.78
N SER A 24 45.25 -14.88 33.70
CA SER A 24 44.34 -15.97 33.38
C SER A 24 43.14 -15.46 32.59
N GLY A 25 42.87 -16.11 31.46
CA GLY A 25 41.70 -15.76 30.67
C GLY A 25 41.77 -14.37 30.09
N THR A 26 40.60 -13.78 29.85
CA THR A 26 40.39 -12.46 29.28
C THR A 26 40.32 -11.40 30.38
N PRO A 27 41.11 -10.33 30.27
CA PRO A 27 41.02 -9.26 31.25
C PRO A 27 39.70 -8.53 31.15
N PRO A 28 39.21 -7.97 32.24
CA PRO A 28 37.96 -7.20 32.19
C PRO A 28 38.22 -5.75 31.79
N GLN A 29 37.14 -4.98 31.74
CA GLN A 29 37.26 -3.57 31.43
C GLN A 29 37.70 -2.78 32.66
N VAL A 30 37.78 -1.46 32.50
CA VAL A 30 38.29 -0.63 33.58
C VAL A 30 37.28 -0.55 34.73
N TYR A 31 35.99 -0.43 34.42
CA TYR A 31 34.99 -0.27 35.47
C TYR A 31 34.79 -1.58 36.23
N ASN A 32 34.67 -2.68 35.51
CA ASN A 32 34.40 -3.99 36.12
C ASN A 32 35.71 -4.72 36.43
N PHE A 33 36.56 -4.06 37.20
CA PHE A 33 37.80 -4.67 37.64
C PHE A 33 37.52 -5.86 38.54
N ASN A 34 38.45 -6.81 38.59
CA ASN A 34 38.41 -7.89 39.57
C ASN A 34 39.32 -7.51 40.73
N ARG A 35 38.71 -7.09 41.84
CA ARG A 35 39.51 -6.81 43.02
C ARG A 35 40.11 -8.09 43.56
N LEU A 36 41.34 -7.99 44.04
CA LEU A 36 42.16 -9.15 44.36
C LEU A 36 42.76 -8.97 45.75
N VAL A 37 42.99 -10.10 46.43
CA VAL A 37 43.49 -10.09 47.79
C VAL A 37 44.42 -11.28 47.99
N PHE A 38 45.49 -11.06 48.75
CA PHE A 38 46.44 -12.09 49.18
C PHE A 38 46.48 -12.14 50.69
N THR A 39 46.57 -13.35 51.24
CA THR A 39 46.64 -13.52 52.69
C THR A 39 47.64 -14.62 53.01
N ASN A 40 48.63 -14.29 53.85
CA ASN A 40 49.56 -15.28 54.41
C ASN A 40 50.23 -16.10 53.30
N CYS A 41 50.80 -15.42 52.32
CA CYS A 41 51.44 -16.10 51.20
C CYS A 41 52.78 -15.45 50.89
N ASN A 42 53.39 -15.92 49.81
CA ASN A 42 54.71 -15.49 49.36
C ASN A 42 54.61 -15.01 47.92
N TYR A 43 55.20 -13.85 47.62
CA TYR A 43 55.00 -13.22 46.33
C TYR A 43 56.33 -12.80 45.72
N ASN A 44 56.34 -12.71 44.38
CA ASN A 44 57.51 -12.27 43.59
C ASN A 44 57.00 -11.36 42.47
N LEU A 45 57.08 -10.05 42.68
CA LEU A 45 56.67 -9.08 41.66
C LEU A 45 57.58 -9.09 40.44
N THR A 46 58.85 -9.50 40.62
CA THR A 46 59.78 -9.52 39.49
C THR A 46 59.31 -10.46 38.39
N LYS A 47 58.61 -11.54 38.76
CA LYS A 47 58.06 -12.42 37.76
C LYS A 47 57.03 -11.71 36.89
N LEU A 48 56.15 -10.92 37.51
CA LEU A 48 55.18 -10.15 36.75
C LEU A 48 55.88 -9.12 35.87
N LEU A 49 56.91 -8.46 36.40
CA LEU A 49 57.65 -7.48 35.61
C LEU A 49 58.32 -8.13 34.40
N SER A 50 58.89 -9.32 34.58
CA SER A 50 59.53 -10.00 33.46
C SER A 50 58.51 -10.52 32.45
N LEU A 51 57.36 -10.99 32.92
CA LEU A 51 56.35 -11.52 32.01
C LEU A 51 55.71 -10.43 31.16
N PHE A 52 55.51 -9.24 31.73
CA PHE A 52 54.81 -8.16 31.05
C PHE A 52 55.79 -7.02 30.80
N MET A 53 55.94 -6.63 29.52
CA MET A 53 56.77 -5.48 29.21
C MET A 53 56.05 -4.20 29.64
N VAL A 54 56.69 -3.46 30.55
CA VAL A 54 56.08 -2.33 31.23
C VAL A 54 56.28 -1.09 30.38
N ASN A 55 55.17 -0.41 30.06
CA ASN A 55 55.25 0.82 29.28
C ASN A 55 55.52 2.03 30.16
N GLU A 56 54.95 2.05 31.37
CA GLU A 56 55.09 3.22 32.23
C GLU A 56 54.99 2.75 33.68
N PHE A 57 55.72 3.44 34.56
CA PHE A 57 55.86 3.05 35.96
C PHE A 57 55.87 4.31 36.82
N SER A 58 54.72 4.59 37.49
CA SER A 58 54.53 5.84 38.23
C SER A 58 53.92 5.57 39.61
N CYS A 59 54.49 4.63 40.35
CA CYS A 59 54.03 4.40 41.71
C CYS A 59 54.31 5.63 42.59
N ASP A 60 53.32 5.97 43.42
CA ASP A 60 53.34 7.19 44.22
C ASP A 60 53.24 6.83 45.68
N GLY A 61 53.71 7.72 46.55
CA GLY A 61 53.64 7.51 47.98
C GLY A 61 54.92 6.95 48.56
N ILE A 62 54.87 5.69 49.02
CA ILE A 62 56.09 5.04 49.53
C ILE A 62 57.07 4.83 48.39
N SER A 63 56.60 4.26 47.27
CA SER A 63 57.29 4.09 46.00
C SER A 63 58.78 3.76 46.15
N PRO A 64 59.15 2.59 46.69
CA PRO A 64 60.57 2.22 46.77
C PRO A 64 61.10 1.63 45.46
N ASP A 65 60.74 2.28 44.35
CA ASP A 65 61.12 1.87 42.99
C ASP A 65 60.47 0.53 42.63
N ALA A 66 59.76 -0.04 43.59
CA ALA A 66 59.00 -1.28 43.44
C ALA A 66 58.33 -1.60 44.77
N ILE A 67 57.37 -2.52 44.78
CA ILE A 67 56.89 -3.07 46.03
C ILE A 67 57.06 -4.59 45.96
N ALA A 68 58.25 -5.05 46.35
CA ALA A 68 58.58 -6.46 46.32
C ALA A 68 59.41 -6.90 47.52
N ARG A 69 59.75 -5.97 48.41
CA ARG A 69 60.55 -6.28 49.58
C ARG A 69 59.83 -6.05 50.91
N GLY A 70 58.80 -5.21 50.94
CA GLY A 70 58.09 -4.97 52.17
C GLY A 70 57.12 -6.09 52.51
N CYS A 71 56.85 -6.24 53.80
CA CYS A 71 55.89 -7.20 54.30
C CYS A 71 54.56 -6.49 54.56
N TYR A 72 53.46 -7.21 54.39
CA TYR A 72 52.15 -6.59 54.47
C TYR A 72 51.13 -7.57 55.03
N SER A 73 50.02 -7.03 55.53
CA SER A 73 48.90 -7.88 55.93
C SER A 73 48.22 -8.51 54.72
N SER A 74 48.08 -7.75 53.64
CA SER A 74 47.45 -8.25 52.43
C SER A 74 47.94 -7.43 51.24
N LEU A 75 47.74 -7.98 50.04
CA LEU A 75 48.11 -7.32 48.80
C LEU A 75 46.90 -7.32 47.88
N THR A 76 46.67 -6.19 47.22
CA THR A 76 45.49 -6.00 46.39
C THR A 76 45.89 -5.65 44.97
N VAL A 77 45.23 -6.29 44.00
CA VAL A 77 45.44 -6.04 42.58
C VAL A 77 44.12 -5.64 41.95
N ASP A 78 44.17 -4.61 41.11
CA ASP A 78 42.98 -4.06 40.46
C ASP A 78 43.22 -4.02 38.95
N TYR A 79 43.66 -5.15 38.41
CA TYR A 79 44.04 -5.20 37.00
C TYR A 79 42.85 -4.96 36.07
N PHE A 80 43.11 -4.25 34.98
CA PHE A 80 42.14 -4.07 33.91
C PHE A 80 42.89 -3.88 32.60
N ALA A 81 42.18 -4.06 31.49
CA ALA A 81 42.74 -3.86 30.15
C ALA A 81 42.47 -2.42 29.72
N TYR A 82 43.54 -1.66 29.52
CA TYR A 82 43.38 -0.25 29.18
C TYR A 82 44.31 0.15 28.05
N PRO A 83 43.83 1.01 27.11
CA PRO A 83 44.69 1.53 26.03
C PRO A 83 45.75 2.49 26.59
N LEU A 84 46.96 2.48 26.04
CA LEU A 84 48.05 3.32 26.61
C LEU A 84 47.76 4.77 26.27
N SER A 85 46.84 4.99 25.33
CA SER A 85 46.49 6.35 24.88
C SER A 85 45.94 7.15 26.05
N MET A 86 45.19 6.51 26.94
CA MET A 86 44.47 7.27 27.98
C MET A 86 45.17 7.24 29.34
N LYS A 87 46.48 7.07 29.39
CA LYS A 87 47.15 6.93 30.71
C LYS A 87 46.91 8.17 31.57
N SER A 88 46.88 9.36 30.97
CA SER A 88 46.78 10.63 31.75
C SER A 88 45.52 10.70 32.62
N TYR A 89 44.38 10.21 32.13
CA TYR A 89 43.13 10.39 32.90
C TYR A 89 43.27 9.71 34.27
N MET A 90 43.91 8.55 34.34
CA MET A 90 44.01 7.81 35.63
C MET A 90 45.20 8.30 36.45
N GLN A 91 46.00 9.22 35.93
CA GLN A 91 47.10 9.81 36.73
C GLN A 91 46.44 10.62 37.85
N PRO A 92 47.12 10.92 38.97
CA PRO A 92 46.45 11.57 40.09
C PRO A 92 45.98 12.98 39.71
N GLY A 93 45.04 13.53 40.49
CA GLY A 93 44.55 14.89 40.23
C GLY A 93 43.93 15.05 38.86
N SER A 94 42.98 14.18 38.51
CA SER A 94 42.26 14.32 37.22
C SER A 94 40.76 14.32 37.50
N ALA A 95 39.95 14.97 36.66
CA ALA A 95 38.49 14.91 36.88
C ALA A 95 37.83 14.45 35.59
N GLY A 96 38.47 13.56 34.84
CA GLY A 96 37.92 13.05 33.62
C GLY A 96 36.79 12.06 33.86
N VAL A 97 36.29 11.50 32.75
CA VAL A 97 35.20 10.53 32.84
C VAL A 97 35.69 9.25 33.52
N ILE A 98 36.94 8.87 33.29
CA ILE A 98 37.46 7.63 33.87
C ILE A 98 37.49 7.72 35.39
N SER A 99 38.00 8.82 35.93
CA SER A 99 38.14 9.00 37.36
C SER A 99 36.83 9.37 38.04
N GLN A 100 35.77 9.65 37.28
CA GLN A 100 34.48 10.02 37.83
C GLN A 100 33.51 8.84 37.82
N TYR A 101 33.35 8.17 36.68
CA TYR A 101 32.36 7.11 36.55
C TYR A 101 32.97 5.72 36.40
N ASN A 102 34.26 5.61 36.04
CA ASN A 102 34.84 4.31 35.75
C ASN A 102 35.66 3.87 36.95
N TYR A 103 36.68 4.62 37.35
CA TYR A 103 37.55 4.19 38.46
C TYR A 103 38.43 5.35 38.88
N LYS A 104 38.56 5.53 40.20
CA LYS A 104 39.49 6.49 40.77
C LYS A 104 40.41 5.77 41.73
N GLN A 105 41.70 6.08 41.67
CA GLN A 105 42.67 5.45 42.54
C GLN A 105 42.47 5.91 43.98
N SER A 106 42.73 4.98 44.91
CA SER A 106 42.49 5.22 46.34
C SER A 106 43.79 5.68 46.98
N PHE A 107 44.02 7.00 46.96
CA PHE A 107 45.23 7.57 47.55
C PHE A 107 45.17 7.67 49.06
N ALA A 108 44.02 7.37 49.67
CA ALA A 108 43.93 7.43 51.13
C ALA A 108 44.78 6.36 51.79
N ASN A 109 44.99 5.24 51.09
CA ASN A 109 45.73 4.10 51.60
C ASN A 109 46.92 3.80 50.68
N PRO A 110 47.95 3.12 51.20
CA PRO A 110 49.12 2.84 50.37
C PRO A 110 48.77 1.99 49.15
N THR A 111 49.02 2.55 47.97
CA THR A 111 48.79 1.89 46.70
C THR A 111 49.63 2.61 45.64
N CYS A 112 49.63 2.09 44.41
CA CYS A 112 50.32 2.80 43.34
C CYS A 112 49.81 2.28 42.00
N ARG A 113 50.46 2.76 40.93
CA ARG A 113 49.97 2.58 39.57
C ARG A 113 51.00 1.87 38.73
N ILE A 114 50.55 0.94 37.88
CA ILE A 114 51.41 0.15 37.00
C ILE A 114 50.72 0.01 35.64
N PHE A 115 51.50 0.14 34.57
CA PHE A 115 51.00 -0.05 33.21
C PHE A 115 51.89 -1.07 32.50
N ALA A 116 51.31 -1.83 31.59
CA ALA A 116 52.06 -2.78 30.77
C ALA A 116 51.27 -3.07 29.50
N THR A 117 51.88 -3.85 28.61
CA THR A 117 51.24 -4.33 27.40
C THR A 117 51.64 -5.77 27.16
N ALA A 118 50.86 -6.45 26.31
CA ALA A 118 50.97 -7.89 26.15
C ALA A 118 51.17 -8.26 24.68
N PRO A 119 52.26 -8.95 24.34
CA PRO A 119 52.43 -9.42 22.95
C PRO A 119 51.76 -10.76 22.70
N ALA A 120 51.92 -11.30 21.49
CA ALA A 120 51.33 -12.59 21.17
C ALA A 120 52.03 -13.73 21.89
N ASN A 121 53.25 -13.50 22.39
CA ASN A 121 53.98 -14.55 23.08
C ASN A 121 53.26 -15.01 24.34
N LEU A 122 52.44 -14.12 24.93
CA LEU A 122 51.75 -14.45 26.16
C LEU A 122 50.51 -15.30 25.87
N THR A 123 50.02 -15.97 26.91
CA THR A 123 48.84 -16.82 26.80
C THR A 123 47.54 -16.05 27.00
N ILE A 124 47.61 -14.73 27.12
CA ILE A 124 46.42 -13.93 27.40
C ILE A 124 45.57 -13.81 26.14
N THR A 125 44.25 -13.74 26.33
CA THR A 125 43.30 -13.59 25.25
C THR A 125 42.77 -12.17 25.23
N LYS A 126 42.78 -11.55 24.05
CA LYS A 126 42.32 -10.18 23.94
C LYS A 126 40.79 -10.13 24.03
N PRO A 127 40.24 -9.07 24.61
CA PRO A 127 38.78 -8.90 24.62
C PRO A 127 38.28 -8.48 23.25
N SER A 128 36.97 -8.30 23.16
CA SER A 128 36.38 -7.79 21.91
C SER A 128 36.86 -6.37 21.63
N SER A 129 36.85 -5.51 22.65
CA SER A 129 37.28 -4.13 22.51
C SER A 129 37.40 -3.50 23.88
N TYR A 130 38.12 -2.38 23.96
CA TYR A 130 38.23 -1.63 25.19
C TYR A 130 36.96 -0.80 25.40
N SER A 131 36.49 -0.75 26.64
CA SER A 131 35.26 -0.05 26.98
C SER A 131 35.45 0.77 28.24
N PHE A 132 34.67 1.84 28.35
CA PHE A 132 34.61 2.61 29.58
C PHE A 132 33.29 3.38 29.62
N ILE A 133 32.90 3.77 30.84
CA ILE A 133 31.62 4.44 31.09
C ILE A 133 31.80 5.93 30.84
N SER A 134 30.86 6.52 30.11
CA SER A 134 30.94 7.94 29.77
C SER A 134 30.01 8.80 30.61
N LYS A 135 28.78 8.35 30.82
CA LYS A 135 27.77 9.13 31.53
C LYS A 135 26.98 8.20 32.44
N CYS A 136 27.05 8.46 33.75
CA CYS A 136 26.28 7.71 34.74
C CYS A 136 25.54 8.74 35.59
N SER A 137 24.25 8.91 35.34
CA SER A 137 23.48 10.02 35.87
C SER A 137 22.27 9.54 36.63
N ARG A 138 21.71 10.42 37.47
CA ARG A 138 20.50 10.17 38.23
C ARG A 138 19.45 11.19 37.80
N LEU A 139 18.42 10.72 37.11
CA LEU A 139 17.35 11.62 36.69
C LEU A 139 16.27 11.68 37.76
N THR A 140 16.01 12.90 38.26
CA THR A 140 15.03 13.09 39.30
C THR A 140 14.07 14.20 38.89
N GLY A 141 13.10 14.50 39.72
CA GLY A 141 12.20 15.61 39.41
C GLY A 141 11.09 15.19 38.49
N ASP A 142 10.01 15.97 38.44
CA ASP A 142 8.92 15.69 37.48
C ASP A 142 9.52 15.93 36.10
N ASN A 143 9.16 15.14 35.10
CA ASN A 143 9.69 15.30 33.71
C ASN A 143 11.11 14.71 33.67
N SER A 144 11.56 14.11 34.78
CA SER A 144 12.90 13.49 34.85
C SER A 144 13.90 14.50 34.31
N HIS A 145 13.96 15.69 34.91
CA HIS A 145 14.78 16.78 34.32
C HIS A 145 16.09 16.97 35.04
N ILE A 146 16.15 16.89 36.36
CA ILE A 146 17.46 17.16 37.01
C ILE A 146 18.36 15.99 36.71
N GLU A 147 19.58 16.23 36.22
CA GLU A 147 20.54 15.15 35.99
C GLU A 147 21.67 15.36 37.00
N THR A 148 21.83 14.45 37.95
CA THR A 148 22.82 14.63 39.04
C THR A 148 23.90 13.54 38.95
N PRO A 149 25.08 13.78 38.35
CA PRO A 149 26.08 12.72 38.15
C PRO A 149 26.39 11.98 39.44
N ILE A 150 26.61 10.68 39.33
CA ILE A 150 27.01 9.84 40.46
C ILE A 150 28.52 9.63 40.32
N VAL A 151 29.28 10.42 41.08
CA VAL A 151 30.71 10.18 41.20
C VAL A 151 30.88 8.92 42.05
N ILE A 152 32.05 8.29 41.97
CA ILE A 152 32.31 7.04 42.67
C ILE A 152 33.44 7.26 43.67
N ASN A 153 33.25 6.76 44.89
CA ASN A 153 34.29 6.83 45.89
C ASN A 153 35.45 5.93 45.46
N PRO A 154 36.68 6.26 45.89
CA PRO A 154 37.84 5.45 45.47
C PRO A 154 37.70 4.01 45.92
N GLY A 155 38.03 3.09 45.02
CA GLY A 155 37.99 1.67 45.31
C GLY A 155 36.63 1.02 45.22
N GLU A 156 35.61 1.73 44.75
CA GLU A 156 34.26 1.20 44.69
C GLU A 156 33.80 1.02 43.25
N TYR A 157 32.97 0.01 43.02
CA TYR A 157 32.37 -0.20 41.72
C TYR A 157 31.33 0.88 41.44
N SER A 158 31.25 1.30 40.18
CA SER A 158 30.22 2.24 39.79
C SER A 158 28.86 1.54 39.78
N ILE A 159 27.82 2.32 40.06
CA ILE A 159 26.47 1.78 40.02
C ILE A 159 26.07 1.41 38.60
N CYS A 160 26.69 2.03 37.60
CA CYS A 160 26.38 1.77 36.20
C CYS A 160 27.13 0.57 35.63
N LYS A 161 27.86 -0.16 36.48
CA LYS A 161 28.63 -1.30 36.01
C LYS A 161 27.74 -2.44 35.54
N ASN A 162 26.60 -2.65 36.22
CA ASN A 162 25.84 -3.89 36.06
C ASN A 162 25.07 -3.98 34.75
N PHE A 163 24.94 -2.89 33.98
CA PHE A 163 24.27 -3.00 32.68
C PHE A 163 25.07 -3.88 31.73
N ALA A 164 26.38 -3.72 31.70
CA ALA A 164 27.25 -4.50 30.81
C ALA A 164 28.52 -4.87 31.56
N PRO A 165 28.46 -5.89 32.42
CA PRO A 165 29.63 -6.22 33.24
C PRO A 165 30.80 -6.75 32.41
N ASN A 166 30.54 -7.68 31.49
CA ASN A 166 31.62 -8.25 30.68
C ASN A 166 32.26 -7.19 29.79
N GLY A 167 31.42 -6.37 29.15
CA GLY A 167 31.93 -5.31 28.30
C GLY A 167 30.80 -4.64 27.54
N PHE A 168 31.13 -3.49 26.96
CA PHE A 168 30.17 -2.72 26.18
C PHE A 168 30.24 -3.16 24.72
N SER A 169 29.08 -3.38 24.10
CA SER A 169 29.02 -3.82 22.69
C SER A 169 29.62 -2.76 21.77
N GLN A 170 28.95 -1.61 21.67
CA GLN A 170 29.39 -0.53 20.75
C GLN A 170 29.52 0.77 21.54
N ASP A 171 30.29 1.73 21.05
CA ASP A 171 30.35 3.06 21.72
C ASP A 171 28.95 3.68 21.62
N GLY A 172 28.52 4.46 22.62
CA GLY A 172 27.23 5.16 22.53
C GLY A 172 26.01 4.34 22.92
N ASP A 173 26.16 3.41 23.87
CA ASP A 173 25.03 2.57 24.34
C ASP A 173 24.20 3.31 25.40
N TYR A 174 22.90 3.54 25.14
CA TYR A 174 22.03 4.18 26.16
C TYR A 174 21.30 3.12 26.98
N PHE A 175 21.79 2.79 28.17
CA PHE A 175 21.09 1.84 29.07
C PHE A 175 20.20 2.64 30.02
N THR A 176 19.35 2.00 30.84
CA THR A 176 18.53 2.70 31.86
C THR A 176 18.09 1.70 32.94
N ARG A 177 17.73 2.17 34.13
CA ARG A 177 17.25 1.29 35.25
C ARG A 177 16.57 2.22 36.25
N GLN A 178 15.53 1.77 36.97
CA GLN A 178 14.94 2.67 37.99
C GLN A 178 15.49 2.27 39.37
N LEU A 179 16.23 3.17 40.00
CA LEU A 179 16.86 2.87 41.30
C LEU A 179 15.77 2.81 42.36
N SER A 180 15.95 1.98 43.39
CA SER A 180 14.92 1.81 44.44
C SER A 180 15.01 2.97 45.42
N GLN A 181 13.99 3.13 46.26
CA GLN A 181 14.01 4.20 47.25
C GLN A 181 15.27 4.13 48.13
N LEU A 182 15.87 2.95 48.23
CA LEU A 182 17.10 2.83 49.01
C LEU A 182 18.28 3.49 48.29
N GLU A 183 18.33 3.38 46.97
CA GLU A 183 19.46 3.94 46.22
C GLU A 183 19.39 5.46 46.16
N GLY A 184 18.21 6.03 46.32
CA GLY A 184 18.05 7.46 46.26
C GLY A 184 16.91 7.89 45.37
N GLY A 185 16.38 6.94 44.60
CA GLY A 185 15.27 7.21 43.71
C GLY A 185 15.71 7.82 42.40
N GLY A 186 14.79 7.81 41.43
CA GLY A 186 15.07 8.37 40.14
C GLY A 186 15.70 7.40 39.17
N ILE A 187 15.53 7.66 37.87
CA ILE A 187 16.09 6.79 36.86
C ILE A 187 17.61 6.90 36.86
N LEU A 188 18.28 5.81 36.49
CA LEU A 188 19.73 5.76 36.39
C LEU A 188 20.12 5.48 34.94
N VAL A 189 20.66 6.49 34.27
CA VAL A 189 21.04 6.36 32.86
C VAL A 189 22.55 6.14 32.80
N GLY A 190 22.96 5.06 32.13
CA GLY A 190 24.35 4.74 31.94
C GLY A 190 24.71 4.73 30.46
N VAL A 191 25.82 5.38 30.13
CA VAL A 191 26.32 5.41 28.77
C VAL A 191 27.76 4.90 28.77
N GLY A 192 28.07 4.06 27.80
CA GLY A 192 29.39 3.50 27.68
C GLY A 192 30.06 3.91 26.38
N SER A 193 31.39 3.93 26.41
CA SER A 193 32.19 4.26 25.25
C SER A 193 33.12 3.09 24.93
N VAL A 194 33.28 2.81 23.64
CA VAL A 194 34.08 1.70 23.16
C VAL A 194 35.18 2.23 22.27
N THR A 195 36.41 2.12 22.73
CA THR A 195 37.58 2.37 21.89
C THR A 195 37.79 1.18 20.96
N PRO A 196 37.98 1.41 19.66
CA PRO A 196 38.24 0.28 18.75
C PRO A 196 39.50 -0.46 19.17
N MET A 197 39.43 -1.80 19.06
CA MET A 197 40.45 -2.65 19.65
C MET A 197 41.81 -2.41 19.00
N THR A 198 42.84 -2.26 19.84
CA THR A 198 44.19 -2.05 19.35
C THR A 198 44.75 -3.34 18.76
N ASP A 199 45.80 -3.18 17.94
CA ASP A 199 46.45 -4.33 17.33
C ASP A 199 47.10 -5.21 18.39
N THR A 200 47.66 -4.59 19.43
CA THR A 200 48.34 -5.30 20.51
C THR A 200 47.57 -5.08 21.81
N LEU A 201 47.52 -6.12 22.65
CA LEU A 201 46.78 -6.05 23.89
C LEU A 201 47.59 -5.34 24.97
N GLN A 202 46.89 -4.67 25.88
CA GLN A 202 47.53 -3.89 26.95
C GLN A 202 46.82 -4.17 28.26
N MET A 203 47.57 -4.12 29.36
CA MET A 203 47.03 -4.36 30.70
C MET A 203 47.47 -3.25 31.64
N GLY A 204 46.56 -2.82 32.50
CA GLY A 204 46.85 -1.82 33.52
C GLY A 204 46.54 -2.38 34.91
N PHE A 205 47.50 -2.23 35.82
CA PHE A 205 47.40 -2.76 37.17
C PHE A 205 47.51 -1.62 38.18
N ILE A 206 46.67 -1.67 39.20
CA ILE A 206 46.76 -0.77 40.35
C ILE A 206 46.87 -1.64 41.59
N ILE A 207 48.04 -1.63 42.22
CA ILE A 207 48.36 -2.54 43.32
C ILE A 207 48.27 -1.77 44.62
N SER A 208 47.48 -2.30 45.57
CA SER A 208 47.30 -1.70 46.88
C SER A 208 47.94 -2.59 47.93
N VAL A 209 48.71 -1.98 48.83
CA VAL A 209 49.40 -2.68 49.90
C VAL A 209 48.92 -2.12 51.24
N GLN A 210 48.68 -3.02 52.20
CA GLN A 210 48.16 -2.64 53.49
C GLN A 210 49.04 -3.20 54.59
N TYR A 211 49.42 -2.35 55.54
CA TYR A 211 50.27 -2.74 56.66
C TYR A 211 49.42 -3.30 57.79
N GLY A 212 49.84 -4.44 58.32
CA GLY A 212 49.18 -5.02 59.47
C GLY A 212 49.91 -4.72 60.76
N THR A 213 49.23 -4.06 61.71
CA THR A 213 49.87 -3.72 62.97
C THR A 213 50.28 -4.97 63.75
N ASP A 214 49.41 -5.97 63.77
CA ASP A 214 49.69 -7.25 64.42
C ASP A 214 49.40 -8.44 63.52
N THR A 215 49.11 -8.21 62.24
CA THR A 215 48.76 -9.26 61.30
C THR A 215 49.62 -9.16 60.04
N ASN A 216 50.90 -8.85 60.21
CA ASN A 216 51.83 -8.73 59.08
C ASN A 216 52.30 -10.13 58.68
N SER A 217 51.57 -10.71 57.74
CA SER A 217 51.80 -12.09 57.29
C SER A 217 52.41 -12.18 55.90
N VAL A 218 51.84 -11.47 54.92
CA VAL A 218 52.34 -11.56 53.55
C VAL A 218 53.73 -10.95 53.49
N CYS A 219 54.69 -11.73 53.00
CA CYS A 219 56.08 -11.32 52.96
C CYS A 219 56.69 -11.81 51.65
N PRO A 220 57.76 -11.17 51.18
CA PRO A 220 58.41 -11.61 49.94
C PRO A 220 59.22 -12.88 50.15
N MET A 221 59.46 -13.58 49.04
CA MET A 221 60.27 -14.79 49.03
C MET A 221 61.75 -14.47 49.20
N ARG B 1 -14.63 42.21 -21.23
CA ARG B 1 -13.31 41.71 -20.88
C ARG B 1 -13.33 40.19 -20.67
N LYS B 2 -12.14 39.61 -20.50
CA LYS B 2 -12.03 38.18 -20.26
C LYS B 2 -12.31 37.86 -18.80
N THR B 3 -12.05 36.62 -18.41
CA THR B 3 -12.06 36.19 -17.01
C THR B 3 -10.88 35.26 -16.81
N TYR B 4 -10.79 34.69 -15.61
CA TYR B 4 -9.78 33.67 -15.34
C TYR B 4 -10.39 32.29 -15.57
N THR B 5 -9.99 31.66 -16.66
CA THR B 5 -10.60 30.41 -17.11
C THR B 5 -9.76 29.24 -16.61
N LEU B 6 -10.36 28.06 -16.59
CA LEU B 6 -9.60 26.86 -16.25
C LEU B 6 -8.43 26.64 -17.18
N THR B 7 -8.54 27.06 -18.44
CA THR B 7 -7.41 27.00 -19.36
C THR B 7 -6.31 27.96 -18.92
N ASP B 8 -6.67 29.17 -18.50
CA ASP B 8 -5.72 30.15 -17.99
C ASP B 8 -5.04 29.69 -16.72
N TYR B 9 -5.55 28.67 -16.04
CA TYR B 9 -4.95 28.16 -14.82
C TYR B 9 -4.15 26.90 -15.04
N LEU B 10 -4.71 25.92 -15.77
CA LEU B 10 -4.02 24.66 -15.98
C LEU B 10 -2.87 24.81 -16.97
N LYS B 11 -2.85 25.89 -17.75
CA LYS B 11 -1.82 26.11 -18.76
C LYS B 11 -0.86 27.23 -18.39
N ASN B 12 -1.03 27.84 -17.22
CA ASN B 12 -0.17 28.95 -16.77
C ASN B 12 -0.10 30.06 -17.81
N THR B 13 -1.27 30.50 -18.28
CA THR B 13 -1.30 31.61 -19.24
C THR B 13 -0.77 32.89 -18.61
N TYR B 14 -1.10 33.14 -17.35
CA TYR B 14 -0.64 34.31 -16.63
C TYR B 14 0.40 33.88 -15.60
N ARG B 15 1.66 34.21 -15.86
CA ARG B 15 2.79 33.66 -15.11
C ARG B 15 3.51 34.77 -14.36
N LEU B 16 3.66 34.57 -13.05
CA LEU B 16 4.34 35.52 -12.18
C LEU B 16 5.84 35.33 -12.29
N LYS B 17 6.55 36.38 -12.67
CA LYS B 17 7.99 36.35 -12.74
C LYS B 17 8.61 36.42 -11.36
N LEU B 18 9.70 35.69 -11.19
CA LEU B 18 10.47 35.68 -9.95
C LEU B 18 11.82 36.34 -10.19
N TYR B 19 12.51 36.64 -9.09
CA TYR B 19 13.89 37.10 -9.13
C TYR B 19 14.64 36.32 -8.06
N SER B 20 15.13 35.14 -8.43
CA SER B 20 15.87 34.30 -7.50
C SER B 20 17.36 34.52 -7.67
N LEU B 21 18.04 34.87 -6.57
CA LEU B 21 19.45 35.19 -6.61
C LEU B 21 20.19 34.42 -5.53
N ARG B 22 21.51 34.33 -5.69
CA ARG B 22 22.37 33.63 -4.75
C ARG B 22 23.48 34.56 -4.30
N TRP B 23 23.53 34.88 -3.01
CA TRP B 23 24.55 35.75 -2.46
C TRP B 23 25.84 34.96 -2.33
N ILE B 24 26.80 35.23 -3.20
CA ILE B 24 28.07 34.52 -3.15
C ILE B 24 29.07 35.25 -2.26
N SER B 25 28.90 36.55 -2.10
CA SER B 25 29.79 37.35 -1.28
C SER B 25 28.97 38.46 -0.64
N ASP B 26 29.66 39.33 0.11
CA ASP B 26 28.95 40.34 0.88
C ASP B 26 28.31 41.41 0.00
N HIS B 27 28.70 41.49 -1.27
CA HIS B 27 28.17 42.51 -2.16
C HIS B 27 27.86 42.04 -3.58
N GLU B 28 27.95 40.75 -3.87
CA GLU B 28 27.68 40.24 -5.21
C GLU B 28 26.78 39.03 -5.16
N TYR B 29 25.95 38.87 -6.19
CA TYR B 29 25.04 37.75 -6.30
C TYR B 29 24.95 37.28 -7.73
N LEU B 30 24.52 36.02 -7.90
CA LEU B 30 24.44 35.36 -9.21
C LEU B 30 22.98 35.23 -9.63
N TYR B 31 22.53 36.13 -10.49
CA TYR B 31 21.25 35.93 -11.16
C TYR B 31 21.46 35.01 -12.37
N LYS B 32 20.36 34.65 -13.02
CA LYS B 32 20.39 33.76 -14.18
C LYS B 32 19.41 34.28 -15.24
N GLN B 33 19.95 34.98 -16.22
CA GLN B 33 19.17 35.35 -17.39
C GLN B 33 19.07 34.14 -18.33
N GLU B 34 18.72 34.42 -19.59
CA GLU B 34 18.12 33.47 -20.55
C GLU B 34 18.67 32.06 -20.28
N ASN B 35 20.00 31.86 -20.32
CA ASN B 35 20.62 30.69 -19.71
C ASN B 35 21.96 31.06 -19.08
N ASN B 36 22.22 32.36 -18.94
CA ASN B 36 23.54 32.87 -18.59
C ASN B 36 23.58 33.16 -17.09
N ILE B 37 24.55 32.56 -16.41
CA ILE B 37 24.78 32.87 -15.00
C ILE B 37 25.56 34.18 -14.96
N LEU B 38 24.90 35.26 -14.56
CA LEU B 38 25.50 36.57 -14.50
C LEU B 38 25.75 36.96 -13.05
N VAL B 39 26.96 37.43 -12.76
CA VAL B 39 27.32 37.90 -11.43
C VAL B 39 27.04 39.40 -11.37
N PHE B 40 26.21 39.80 -10.43
CA PHE B 40 25.80 41.19 -10.27
C PHE B 40 26.55 41.81 -9.10
N ASN B 41 26.78 43.12 -9.18
CA ASN B 41 27.35 43.88 -8.09
C ASN B 41 26.22 44.64 -7.41
N ALA B 42 25.98 44.35 -6.13
CA ALA B 42 24.78 44.82 -5.47
C ALA B 42 24.70 46.34 -5.43
N GLU B 43 25.83 47.00 -5.15
CA GLU B 43 25.81 48.44 -4.93
C GLU B 43 25.53 49.19 -6.23
N TYR B 44 25.99 48.67 -7.37
CA TYR B 44 25.86 49.36 -8.65
C TYR B 44 25.00 48.62 -9.67
N GLY B 45 25.00 47.30 -9.65
CA GLY B 45 24.21 46.54 -10.61
C GLY B 45 24.69 46.66 -12.04
N ASN B 46 25.87 46.13 -12.33
CA ASN B 46 26.45 46.23 -13.67
C ASN B 46 26.71 44.88 -14.32
N SER B 47 26.54 43.77 -13.61
CA SER B 47 26.26 42.48 -14.23
C SER B 47 27.30 41.98 -15.22
N SER B 48 28.51 41.66 -14.77
CA SER B 48 29.46 40.98 -15.64
C SER B 48 29.07 39.52 -15.74
N VAL B 49 29.59 38.85 -16.78
CA VAL B 49 29.22 37.48 -17.08
C VAL B 49 30.07 36.52 -16.24
N PHE B 50 29.44 35.44 -15.79
CA PHE B 50 30.13 34.37 -15.06
C PHE B 50 30.27 33.11 -15.91
N LEU B 51 29.21 32.71 -16.61
CA LEU B 51 29.23 31.54 -17.47
C LEU B 51 28.27 31.77 -18.62
N GLU B 52 28.78 31.65 -19.85
CA GLU B 52 28.05 32.00 -21.06
C GLU B 52 26.97 30.96 -21.33
N ASN B 53 26.09 31.21 -22.32
CA ASN B 53 24.94 30.33 -22.46
C ASN B 53 25.36 28.99 -23.07
N SER B 54 26.59 28.90 -23.56
CA SER B 54 27.05 27.72 -24.27
C SER B 54 27.22 26.55 -23.31
N THR B 55 26.11 25.93 -22.94
CA THR B 55 26.11 24.78 -22.03
C THR B 55 25.97 23.52 -22.86
N PHE B 56 27.10 23.07 -23.42
CA PHE B 56 27.26 21.75 -24.00
C PHE B 56 28.25 20.90 -23.22
N ASP B 57 28.32 21.13 -21.91
CA ASP B 57 29.27 20.47 -21.01
C ASP B 57 29.27 18.97 -21.20
N GLU B 58 28.10 18.35 -21.05
CA GLU B 58 27.99 16.92 -21.33
C GLU B 58 27.47 16.66 -22.74
N PHE B 59 27.12 17.72 -23.47
CA PHE B 59 26.67 17.63 -24.85
C PHE B 59 25.46 16.71 -24.97
N GLY B 60 24.34 17.13 -24.37
CA GLY B 60 23.10 16.38 -24.50
C GLY B 60 22.38 16.17 -23.18
N HIS B 61 23.14 15.89 -22.12
CA HIS B 61 22.54 15.82 -20.79
C HIS B 61 22.09 17.20 -20.36
N SER B 62 20.79 17.38 -20.22
CA SER B 62 20.26 18.65 -19.74
C SER B 62 20.67 18.87 -18.28
N ILE B 63 21.19 20.05 -18.00
CA ILE B 63 21.65 20.41 -16.67
C ILE B 63 20.44 20.78 -15.83
N ASN B 64 20.07 19.91 -14.88
CA ASN B 64 18.92 20.17 -14.04
C ASN B 64 19.18 21.33 -13.08
N ASP B 65 20.38 21.39 -12.51
CA ASP B 65 20.71 22.41 -11.53
C ASP B 65 22.23 22.58 -11.50
N TYR B 66 22.67 23.68 -10.89
CA TYR B 66 24.09 23.97 -10.75
C TYR B 66 24.34 24.43 -9.32
N SER B 67 25.62 24.41 -8.93
CA SER B 67 26.00 24.84 -7.59
C SER B 67 27.45 25.35 -7.66
N ILE B 68 27.58 26.68 -7.75
CA ILE B 68 28.91 27.28 -7.81
C ILE B 68 29.65 27.00 -6.50
N SER B 69 30.95 26.73 -6.62
CA SER B 69 31.79 26.57 -5.46
C SER B 69 31.87 27.89 -4.69
N PRO B 70 32.01 27.83 -3.36
CA PRO B 70 32.11 29.08 -2.59
C PRO B 70 33.26 29.97 -3.02
N ASP B 71 34.42 29.38 -3.34
CA ASP B 71 35.53 30.21 -3.83
C ASP B 71 35.29 30.65 -5.27
N GLY B 72 34.43 29.94 -5.99
CA GLY B 72 34.08 30.29 -7.36
C GLY B 72 34.89 29.60 -8.42
N GLN B 73 35.76 28.67 -8.07
CA GLN B 73 36.64 28.01 -9.03
C GLN B 73 36.03 26.78 -9.67
N PHE B 74 34.89 26.31 -9.20
CA PHE B 74 34.26 25.13 -9.79
C PHE B 74 32.75 25.34 -9.84
N ILE B 75 32.11 24.57 -10.70
CA ILE B 75 30.65 24.51 -10.79
C ILE B 75 30.24 23.05 -10.83
N LEU B 76 29.20 22.71 -10.07
CA LEU B 76 28.67 21.35 -10.03
C LEU B 76 27.41 21.30 -10.89
N LEU B 77 27.39 20.38 -11.86
CA LEU B 77 26.27 20.25 -12.78
C LEU B 77 25.58 18.93 -12.53
N GLU B 78 24.26 18.97 -12.31
CA GLU B 78 23.48 17.77 -12.03
C GLU B 78 22.57 17.45 -13.21
N TYR B 79 22.34 16.16 -13.43
CA TYR B 79 21.49 15.69 -14.50
C TYR B 79 21.01 14.29 -14.15
N ASN B 80 20.21 13.70 -15.04
CA ASN B 80 19.60 12.39 -14.82
C ASN B 80 18.80 12.38 -13.51
N TYR B 81 17.96 13.40 -13.35
CA TYR B 81 17.25 13.63 -12.09
C TYR B 81 16.06 12.68 -11.98
N VAL B 82 16.05 11.88 -10.91
CA VAL B 82 14.96 10.96 -10.60
C VAL B 82 14.45 11.27 -9.21
N LYS B 83 13.18 11.63 -9.11
CA LYS B 83 12.57 12.00 -7.84
C LYS B 83 12.13 10.76 -7.05
N GLN B 84 12.27 10.83 -5.73
CA GLN B 84 11.81 9.76 -4.85
C GLN B 84 10.65 10.22 -3.97
N TRP B 85 10.85 11.24 -3.14
CA TRP B 85 9.80 11.79 -2.29
C TRP B 85 9.78 13.30 -2.47
N ARG B 86 9.08 14.02 -1.58
CA ARG B 86 8.97 15.47 -1.73
C ARG B 86 10.33 16.14 -1.75
N HIS B 87 11.29 15.65 -0.96
CA HIS B 87 12.60 16.28 -0.85
C HIS B 87 13.73 15.36 -1.31
N SER B 88 13.43 14.16 -1.80
CA SER B 88 14.43 13.16 -2.13
C SER B 88 14.57 13.02 -3.64
N TYR B 89 15.79 12.76 -4.08
CA TYR B 89 16.04 12.45 -5.49
C TYR B 89 17.43 11.86 -5.62
N THR B 90 17.69 11.27 -6.79
CA THR B 90 19.02 10.80 -7.15
C THR B 90 19.36 11.35 -8.53
N ALA B 91 20.59 11.83 -8.69
CA ALA B 91 21.01 12.43 -9.95
C ALA B 91 22.48 12.09 -10.19
N SER B 92 23.02 12.62 -11.27
CA SER B 92 24.42 12.43 -11.65
C SER B 92 25.08 13.79 -11.77
N TYR B 93 26.32 13.90 -11.26
CA TYR B 93 27.00 15.18 -11.17
C TYR B 93 28.33 15.14 -11.90
N ASP B 94 28.60 16.20 -12.66
CA ASP B 94 29.91 16.43 -13.28
C ASP B 94 30.39 17.82 -12.93
N ILE B 95 31.65 17.93 -12.59
CA ILE B 95 32.27 19.19 -12.18
C ILE B 95 32.88 19.85 -13.41
N TYR B 96 32.99 21.18 -13.38
CA TYR B 96 33.55 21.97 -14.47
C TYR B 96 34.34 23.13 -13.92
N ASP B 97 35.65 23.14 -14.15
CA ASP B 97 36.53 24.18 -13.65
C ASP B 97 36.20 25.51 -14.31
N LEU B 98 36.25 26.59 -13.54
CA LEU B 98 36.17 27.92 -14.14
C LEU B 98 37.52 28.61 -14.20
N ASN B 99 38.47 28.19 -13.36
CA ASN B 99 39.85 28.64 -13.53
C ASN B 99 40.39 28.19 -14.88
N LYS B 100 40.17 26.92 -15.21
CA LYS B 100 40.36 26.39 -16.55
C LYS B 100 39.04 26.50 -17.31
N ARG B 101 38.86 25.88 -18.46
CA ARG B 101 37.53 25.77 -19.06
C ARG B 101 37.29 24.33 -19.45
N GLN B 102 37.79 23.40 -18.63
CA GLN B 102 37.79 21.97 -18.93
C GLN B 102 36.88 21.25 -17.96
N LEU B 103 35.96 20.44 -18.48
CA LEU B 103 35.16 19.57 -17.64
C LEU B 103 36.02 18.48 -17.03
N ILE B 104 35.76 18.15 -15.76
CA ILE B 104 36.55 17.16 -15.06
C ILE B 104 36.10 15.77 -15.47
N THR B 105 37.04 14.95 -15.93
CA THR B 105 36.75 13.61 -16.41
C THR B 105 37.45 12.52 -15.59
N GLU B 106 38.05 12.89 -14.47
CA GLU B 106 38.76 11.93 -13.62
C GLU B 106 38.18 11.95 -12.21
N GLU B 107 38.00 10.76 -11.65
CA GLU B 107 37.44 10.58 -10.32
C GLU B 107 36.08 11.26 -10.21
N ARG B 108 35.14 10.77 -11.00
CA ARG B 108 33.83 11.40 -11.11
C ARG B 108 32.91 10.95 -9.99
N ILE B 109 31.84 11.72 -9.79
CA ILE B 109 30.79 11.37 -8.84
C ILE B 109 29.91 10.29 -9.44
N PRO B 110 29.65 9.18 -8.73
CA PRO B 110 28.92 8.07 -9.34
C PRO B 110 27.53 8.47 -9.82
N ASN B 111 26.96 7.62 -10.69
CA ASN B 111 25.77 8.00 -11.44
C ASN B 111 24.54 8.18 -10.56
N ASN B 112 24.35 7.32 -9.56
CA ASN B 112 23.11 7.35 -8.77
C ASN B 112 23.47 7.77 -7.34
N THR B 113 23.61 9.06 -7.13
CA THR B 113 24.02 9.61 -5.85
C THR B 113 22.90 10.46 -5.28
N GLN B 114 22.79 10.48 -3.95
CA GLN B 114 21.57 10.93 -3.31
C GLN B 114 21.64 12.41 -2.94
N TRP B 115 22.77 12.85 -2.39
CA TRP B 115 22.92 14.24 -1.97
C TRP B 115 24.37 14.64 -2.07
N VAL B 116 24.64 15.78 -2.70
CA VAL B 116 25.99 16.32 -2.86
C VAL B 116 25.98 17.76 -2.35
N THR B 117 26.99 18.12 -1.56
CA THR B 117 27.10 19.49 -1.06
C THR B 117 28.55 19.94 -1.01
N TRP B 118 28.75 21.25 -1.15
CA TRP B 118 30.05 21.90 -1.02
C TRP B 118 30.29 22.30 0.43
N SER B 119 31.55 22.58 0.74
CA SER B 119 31.87 23.14 2.05
C SER B 119 31.44 24.60 2.11
N PRO B 120 31.28 25.17 3.31
CA PRO B 120 30.88 26.58 3.38
C PRO B 120 31.89 27.52 2.76
N VAL B 121 33.17 27.21 2.87
CA VAL B 121 34.24 28.01 2.29
C VAL B 121 35.32 27.06 1.79
N GLY B 122 35.84 27.33 0.60
CA GLY B 122 36.74 26.42 -0.06
C GLY B 122 36.02 25.53 -1.04
N HIS B 123 36.70 24.46 -1.45
CA HIS B 123 36.18 23.51 -2.42
C HIS B 123 36.37 22.07 -1.91
N LYS B 124 35.41 21.61 -1.10
CA LYS B 124 35.31 20.22 -0.69
C LYS B 124 33.90 19.73 -1.01
N LEU B 125 33.79 18.50 -1.45
CA LEU B 125 32.49 17.88 -1.70
C LEU B 125 32.28 16.73 -0.74
N ALA B 126 31.07 16.65 -0.18
CA ALA B 126 30.60 15.49 0.55
C ALA B 126 29.34 14.99 -0.14
N TYR B 127 29.32 13.71 -0.51
CA TYR B 127 28.16 13.17 -1.19
C TYR B 127 27.77 11.84 -0.55
N VAL B 128 26.48 11.53 -0.65
CA VAL B 128 25.92 10.29 -0.12
C VAL B 128 25.57 9.40 -1.30
N TRP B 129 26.28 8.29 -1.43
CA TRP B 129 26.05 7.32 -2.50
C TRP B 129 25.81 5.96 -1.88
N ASN B 130 24.62 5.39 -2.14
CA ASN B 130 24.22 4.10 -1.58
C ASN B 130 24.25 4.11 -0.05
N ASN B 131 23.64 5.15 0.53
CA ASN B 131 23.57 5.32 1.99
C ASN B 131 24.94 5.34 2.64
N ASP B 132 25.92 5.98 2.00
CA ASP B 132 27.26 6.09 2.53
C ASP B 132 27.83 7.45 2.15
N ILE B 133 28.76 7.94 2.95
CA ILE B 133 29.24 9.31 2.86
C ILE B 133 30.69 9.31 2.37
N TYR B 134 30.96 10.12 1.35
CA TYR B 134 32.29 10.25 0.77
C TYR B 134 32.70 11.72 0.77
N VAL B 135 34.01 11.96 0.84
CA VAL B 135 34.57 13.31 0.84
C VAL B 135 35.63 13.41 -0.25
N LYS B 136 35.56 14.49 -1.03
CA LYS B 136 36.58 14.83 -2.02
C LYS B 136 37.20 16.15 -1.62
N ILE B 137 38.42 16.09 -1.08
CA ILE B 137 39.11 17.33 -0.72
C ILE B 137 39.42 18.15 -1.95
N GLU B 138 39.76 17.50 -3.07
CA GLU B 138 39.93 18.16 -4.35
C GLU B 138 38.98 17.54 -5.36
N PRO B 139 38.34 18.35 -6.21
CA PRO B 139 37.38 17.79 -7.17
C PRO B 139 37.99 16.77 -8.11
N ASN B 140 39.22 17.00 -8.57
CA ASN B 140 39.94 16.03 -9.39
C ASN B 140 40.88 15.18 -8.55
N LEU B 141 40.32 14.43 -7.61
CA LEU B 141 41.10 13.61 -6.69
C LEU B 141 40.20 12.50 -6.15
N PRO B 142 40.74 11.31 -5.93
CA PRO B 142 39.89 10.18 -5.49
C PRO B 142 39.26 10.45 -4.13
N SER B 143 38.05 9.90 -3.96
CA SER B 143 37.25 10.15 -2.78
C SER B 143 37.76 9.37 -1.58
N TYR B 144 37.34 9.80 -0.39
CA TYR B 144 37.56 9.08 0.85
C TYR B 144 36.22 8.59 1.38
N ARG B 145 36.23 7.41 1.98
CA ARG B 145 35.02 6.81 2.52
C ARG B 145 35.00 6.97 4.03
N ILE B 146 33.85 7.38 4.56
CA ILE B 146 33.66 7.57 5.99
C ILE B 146 32.82 6.47 6.62
N THR B 147 31.68 6.16 6.01
CA THR B 147 30.73 5.19 6.55
C THR B 147 30.76 3.94 5.68
N TRP B 148 30.89 2.79 6.32
CA TRP B 148 30.83 1.49 5.64
C TRP B 148 29.58 0.71 6.00
N THR B 149 28.69 1.27 6.82
CA THR B 149 27.58 0.54 7.40
C THR B 149 26.22 0.99 6.86
N GLY B 150 26.17 1.32 5.57
CA GLY B 150 24.93 1.78 4.96
C GLY B 150 24.27 0.68 4.14
N LYS B 151 22.99 0.46 4.42
CA LYS B 151 22.18 -0.52 3.70
C LYS B 151 20.90 0.14 3.24
N GLU B 152 20.40 -0.30 2.08
CA GLU B 152 19.18 0.28 1.54
C GLU B 152 17.99 -0.10 2.43
N ASP B 153 17.17 0.89 2.75
CA ASP B 153 15.94 0.77 3.53
C ASP B 153 16.16 0.35 4.97
N ILE B 154 17.40 0.35 5.46
CA ILE B 154 17.66 -0.03 6.84
C ILE B 154 18.43 1.08 7.56
N ILE B 155 19.63 1.40 7.07
CA ILE B 155 20.51 2.36 7.71
C ILE B 155 20.85 3.47 6.73
N TYR B 156 20.62 4.71 7.13
CA TYR B 156 20.86 5.89 6.32
C TYR B 156 21.95 6.73 6.96
N ASN B 157 23.09 6.84 6.30
CA ASN B 157 24.21 7.67 6.77
C ASN B 157 24.21 8.96 5.97
N GLY B 158 23.91 10.07 6.62
CA GLY B 158 23.95 11.36 5.98
C GLY B 158 22.71 11.75 5.22
N ILE B 159 21.70 10.89 5.17
CA ILE B 159 20.42 11.18 4.55
C ILE B 159 19.32 10.72 5.49
N THR B 160 18.13 11.25 5.29
CA THR B 160 17.00 10.97 6.17
C THR B 160 16.05 9.96 5.52
N ASP B 161 15.50 9.09 6.36
CA ASP B 161 14.46 8.17 5.93
C ASP B 161 13.16 8.94 5.73
N TRP B 162 12.07 8.21 5.47
CA TRP B 162 10.82 8.88 5.11
C TRP B 162 10.34 9.80 6.22
N VAL B 163 10.37 9.33 7.47
CA VAL B 163 9.64 10.03 8.53
C VAL B 163 10.40 11.26 9.01
N TYR B 164 11.71 11.13 9.24
CA TYR B 164 12.51 12.32 9.58
C TYR B 164 12.51 13.34 8.45
N GLU B 165 12.67 12.89 7.21
CA GLU B 165 12.64 13.82 6.08
C GLU B 165 11.29 14.54 6.00
N GLU B 166 10.19 13.82 6.24
CA GLU B 166 8.88 14.43 6.10
C GLU B 166 8.59 15.41 7.22
N GLU B 167 8.85 15.03 8.48
CA GLU B 167 8.45 15.85 9.61
C GLU B 167 9.60 16.44 10.40
N VAL B 168 10.58 15.64 10.80
CA VAL B 168 11.54 16.13 11.78
C VAL B 168 12.47 17.16 11.18
N PHE B 169 12.93 16.95 9.94
CA PHE B 169 13.89 17.83 9.32
C PHE B 169 13.36 18.63 8.15
N SER B 170 12.36 18.13 7.43
CA SER B 170 11.87 18.74 6.19
C SER B 170 13.01 18.94 5.19
N ALA B 171 13.89 17.96 5.10
CA ALA B 171 14.99 17.97 4.15
C ALA B 171 15.55 16.57 4.02
N TYR B 172 16.16 16.29 2.88
CA TYR B 172 16.79 15.01 2.63
C TYR B 172 18.22 14.94 3.12
N SER B 173 18.80 16.06 3.55
CA SER B 173 20.19 16.12 3.95
C SER B 173 20.30 16.10 5.46
N ALA B 174 21.07 15.14 5.97
CA ALA B 174 21.37 15.04 7.39
C ALA B 174 22.87 15.13 7.63
N LEU B 175 23.57 15.86 6.76
CA LEU B 175 25.00 16.11 6.92
C LEU B 175 25.24 17.61 6.94
N TRP B 176 26.02 18.07 7.92
CA TRP B 176 26.21 19.48 8.21
C TRP B 176 27.69 19.81 8.25
N TRP B 177 28.06 20.95 7.68
CA TRP B 177 29.44 21.38 7.54
C TRP B 177 29.79 22.43 8.59
N SER B 178 31.01 22.38 9.09
CA SER B 178 31.49 23.39 10.02
C SER B 178 31.74 24.71 9.29
N PRO B 179 31.81 25.83 10.01
CA PRO B 179 32.07 27.12 9.33
C PRO B 179 33.35 27.14 8.50
N ASN B 180 34.45 26.55 8.98
CA ASN B 180 35.53 26.23 8.07
C ASN B 180 35.13 25.23 7.00
N GLY B 181 34.49 24.13 7.41
CA GLY B 181 34.55 22.88 6.69
C GLY B 181 35.53 21.90 7.29
N THR B 182 36.08 22.18 8.47
CA THR B 182 37.02 21.26 9.11
C THR B 182 36.34 19.97 9.52
N PHE B 183 35.22 20.06 10.22
CA PHE B 183 34.44 18.90 10.61
C PHE B 183 33.21 18.79 9.72
N LEU B 184 32.74 17.56 9.55
CA LEU B 184 31.48 17.29 8.89
C LEU B 184 30.64 16.45 9.85
N ALA B 185 29.43 16.92 10.14
CA ALA B 185 28.56 16.28 11.11
C ALA B 185 27.37 15.65 10.40
N TYR B 186 27.13 14.37 10.67
CA TYR B 186 26.07 13.63 10.01
C TYR B 186 25.32 12.79 11.03
N ALA B 187 24.12 12.36 10.64
CA ALA B 187 23.27 11.55 11.49
C ALA B 187 23.01 10.20 10.83
N GLN B 188 22.94 9.15 11.65
CA GLN B 188 22.66 7.80 11.20
C GLN B 188 21.30 7.36 11.72
N PHE B 189 20.43 6.92 10.81
CA PHE B 189 19.09 6.47 11.16
C PHE B 189 18.98 4.98 10.88
N ASN B 190 18.30 4.26 11.78
CA ASN B 190 18.25 2.81 11.75
C ASN B 190 16.79 2.37 11.70
N ASP B 191 16.38 1.80 10.56
CA ASP B 191 15.00 1.38 10.32
C ASP B 191 14.84 -0.13 10.34
N THR B 192 15.56 -0.81 11.23
CA THR B 192 15.52 -2.28 11.23
C THR B 192 14.13 -2.80 11.58
N GLU B 193 13.49 -2.22 12.60
CA GLU B 193 12.25 -2.76 13.13
C GLU B 193 11.03 -1.90 12.82
N VAL B 194 11.20 -0.81 12.09
CA VAL B 194 10.02 -0.02 11.70
C VAL B 194 9.23 -0.78 10.64
N PRO B 195 7.92 -0.92 10.79
CA PRO B 195 7.15 -1.73 9.83
C PRO B 195 7.06 -1.06 8.48
N LEU B 196 6.89 -1.87 7.44
CA LEU B 196 6.86 -1.37 6.07
C LEU B 196 5.42 -1.23 5.58
N ILE B 197 5.23 -0.30 4.65
CA ILE B 197 3.96 -0.12 3.96
C ILE B 197 4.13 -0.59 2.51
N GLU B 198 3.20 -1.41 2.05
CA GLU B 198 3.28 -2.00 0.72
C GLU B 198 2.08 -1.56 -0.11
N TYR B 199 2.35 -1.01 -1.29
CA TYR B 199 1.33 -0.69 -2.27
C TYR B 199 1.85 -1.04 -3.65
N SER B 200 0.97 -1.00 -4.64
CA SER B 200 1.26 -1.50 -5.98
C SER B 200 1.61 -0.34 -6.92
N PHE B 201 2.59 -0.59 -7.78
CA PHE B 201 3.01 0.35 -8.82
C PHE B 201 2.93 -0.36 -10.16
N TYR B 202 1.97 0.05 -11.00
CA TYR B 202 1.78 -0.58 -12.30
C TYR B 202 2.85 -0.15 -13.30
N SER B 203 3.20 1.13 -13.30
CA SER B 203 4.49 1.67 -13.79
C SER B 203 4.55 1.71 -15.31
N ASP B 204 3.66 1.04 -16.04
CA ASP B 204 3.60 1.16 -17.50
C ASP B 204 2.52 0.27 -18.07
N GLU B 205 2.17 0.54 -19.33
CA GLU B 205 1.34 -0.40 -20.07
C GLU B 205 2.12 -1.66 -20.41
N SER B 206 3.44 -1.58 -20.44
CA SER B 206 4.24 -2.72 -20.88
C SER B 206 4.55 -3.67 -19.73
N LEU B 207 4.62 -3.16 -18.50
CA LEU B 207 4.92 -4.01 -17.35
C LEU B 207 3.78 -5.01 -17.15
N GLN B 208 4.08 -6.29 -17.34
CA GLN B 208 3.07 -7.33 -17.26
C GLN B 208 2.59 -7.55 -15.83
N TYR B 209 3.50 -7.67 -14.89
CA TYR B 209 3.17 -7.90 -13.49
C TYR B 209 3.40 -6.63 -12.69
N PRO B 210 2.38 -6.06 -12.05
CA PRO B 210 2.57 -4.81 -11.30
C PRO B 210 3.56 -4.97 -10.16
N LYS B 211 4.37 -3.93 -9.93
CA LYS B 211 5.40 -3.92 -8.91
C LYS B 211 4.80 -3.54 -7.56
N THR B 212 5.47 -3.99 -6.49
CA THR B 212 5.07 -3.69 -5.12
C THR B 212 6.12 -2.78 -4.50
N VAL B 213 5.68 -1.63 -4.00
CA VAL B 213 6.58 -0.65 -3.41
C VAL B 213 6.52 -0.81 -1.89
N ARG B 214 7.67 -1.05 -1.27
CA ARG B 214 7.76 -1.29 0.17
C ARG B 214 8.58 -0.19 0.80
N VAL B 215 7.95 0.62 1.65
CA VAL B 215 8.58 1.78 2.28
C VAL B 215 8.55 1.61 3.79
N PRO B 216 9.65 1.88 4.50
CA PRO B 216 9.60 1.83 5.97
C PRO B 216 8.84 3.01 6.54
N TYR B 217 7.65 2.75 7.09
CA TYR B 217 6.71 3.78 7.50
C TYR B 217 6.17 3.47 8.88
N PRO B 218 6.53 4.23 9.91
CA PRO B 218 5.96 3.98 11.24
C PRO B 218 4.59 4.62 11.40
N LYS B 219 3.55 3.81 11.50
CA LYS B 219 2.23 4.34 11.77
C LYS B 219 2.07 4.63 13.26
N ALA B 220 1.06 5.43 13.59
CA ALA B 220 0.92 5.96 14.95
C ALA B 220 0.91 4.85 15.98
N GLY B 221 1.93 4.83 16.83
CA GLY B 221 2.05 3.86 17.89
C GLY B 221 3.00 2.72 17.60
N ALA B 222 3.56 2.65 16.40
CA ALA B 222 4.44 1.56 16.03
C ALA B 222 5.89 1.87 16.41
N VAL B 223 6.79 0.95 16.07
CA VAL B 223 8.21 1.14 16.33
C VAL B 223 8.71 2.33 15.51
N ASN B 224 9.73 3.00 16.02
CA ASN B 224 10.12 4.30 15.53
C ASN B 224 11.63 4.30 15.29
N PRO B 225 12.10 4.92 14.20
CA PRO B 225 13.54 4.85 13.89
C PRO B 225 14.41 5.48 14.97
N THR B 226 15.60 4.93 15.14
CA THR B 226 16.57 5.46 16.08
C THR B 226 17.51 6.44 15.36
N VAL B 227 18.25 7.21 16.15
CA VAL B 227 19.17 8.22 15.62
C VAL B 227 20.50 8.08 16.34
N LYS B 228 21.59 8.19 15.58
CA LYS B 228 22.93 8.35 16.12
C LYS B 228 23.56 9.54 15.43
N PHE B 229 24.29 10.36 16.19
CA PHE B 229 24.91 11.56 15.66
C PHE B 229 26.43 11.46 15.77
N PHE B 230 27.12 11.65 14.63
CA PHE B 230 28.58 11.56 14.57
C PHE B 230 29.15 12.83 13.97
N VAL B 231 30.40 13.11 14.30
CA VAL B 231 31.17 14.21 13.73
C VAL B 231 32.54 13.68 13.32
N VAL B 232 32.93 13.96 12.07
CA VAL B 232 34.18 13.46 11.50
C VAL B 232 35.06 14.65 11.12
N ASN B 233 36.35 14.53 11.41
CA ASN B 233 37.31 15.59 11.11
C ASN B 233 37.80 15.41 9.68
N THR B 234 37.38 16.32 8.79
CA THR B 234 37.73 16.24 7.38
C THR B 234 39.17 16.60 7.10
N ASP B 235 39.79 17.46 7.91
CA ASP B 235 41.15 17.92 7.68
C ASP B 235 42.19 16.82 7.90
N SER B 236 41.79 15.64 8.35
CA SER B 236 42.70 14.55 8.65
C SER B 236 42.28 13.27 7.96
N LEU B 237 41.99 13.35 6.65
CA LEU B 237 41.52 12.21 5.87
C LEU B 237 42.68 11.67 5.04
N SER B 238 42.83 10.35 5.04
CA SER B 238 43.90 9.69 4.31
C SER B 238 43.40 8.37 3.75
N SER B 239 44.10 7.88 2.73
CA SER B 239 43.71 6.63 2.09
C SER B 239 44.13 5.42 2.92
N VAL B 240 45.27 5.50 3.61
CA VAL B 240 45.82 4.34 4.30
C VAL B 240 44.98 3.93 5.51
N THR B 241 44.13 4.84 6.02
CA THR B 241 43.32 4.55 7.20
C THR B 241 41.88 4.97 6.94
N ASN B 242 40.95 4.04 7.20
CA ASN B 242 39.53 4.36 7.11
C ASN B 242 39.16 5.38 8.19
N ALA B 243 38.24 6.27 7.83
CA ALA B 243 37.97 7.46 8.62
C ALA B 243 37.34 7.12 9.97
N THR B 244 37.62 7.96 10.96
CA THR B 244 37.10 7.80 12.31
C THR B 244 36.09 8.91 12.61
N SER B 245 34.99 8.56 13.26
CA SER B 245 33.94 9.48 13.62
C SER B 245 33.76 9.49 15.12
N ILE B 246 33.43 10.66 15.67
CA ILE B 246 33.20 10.81 17.10
C ILE B 246 31.70 10.94 17.32
N GLN B 247 31.12 10.02 18.08
CA GLN B 247 29.69 10.02 18.32
C GLN B 247 29.35 10.94 19.48
N ILE B 248 28.20 11.61 19.36
CA ILE B 248 27.67 12.46 20.41
C ILE B 248 26.35 11.87 20.87
N THR B 249 26.25 11.51 22.14
CA THR B 249 25.05 10.89 22.67
C THR B 249 24.07 11.94 23.16
N ALA B 250 22.79 11.59 23.10
CA ALA B 250 21.74 12.49 23.56
C ALA B 250 21.84 12.66 25.07
N PRO B 251 21.32 13.77 25.60
CA PRO B 251 21.32 13.95 27.05
C PRO B 251 20.52 12.86 27.73
N ALA B 252 20.93 12.52 28.95
CA ALA B 252 20.31 11.37 29.62
C ALA B 252 18.84 11.61 29.91
N SER B 253 18.40 12.87 29.96
CA SER B 253 16.98 13.14 30.10
C SER B 253 16.20 12.71 28.87
N MET B 254 16.89 12.45 27.76
CA MET B 254 16.26 11.93 26.55
C MET B 254 16.44 10.42 26.41
N LEU B 255 17.42 9.85 27.11
CA LEU B 255 17.77 8.45 27.00
C LEU B 255 16.87 7.52 27.81
N ILE B 256 15.94 8.08 28.60
CA ILE B 256 15.05 7.25 29.40
C ILE B 256 13.91 6.67 28.59
N GLY B 257 13.73 7.11 27.35
CA GLY B 257 12.69 6.57 26.50
C GLY B 257 13.05 6.65 25.03
N ASP B 258 12.11 7.07 24.20
CA ASP B 258 12.34 7.30 22.79
C ASP B 258 12.48 8.81 22.55
N HIS B 259 13.34 9.17 21.59
CA HIS B 259 13.62 10.57 21.33
C HIS B 259 13.89 10.79 19.85
N TYR B 260 13.86 12.05 19.45
CA TYR B 260 14.20 12.47 18.10
C TYR B 260 15.43 13.36 18.14
N LEU B 261 15.87 13.78 16.96
CA LEU B 261 16.86 14.82 16.80
C LEU B 261 16.27 15.88 15.88
N CYS B 262 15.82 17.00 16.44
CA CYS B 262 15.02 17.93 15.66
C CYS B 262 15.82 19.07 15.05
N ASP B 263 17.04 19.32 15.52
CA ASP B 263 17.82 20.43 14.99
C ASP B 263 19.30 20.16 15.18
N VAL B 264 20.09 20.65 14.24
CA VAL B 264 21.54 20.70 14.36
C VAL B 264 22.00 22.06 13.86
N THR B 265 22.87 22.73 14.63
CA THR B 265 23.33 24.06 14.30
C THR B 265 24.72 24.25 14.87
N TRP B 266 25.58 24.91 14.11
CA TRP B 266 26.95 25.17 14.51
C TRP B 266 27.04 26.55 15.15
N ALA B 267 27.67 26.62 16.32
CA ALA B 267 27.79 27.88 17.03
C ALA B 267 29.09 28.58 16.70
N THR B 268 30.20 27.95 17.04
CA THR B 268 31.53 28.41 16.69
C THR B 268 32.10 27.39 15.70
N GLN B 269 33.36 27.54 15.31
CA GLN B 269 33.98 26.53 14.46
C GLN B 269 34.34 25.25 15.22
N GLU B 270 34.22 25.25 16.55
CA GLU B 270 34.50 24.08 17.37
C GLU B 270 33.34 23.73 18.30
N ARG B 271 32.15 24.29 18.07
CA ARG B 271 31.05 24.14 19.01
C ARG B 271 29.75 23.94 18.25
N ILE B 272 29.16 22.76 18.40
CA ILE B 272 27.93 22.38 17.71
C ILE B 272 26.80 22.34 18.74
N SER B 273 25.64 22.84 18.33
CA SER B 273 24.48 22.96 19.22
C SER B 273 23.40 21.99 18.75
N LEU B 274 23.35 20.82 19.37
CA LEU B 274 22.34 19.80 19.08
C LEU B 274 21.09 20.07 19.90
N GLN B 275 19.94 19.64 19.38
CA GLN B 275 18.66 19.94 20.01
C GLN B 275 17.71 18.79 19.79
N TRP B 276 17.34 18.11 20.87
CA TRP B 276 16.62 16.85 20.81
C TRP B 276 15.18 17.02 21.25
N LEU B 277 14.35 16.02 20.91
CA LEU B 277 12.94 16.01 21.25
C LEU B 277 12.57 14.65 21.82
N ARG B 278 11.86 14.66 22.95
CA ARG B 278 11.35 13.44 23.52
C ARG B 278 10.15 12.96 22.71
N ARG B 279 9.92 11.64 22.70
CA ARG B 279 8.89 11.09 21.83
C ARG B 279 7.52 11.67 22.14
N ILE B 280 7.19 11.82 23.42
CA ILE B 280 6.07 12.66 23.82
C ILE B 280 6.58 14.09 23.73
N GLN B 281 6.17 14.81 22.69
CA GLN B 281 6.82 16.06 22.30
C GLN B 281 6.34 17.21 23.19
N ASN B 282 6.42 16.97 24.50
CA ASN B 282 6.25 17.98 25.53
C ASN B 282 7.57 18.52 26.05
N TYR B 283 8.65 17.77 25.88
CA TYR B 283 9.95 18.06 26.45
C TYR B 283 10.99 18.14 25.35
N SER B 284 12.01 18.95 25.57
CA SER B 284 13.08 19.13 24.60
C SER B 284 14.31 19.66 25.31
N VAL B 285 15.47 19.13 24.93
CA VAL B 285 16.74 19.54 25.51
C VAL B 285 17.64 20.03 24.38
N MET B 286 18.22 21.21 24.56
CA MET B 286 19.20 21.76 23.63
C MET B 286 20.57 21.66 24.26
N ASP B 287 21.52 21.09 23.53
CA ASP B 287 22.81 20.72 24.08
C ASP B 287 23.91 21.42 23.31
N ILE B 288 24.72 22.21 24.02
CA ILE B 288 25.90 22.86 23.43
C ILE B 288 27.10 21.98 23.72
N CYS B 289 27.77 21.53 22.66
CA CYS B 289 28.89 20.61 22.79
C CYS B 289 30.16 21.24 22.22
N ASP B 290 31.26 21.11 22.96
CA ASP B 290 32.51 21.77 22.64
C ASP B 290 33.55 20.72 22.25
N TYR B 291 34.18 20.91 21.09
CA TYR B 291 35.26 20.04 20.69
C TYR B 291 36.46 20.22 21.61
N ASP B 292 36.99 19.09 22.10
CA ASP B 292 38.11 19.09 23.02
C ASP B 292 39.36 18.67 22.26
N GLU B 293 40.33 19.59 22.16
CA GLU B 293 41.52 19.32 21.36
C GLU B 293 42.33 18.17 21.95
N SER B 294 42.53 18.18 23.27
CA SER B 294 43.34 17.14 23.90
C SER B 294 42.66 15.78 23.80
N SER B 295 41.39 15.70 24.20
CA SER B 295 40.68 14.43 24.16
C SER B 295 40.41 13.98 22.73
N GLY B 296 40.18 14.93 21.82
CA GLY B 296 39.74 14.59 20.48
C GLY B 296 38.27 14.29 20.38
N ARG B 297 37.53 14.42 21.47
CA ARG B 297 36.09 14.12 21.52
C ARG B 297 35.31 15.41 21.63
N TRP B 298 33.99 15.26 21.77
CA TRP B 298 33.07 16.38 21.87
C TRP B 298 32.32 16.28 23.20
N ASN B 299 32.67 17.16 24.14
CA ASN B 299 32.12 17.13 25.48
C ASN B 299 30.84 17.95 25.53
N CYS B 300 29.73 17.29 25.84
CA CYS B 300 28.43 17.94 25.94
C CYS B 300 28.12 18.13 27.42
N LEU B 301 28.27 19.36 27.91
CA LEU B 301 28.19 19.64 29.34
C LEU B 301 26.75 19.71 29.81
N VAL B 302 26.57 19.48 31.11
CA VAL B 302 25.22 19.47 31.70
C VAL B 302 24.77 20.89 32.01
N ALA B 303 25.71 21.74 32.46
CA ALA B 303 25.34 23.09 32.86
C ALA B 303 24.91 23.94 31.66
N ARG B 304 25.16 23.46 30.44
CA ARG B 304 24.79 24.17 29.24
C ARG B 304 23.54 23.61 28.56
N GLN B 305 22.88 22.63 29.16
CA GLN B 305 21.65 22.11 28.57
C GLN B 305 20.50 23.08 28.84
N HIS B 306 19.76 23.43 27.80
CA HIS B 306 18.64 24.34 27.89
C HIS B 306 17.37 23.58 27.56
N ILE B 307 16.54 23.33 28.56
CA ILE B 307 15.35 22.49 28.42
C ILE B 307 14.14 23.39 28.24
N GLU B 308 13.30 23.04 27.28
CA GLU B 308 12.07 23.79 26.98
C GLU B 308 10.88 22.87 27.17
N MET B 309 10.00 23.24 28.10
CA MET B 309 8.80 22.47 28.39
C MET B 309 7.59 23.23 27.88
N SER B 310 6.58 22.49 27.43
CA SER B 310 5.30 23.06 27.06
C SER B 310 4.21 22.30 27.80
N THR B 311 3.70 22.90 28.87
CA THR B 311 2.76 22.19 29.74
C THR B 311 1.39 22.04 29.08
N THR B 312 1.00 22.98 28.24
CA THR B 312 -0.35 23.00 27.66
C THR B 312 -0.43 22.39 26.27
N GLY B 313 0.67 21.82 25.77
CA GLY B 313 0.66 21.23 24.44
C GLY B 313 2.05 20.88 23.99
N TRP B 314 2.20 20.65 22.68
CA TRP B 314 3.50 20.32 22.13
C TRP B 314 4.43 21.53 22.19
N VAL B 315 5.72 21.28 21.97
CA VAL B 315 6.73 22.33 22.02
C VAL B 315 7.16 22.67 20.60
N GLY B 316 7.18 23.96 20.29
CA GLY B 316 7.47 24.45 18.96
C GLY B 316 6.22 24.54 18.10
N ARG B 317 6.31 25.37 17.05
CA ARG B 317 5.21 25.50 16.11
C ARG B 317 4.99 24.19 15.36
N PHE B 318 6.06 23.64 14.81
CA PHE B 318 6.10 22.26 14.36
C PHE B 318 7.25 21.48 14.99
N ARG B 319 8.34 22.15 15.33
CA ARG B 319 9.46 21.58 16.06
C ARG B 319 10.18 22.72 16.76
N PRO B 320 10.97 22.44 17.80
CA PRO B 320 11.68 23.51 18.49
C PRO B 320 12.56 24.30 17.53
N SER B 321 12.61 25.61 17.72
CA SER B 321 13.30 26.48 16.78
C SER B 321 14.80 26.41 16.98
N GLU B 322 15.54 26.95 16.01
CA GLU B 322 16.99 26.88 16.02
C GLU B 322 17.57 28.11 16.72
N PRO B 323 18.73 27.96 17.36
CA PRO B 323 19.40 29.13 17.94
C PRO B 323 19.96 30.03 16.85
N HIS B 324 20.18 31.29 17.18
CA HIS B 324 20.88 32.22 16.30
C HIS B 324 22.07 32.77 17.10
N PHE B 325 23.20 32.08 17.01
CA PHE B 325 24.34 32.36 17.85
C PHE B 325 24.99 33.69 17.49
N THR B 326 25.79 34.21 18.41
CA THR B 326 26.61 35.38 18.15
C THR B 326 27.98 34.97 17.66
N LEU B 327 28.79 35.95 17.30
CA LEU B 327 30.12 35.68 16.75
C LEU B 327 31.00 34.97 17.77
N ASP B 328 30.96 35.42 19.03
CA ASP B 328 31.77 34.79 20.06
C ASP B 328 31.33 33.37 20.36
N GLY B 329 30.06 33.07 20.14
CA GLY B 329 29.52 31.76 20.45
C GLY B 329 29.16 31.53 21.89
N ASN B 330 29.13 32.59 22.71
CA ASN B 330 28.81 32.48 24.13
C ASN B 330 27.38 32.88 24.44
N SER B 331 26.56 33.16 23.44
CA SER B 331 25.17 33.52 23.64
C SER B 331 24.41 33.32 22.34
N PHE B 332 23.09 33.29 22.43
CA PHE B 332 22.28 33.08 21.24
C PHE B 332 20.88 33.62 21.45
N TYR B 333 20.18 33.83 20.34
CA TYR B 333 18.82 34.33 20.33
C TYR B 333 17.91 33.25 19.75
N LYS B 334 16.84 32.93 20.48
CA LYS B 334 15.96 31.85 20.12
C LYS B 334 14.52 32.28 20.32
N ILE B 335 13.64 31.79 19.46
CA ILE B 335 12.20 32.12 19.53
C ILE B 335 11.52 31.07 20.40
N ILE B 336 11.14 31.47 21.61
CA ILE B 336 10.43 30.60 22.53
C ILE B 336 9.15 31.32 22.99
N SER B 337 8.22 30.55 23.52
CA SER B 337 6.95 31.09 23.95
C SER B 337 7.07 31.73 25.33
N ASN B 338 6.55 32.94 25.47
CA ASN B 338 6.62 33.65 26.73
C ASN B 338 5.48 33.23 27.64
N GLU B 339 5.34 33.92 28.77
CA GLU B 339 4.35 33.52 29.78
C GLU B 339 2.93 33.75 29.28
N GLU B 340 2.72 34.79 28.48
CA GLU B 340 1.39 35.06 27.95
C GLU B 340 0.97 34.05 26.90
N GLY B 341 1.92 33.29 26.36
CA GLY B 341 1.64 32.33 25.31
C GLY B 341 1.93 32.79 23.90
N TYR B 342 2.74 33.84 23.72
CA TYR B 342 3.08 34.35 22.40
C TYR B 342 4.57 34.13 22.16
N ARG B 343 4.91 33.64 20.97
CA ARG B 343 6.28 33.22 20.69
C ARG B 343 7.13 34.43 20.34
N HIS B 344 8.10 34.73 21.18
CA HIS B 344 8.95 35.90 21.04
C HIS B 344 10.41 35.49 21.17
N ILE B 345 11.30 36.40 20.81
CA ILE B 345 12.74 36.18 20.89
C ILE B 345 13.18 36.44 22.32
N CYS B 346 13.91 35.49 22.92
CA CYS B 346 14.44 35.72 24.25
C CYS B 346 15.94 35.43 24.20
N TYR B 347 16.73 36.28 24.85
CA TYR B 347 18.18 36.27 24.72
C TYR B 347 18.79 35.35 25.77
N PHE B 348 19.41 34.26 25.31
CA PHE B 348 20.01 33.26 26.19
C PHE B 348 21.50 33.47 26.36
N GLN B 349 22.00 33.16 27.54
CA GLN B 349 23.41 32.90 27.74
C GLN B 349 23.66 31.40 27.66
N ILE B 350 24.88 31.03 27.27
CA ILE B 350 25.18 29.61 27.09
C ILE B 350 25.12 28.87 28.42
N ASP B 351 25.73 29.44 29.47
CA ASP B 351 25.89 28.75 30.74
C ASP B 351 24.89 29.18 31.80
N LYS B 352 23.84 29.89 31.45
CA LYS B 352 22.84 30.35 32.40
C LYS B 352 21.46 29.82 32.00
N LYS B 353 20.72 29.30 32.98
CA LYS B 353 19.41 28.70 32.70
C LYS B 353 18.41 29.74 32.24
N ASP B 354 18.40 30.92 32.87
CA ASP B 354 17.43 31.95 32.54
C ASP B 354 17.80 32.63 31.23
N CYS B 355 16.80 33.25 30.60
CA CYS B 355 17.08 34.14 29.48
C CYS B 355 16.21 35.37 29.65
N THR B 356 16.50 36.40 28.85
CA THR B 356 15.83 37.69 28.95
C THR B 356 15.10 37.99 27.65
N PHE B 357 13.77 37.98 27.70
CA PHE B 357 12.97 38.32 26.52
C PHE B 357 13.27 39.74 26.07
N ILE B 358 13.57 39.91 24.78
CA ILE B 358 13.87 41.22 24.23
C ILE B 358 12.70 41.81 23.47
N THR B 359 11.70 41.00 23.11
CA THR B 359 10.48 41.48 22.47
C THR B 359 9.28 40.96 23.24
N LYS B 360 8.20 41.74 23.21
CA LYS B 360 6.97 41.36 23.91
C LYS B 360 5.79 42.04 23.24
N GLY B 361 4.62 41.45 23.39
CA GLY B 361 3.40 42.02 22.86
C GLY B 361 2.38 40.95 22.56
N THR B 362 1.26 41.39 21.99
CA THR B 362 0.19 40.50 21.57
C THR B 362 0.36 40.14 20.09
N TRP B 363 1.51 39.54 19.81
CA TRP B 363 1.87 39.13 18.46
C TRP B 363 3.05 38.16 18.57
N GLU B 364 3.44 37.59 17.44
CA GLU B 364 4.43 36.54 17.41
C GLU B 364 5.51 36.87 16.38
N VAL B 365 6.76 36.59 16.71
CA VAL B 365 7.84 36.69 15.74
C VAL B 365 7.93 35.37 14.99
N ILE B 366 8.19 35.44 13.68
CA ILE B 366 8.17 34.23 12.87
C ILE B 366 9.58 33.67 12.70
N GLY B 367 10.58 34.53 12.54
CA GLY B 367 11.94 34.07 12.39
C GLY B 367 12.93 35.17 12.63
N ILE B 368 14.16 34.76 12.95
CA ILE B 368 15.28 35.68 13.12
C ILE B 368 16.11 35.55 11.85
N GLU B 369 15.95 36.52 10.94
CA GLU B 369 16.53 36.39 9.61
C GLU B 369 18.05 36.54 9.64
N ALA B 370 18.57 37.55 10.33
CA ALA B 370 20.00 37.79 10.35
C ALA B 370 20.38 38.47 11.66
N LEU B 371 21.57 38.15 12.16
CA LEU B 371 22.08 38.70 13.40
C LEU B 371 23.40 39.40 13.13
N THR B 372 23.36 40.72 13.04
CA THR B 372 24.55 41.55 12.93
C THR B 372 25.07 41.83 14.34
N SER B 373 26.32 42.31 14.42
CA SER B 373 26.93 42.56 15.72
C SER B 373 26.17 43.63 16.50
N ASP B 374 25.59 44.60 15.82
CA ASP B 374 24.88 45.69 16.46
C ASP B 374 23.37 45.67 16.23
N TYR B 375 22.84 44.69 15.50
CA TYR B 375 21.42 44.66 15.21
C TYR B 375 20.96 43.22 15.03
N LEU B 376 19.65 43.03 15.15
CA LEU B 376 19.02 41.75 14.90
C LEU B 376 17.76 41.98 14.08
N TYR B 377 17.62 41.24 12.99
CA TYR B 377 16.51 41.39 12.07
C TYR B 377 15.56 40.21 12.23
N TYR B 378 14.26 40.50 12.26
CA TYR B 378 13.27 39.45 12.46
C TYR B 378 12.01 39.78 11.69
N ILE B 379 11.22 38.75 11.41
CA ILE B 379 9.94 38.88 10.73
C ILE B 379 8.83 38.67 11.76
N SER B 380 7.91 39.64 11.82
CA SER B 380 6.84 39.60 12.81
C SER B 380 5.52 39.97 12.15
N ASN B 381 4.42 39.50 12.74
CA ASN B 381 3.09 39.94 12.37
C ASN B 381 2.54 40.98 13.34
N GLU B 382 3.41 41.83 13.88
CA GLU B 382 2.98 42.88 14.79
C GLU B 382 2.19 43.97 14.06
N TYR B 383 2.63 44.34 12.86
CA TYR B 383 2.14 45.55 12.21
C TYR B 383 0.63 45.48 11.98
N LYS B 384 -0.09 46.45 12.53
CA LYS B 384 -1.54 46.62 12.40
C LYS B 384 -2.33 45.46 12.99
N GLY B 385 -1.71 44.63 13.81
CA GLY B 385 -2.44 43.53 14.46
C GLY B 385 -3.03 42.54 13.48
N MET B 386 -2.33 42.28 12.38
CA MET B 386 -2.81 41.35 11.37
C MET B 386 -1.96 40.09 11.42
N PRO B 387 -2.47 38.96 11.90
CA PRO B 387 -1.69 37.72 11.88
C PRO B 387 -1.34 37.23 10.49
N GLY B 388 -2.05 37.67 9.46
CA GLY B 388 -1.79 37.20 8.11
C GLY B 388 -0.88 38.12 7.32
N GLY B 389 -0.08 38.91 8.01
CA GLY B 389 0.85 39.82 7.36
C GLY B 389 2.22 39.75 8.02
N ARG B 390 3.26 39.72 7.21
CA ARG B 390 4.64 39.65 7.69
C ARG B 390 5.39 40.91 7.29
N ASN B 391 6.24 41.40 8.18
CA ASN B 391 7.06 42.57 7.94
C ASN B 391 8.42 42.35 8.58
N LEU B 392 9.38 43.20 8.22
CA LEU B 392 10.75 43.08 8.69
C LEU B 392 11.09 44.21 9.65
N TYR B 393 11.68 43.85 10.79
CA TYR B 393 12.07 44.81 11.81
C TYR B 393 13.53 44.58 12.17
N LYS B 394 14.16 45.63 12.70
CA LYS B 394 15.48 45.52 13.31
C LYS B 394 15.38 46.01 14.74
N ILE B 395 16.13 45.37 15.64
CA ILE B 395 16.16 45.75 17.05
C ILE B 395 17.61 45.91 17.46
N GLN B 396 17.92 47.04 18.12
CA GLN B 396 19.30 47.30 18.50
C GLN B 396 19.70 46.43 19.67
N LEU B 397 20.86 45.78 19.55
CA LEU B 397 21.33 44.90 20.60
C LEU B 397 21.82 45.67 21.82
N SER B 398 22.20 46.94 21.66
CA SER B 398 22.62 47.73 22.81
C SER B 398 21.44 48.19 23.64
N ASP B 399 20.32 48.51 22.99
CA ASP B 399 19.13 48.99 23.68
C ASP B 399 17.91 48.32 23.04
N TYR B 400 17.23 47.47 23.81
CA TYR B 400 16.16 46.64 23.28
C TYR B 400 14.85 47.41 23.05
N THR B 401 14.76 48.66 23.48
CA THR B 401 13.54 49.43 23.29
C THR B 401 13.55 50.23 21.99
N LYS B 402 14.60 50.11 21.18
CA LYS B 402 14.70 50.81 19.90
C LYS B 402 14.45 49.80 18.79
N VAL B 403 13.23 49.80 18.26
CA VAL B 403 12.82 48.91 17.19
C VAL B 403 12.34 49.72 16.01
N THR B 404 12.83 49.37 14.83
CA THR B 404 12.47 50.04 13.58
C THR B 404 11.86 49.02 12.63
N CYS B 405 10.88 49.45 11.84
CA CYS B 405 10.29 48.58 10.82
C CYS B 405 10.89 48.97 9.47
N LEU B 406 11.66 48.03 8.90
CA LEU B 406 12.34 48.30 7.65
C LEU B 406 11.45 48.05 6.43
N SER B 407 10.30 47.42 6.62
CA SER B 407 9.44 47.10 5.50
C SER B 407 7.97 47.35 5.86
N CYS B 408 7.69 48.44 6.53
CA CYS B 408 6.30 48.76 6.88
C CYS B 408 5.74 49.87 5.99
N GLU B 409 6.56 50.86 5.65
CA GLU B 409 6.10 52.03 4.92
C GLU B 409 6.67 52.11 3.51
N LEU B 410 7.24 51.03 2.98
CA LEU B 410 7.76 51.04 1.62
C LEU B 410 6.63 51.18 0.60
N ASN B 411 5.60 50.35 0.73
CA ASN B 411 4.43 50.42 -0.15
C ASN B 411 3.27 49.80 0.59
N PRO B 412 2.65 50.54 1.51
CA PRO B 412 1.62 49.92 2.37
C PRO B 412 0.43 49.36 1.62
N GLU B 413 0.02 49.99 0.52
CA GLU B 413 -1.20 49.57 -0.15
C GLU B 413 -0.99 48.28 -0.94
N ARG B 414 0.25 48.00 -1.35
CA ARG B 414 0.50 46.87 -2.23
C ARG B 414 1.27 45.73 -1.56
N CYS B 415 2.12 46.03 -0.59
CA CYS B 415 2.88 45.00 0.12
C CYS B 415 2.56 45.02 1.60
N GLN B 416 2.13 43.87 2.12
CA GLN B 416 1.96 43.63 3.54
C GLN B 416 2.49 42.27 3.97
N TYR B 417 3.03 41.48 3.04
CA TYR B 417 3.59 40.16 3.33
C TYR B 417 5.01 40.15 2.78
N TYR B 418 6.00 39.97 3.66
CA TYR B 418 7.40 40.13 3.28
C TYR B 418 8.21 38.90 3.65
N SER B 419 9.27 38.69 2.88
CA SER B 419 10.31 37.72 3.19
C SER B 419 11.62 38.30 2.68
N VAL B 420 12.68 38.17 3.47
CA VAL B 420 13.94 38.84 3.18
C VAL B 420 15.03 37.81 2.93
N SER B 421 15.95 38.14 2.03
CA SER B 421 17.14 37.35 1.77
C SER B 421 18.34 38.25 2.03
N PHE B 422 19.16 37.87 3.02
CA PHE B 422 20.23 38.72 3.49
C PHE B 422 21.57 38.28 2.91
N SER B 423 22.38 39.27 2.53
CA SER B 423 23.72 39.00 2.03
C SER B 423 24.62 38.51 3.15
N LYS B 424 25.75 37.94 2.76
CA LYS B 424 26.76 37.56 3.74
C LYS B 424 27.32 38.82 4.40
N GLU B 425 27.50 38.76 5.72
CA GLU B 425 27.82 39.87 6.61
C GLU B 425 26.63 40.80 6.76
N ALA B 426 25.48 40.49 6.14
CA ALA B 426 24.24 41.27 6.28
C ALA B 426 24.44 42.72 5.88
N LYS B 427 25.17 42.97 4.80
CA LYS B 427 25.39 44.32 4.31
C LYS B 427 24.36 44.73 3.27
N TYR B 428 23.74 43.78 2.59
CA TYR B 428 22.63 44.04 1.69
C TYR B 428 21.55 42.99 1.93
N TYR B 429 20.31 43.34 1.60
CA TYR B 429 19.22 42.38 1.71
C TYR B 429 18.20 42.65 0.62
N GLN B 430 17.60 41.57 0.12
CA GLN B 430 16.53 41.63 -0.87
C GLN B 430 15.20 41.42 -0.17
N LEU B 431 14.25 42.32 -0.41
CA LEU B 431 12.92 42.22 0.17
C LEU B 431 11.99 41.58 -0.85
N ARG B 432 11.65 40.32 -0.62
CA ARG B 432 10.72 39.60 -1.47
C ARG B 432 9.32 39.76 -0.92
N CYS B 433 8.44 40.38 -1.70
CA CYS B 433 7.07 40.68 -1.27
C CYS B 433 6.08 39.86 -2.07
N SER B 434 5.00 39.47 -1.40
CA SER B 434 3.90 38.75 -2.03
C SER B 434 2.56 39.22 -1.47
N GLY B 435 2.48 40.49 -1.09
CA GLY B 435 1.34 41.00 -0.38
C GLY B 435 0.09 41.12 -1.23
N PRO B 436 -0.82 42.02 -0.85
CA PRO B 436 -2.09 42.13 -1.58
C PRO B 436 -1.94 42.38 -3.07
N GLY B 437 -0.95 43.17 -3.48
CA GLY B 437 -0.67 43.39 -4.87
C GLY B 437 0.24 42.32 -5.45
N LEU B 438 0.72 42.58 -6.66
CA LEU B 438 1.61 41.63 -7.30
C LEU B 438 2.94 41.58 -6.56
N PRO B 439 3.65 40.46 -6.62
CA PRO B 439 4.96 40.37 -5.95
C PRO B 439 5.92 41.42 -6.47
N LEU B 440 6.77 41.93 -5.57
CA LEU B 440 7.67 43.02 -5.88
C LEU B 440 8.97 42.82 -5.12
N TYR B 441 10.06 42.69 -5.85
CA TYR B 441 11.38 42.44 -5.28
C TYR B 441 12.22 43.71 -5.36
N THR B 442 12.89 44.04 -4.27
CA THR B 442 13.75 45.21 -4.22
C THR B 442 15.04 44.86 -3.47
N LEU B 443 16.08 45.65 -3.72
CA LEU B 443 17.36 45.48 -3.08
C LEU B 443 17.65 46.69 -2.21
N HIS B 444 18.13 46.44 -0.99
CA HIS B 444 18.35 47.49 0.00
C HIS B 444 19.75 47.39 0.57
N SER B 445 20.30 48.53 0.97
CA SER B 445 21.58 48.61 1.62
C SER B 445 21.37 48.62 3.14
N SER B 446 22.12 47.77 3.84
CA SER B 446 21.90 47.64 5.28
C SER B 446 22.59 48.74 6.07
N VAL B 447 23.49 49.50 5.44
CA VAL B 447 24.26 50.53 6.13
C VAL B 447 23.34 51.58 6.71
N ASN B 448 22.38 52.06 5.92
CA ASN B 448 21.42 53.07 6.36
C ASN B 448 20.02 52.81 5.83
N ASP B 449 19.70 51.55 5.51
CA ASP B 449 18.37 51.13 5.06
C ASP B 449 17.93 51.90 3.82
N LYS B 450 18.87 52.13 2.91
CA LYS B 450 18.57 52.79 1.64
C LYS B 450 17.88 51.80 0.69
N GLY B 451 17.07 52.35 -0.20
CA GLY B 451 16.44 51.55 -1.24
C GLY B 451 17.16 51.68 -2.56
N LEU B 452 17.89 50.63 -2.97
CA LEU B 452 18.76 50.72 -4.12
C LEU B 452 17.99 50.69 -5.44
N ARG B 453 17.30 49.59 -5.72
CA ARG B 453 16.61 49.46 -7.00
C ARG B 453 15.51 48.41 -6.91
N VAL B 454 14.63 48.42 -7.90
CA VAL B 454 13.52 47.48 -7.98
C VAL B 454 13.93 46.37 -8.94
N LEU B 455 14.26 45.20 -8.38
CA LEU B 455 14.75 44.10 -9.20
C LEU B 455 13.66 43.56 -10.12
N GLU B 456 12.49 43.25 -9.57
CA GLU B 456 11.38 42.74 -10.37
C GLU B 456 10.09 43.40 -9.90
N ASP B 457 9.48 44.17 -10.78
CA ASP B 457 8.25 44.89 -10.50
C ASP B 457 7.02 44.10 -10.90
N ASN B 458 7.17 43.10 -11.77
CA ASN B 458 6.03 42.36 -12.34
C ASN B 458 5.09 43.31 -13.08
N SER B 459 5.66 44.11 -13.99
CA SER B 459 4.86 45.10 -14.69
C SER B 459 4.18 44.53 -15.92
N ALA B 460 4.78 43.51 -16.56
CA ALA B 460 4.16 42.88 -17.71
C ALA B 460 2.88 42.15 -17.31
N LEU B 461 2.94 41.41 -16.20
CA LEU B 461 1.76 40.70 -15.72
C LEU B 461 0.67 41.67 -15.31
N ASP B 462 1.04 42.86 -14.82
CA ASP B 462 0.04 43.86 -14.47
C ASP B 462 -0.76 44.28 -15.70
N LYS B 463 -0.07 44.55 -16.80
CA LYS B 463 -0.76 44.93 -18.03
C LYS B 463 -1.57 43.77 -18.58
N MET B 464 -1.06 42.54 -18.45
CA MET B 464 -1.84 41.39 -18.88
C MET B 464 -3.13 41.26 -18.07
N LEU B 465 -3.05 41.50 -16.76
CA LEU B 465 -4.21 41.36 -15.88
C LEU B 465 -5.15 42.55 -15.91
N GLN B 466 -4.75 43.67 -16.48
CA GLN B 466 -5.68 44.80 -16.62
C GLN B 466 -6.79 44.52 -17.62
N ASN B 467 -6.78 43.38 -18.30
CA ASN B 467 -7.81 43.07 -19.29
C ASN B 467 -8.60 41.82 -18.95
N VAL B 468 -8.51 41.31 -17.73
CA VAL B 468 -9.31 40.17 -17.29
C VAL B 468 -10.08 40.58 -16.04
N GLN B 469 -11.21 39.92 -15.81
CA GLN B 469 -12.03 40.18 -14.63
C GLN B 469 -11.48 39.37 -13.47
N MET B 470 -10.78 40.04 -12.56
CA MET B 470 -10.09 39.35 -11.49
C MET B 470 -10.84 39.47 -10.17
N PRO B 471 -10.81 38.44 -9.33
CA PRO B 471 -11.54 38.49 -8.06
C PRO B 471 -10.90 39.47 -7.10
N SER B 472 -11.72 39.96 -6.17
CA SER B 472 -11.23 40.74 -5.04
C SER B 472 -10.68 39.80 -3.97
N LYS B 473 -10.39 40.35 -2.80
CA LYS B 473 -10.09 39.55 -1.64
C LYS B 473 -10.32 40.37 -0.39
N LYS B 474 -11.10 39.83 0.54
CA LYS B 474 -11.42 40.49 1.80
C LYS B 474 -10.79 39.70 2.93
N LEU B 475 -10.16 40.40 3.87
CA LEU B 475 -9.50 39.78 5.02
C LEU B 475 -9.96 40.52 6.26
N ASP B 476 -10.93 39.94 6.98
CA ASP B 476 -11.50 40.55 8.17
C ASP B 476 -11.55 39.54 9.30
N PHE B 477 -12.27 39.85 10.39
CA PHE B 477 -12.35 38.95 11.53
C PHE B 477 -13.78 38.87 12.05
N ILE B 478 -14.07 37.78 12.76
CA ILE B 478 -15.30 37.63 13.53
C ILE B 478 -14.93 37.23 14.94
N ILE B 479 -15.80 37.55 15.90
CA ILE B 479 -15.52 37.35 17.31
C ILE B 479 -16.24 36.10 17.80
N LEU B 480 -15.52 35.22 18.49
CA LEU B 480 -16.10 33.99 19.04
C LEU B 480 -15.96 33.96 20.55
N ASN B 481 -16.95 34.56 21.22
CA ASN B 481 -17.25 34.46 22.65
C ASN B 481 -16.26 35.28 23.49
N GLU B 482 -15.02 35.49 23.06
CA GLU B 482 -14.21 36.64 23.45
C GLU B 482 -13.17 37.03 22.42
N THR B 483 -12.82 36.14 21.50
CA THR B 483 -11.56 36.27 20.79
C THR B 483 -11.79 36.76 19.36
N LYS B 484 -10.69 36.99 18.67
CA LYS B 484 -10.71 37.49 17.30
C LYS B 484 -10.20 36.39 16.38
N PHE B 485 -11.04 35.95 15.45
CA PHE B 485 -10.70 34.91 14.49
C PHE B 485 -10.79 35.48 13.08
N TRP B 486 -9.76 35.22 12.28
CA TRP B 486 -9.57 35.88 10.99
C TRP B 486 -9.98 34.95 9.86
N TYR B 487 -10.69 35.50 8.88
CA TYR B 487 -11.11 34.77 7.70
C TYR B 487 -10.74 35.55 6.45
N GLN B 488 -10.92 34.92 5.30
CA GLN B 488 -10.70 35.55 4.00
C GLN B 488 -11.77 35.07 3.04
N MET B 489 -12.10 35.91 2.06
CA MET B 489 -13.07 35.57 1.02
C MET B 489 -12.56 36.04 -0.33
N ILE B 490 -12.51 35.13 -1.30
CA ILE B 490 -12.18 35.49 -2.67
C ILE B 490 -13.46 35.95 -3.34
N LEU B 491 -13.73 37.24 -3.29
CA LEU B 491 -15.01 37.76 -3.76
C LEU B 491 -15.03 37.83 -5.28
N PRO B 492 -16.10 37.40 -5.92
CA PRO B 492 -16.18 37.45 -7.39
C PRO B 492 -16.05 38.87 -7.89
N PRO B 493 -15.74 39.05 -9.17
CA PRO B 493 -15.71 40.40 -9.75
C PRO B 493 -17.09 41.05 -9.67
N HIS B 494 -17.09 42.37 -9.50
CA HIS B 494 -18.32 43.15 -9.37
C HIS B 494 -19.19 42.62 -8.24
N PHE B 495 -18.55 42.33 -7.11
CA PHE B 495 -19.27 41.75 -5.97
C PHE B 495 -20.34 42.70 -5.46
N ASP B 496 -21.56 42.18 -5.35
CA ASP B 496 -22.71 42.95 -4.88
C ASP B 496 -23.19 42.36 -3.56
N LYS B 497 -23.31 43.21 -2.55
CA LYS B 497 -23.72 42.73 -1.24
C LYS B 497 -25.19 42.33 -1.20
N SER B 498 -26.00 42.82 -2.15
CA SER B 498 -27.42 42.48 -2.15
C SER B 498 -27.66 41.09 -2.69
N LYS B 499 -26.87 40.66 -3.68
CA LYS B 499 -27.09 39.38 -4.32
C LYS B 499 -26.60 38.23 -3.46
N LYS B 500 -27.22 37.07 -3.64
CA LYS B 500 -26.84 35.85 -2.95
C LYS B 500 -25.83 35.09 -3.79
N TYR B 501 -24.76 34.63 -3.16
CA TYR B 501 -23.69 33.94 -3.86
C TYR B 501 -23.46 32.57 -3.24
N PRO B 502 -23.18 31.55 -4.06
CA PRO B 502 -22.78 30.25 -3.49
C PRO B 502 -21.49 30.36 -2.72
N LEU B 503 -21.29 29.51 -1.73
CA LEU B 503 -20.07 29.55 -0.94
C LEU B 503 -19.39 28.20 -1.02
N LEU B 504 -18.11 28.21 -1.41
CA LEU B 504 -17.22 27.08 -1.25
C LEU B 504 -16.21 27.46 -0.19
N LEU B 505 -15.93 26.54 0.73
CA LEU B 505 -15.14 26.88 1.90
C LEU B 505 -13.89 26.00 1.91
N ASP B 506 -12.79 26.55 1.40
CA ASP B 506 -11.52 25.84 1.33
C ASP B 506 -10.99 25.61 2.75
N VAL B 507 -10.59 24.37 3.04
CA VAL B 507 -10.16 23.98 4.37
C VAL B 507 -8.75 23.41 4.31
N TYR B 508 -7.92 23.83 5.24
CA TYR B 508 -6.86 22.98 5.76
C TYR B 508 -7.08 22.67 7.24
N ALA B 509 -7.23 23.70 8.07
CA ALA B 509 -7.53 23.53 9.49
C ALA B 509 -6.48 22.66 10.18
N GLY B 510 -5.26 22.65 9.64
CA GLY B 510 -4.18 21.94 10.27
C GLY B 510 -3.70 22.69 11.49
N PRO B 511 -3.10 21.98 12.45
CA PRO B 511 -2.55 22.67 13.61
C PRO B 511 -1.40 23.57 13.22
N CYS B 512 -1.42 24.80 13.74
CA CYS B 512 -0.45 25.84 13.39
C CYS B 512 -0.44 26.11 11.89
N SER B 513 -1.61 26.51 11.38
CA SER B 513 -1.79 26.78 9.96
C SER B 513 -2.45 28.14 9.79
N GLN B 514 -1.92 28.93 8.87
CA GLN B 514 -2.51 30.20 8.47
C GLN B 514 -3.20 30.01 7.13
N LYS B 515 -4.51 30.22 7.08
CA LYS B 515 -5.25 30.08 5.85
C LYS B 515 -5.91 31.38 5.43
N ALA B 516 -5.89 32.42 6.26
CA ALA B 516 -6.40 33.73 5.91
C ALA B 516 -5.27 34.75 6.06
N ASP B 517 -4.48 34.91 5.01
CA ASP B 517 -3.37 35.85 5.00
C ASP B 517 -3.46 36.75 3.77
N THR B 518 -2.43 37.57 3.57
CA THR B 518 -2.40 38.59 2.54
C THR B 518 -1.68 38.18 1.26
N VAL B 519 -1.21 36.93 1.18
CA VAL B 519 -0.44 36.51 0.00
C VAL B 519 -1.30 36.58 -1.24
N PHE B 520 -0.71 37.06 -2.34
CA PHE B 520 -1.36 37.08 -3.64
C PHE B 520 -1.18 35.72 -4.30
N ARG B 521 -2.27 35.21 -4.89
CA ARG B 521 -2.26 33.89 -5.50
C ARG B 521 -3.10 33.88 -6.76
N LEU B 522 -2.77 32.95 -7.66
CA LEU B 522 -3.53 32.68 -8.88
C LEU B 522 -3.74 31.18 -8.95
N ASN B 523 -4.90 30.71 -8.51
CA ASN B 523 -5.13 29.28 -8.35
C ASN B 523 -6.59 28.97 -8.65
N TRP B 524 -7.03 27.78 -8.24
CA TRP B 524 -8.36 27.30 -8.59
C TRP B 524 -9.45 28.21 -8.04
N ALA B 525 -9.21 28.81 -6.88
CA ALA B 525 -10.18 29.75 -6.31
C ALA B 525 -10.36 30.96 -7.21
N THR B 526 -9.31 31.38 -7.92
CA THR B 526 -9.45 32.47 -8.87
C THR B 526 -10.37 32.10 -10.02
N TYR B 527 -10.24 30.89 -10.56
CA TYR B 527 -11.26 30.36 -11.48
C TYR B 527 -12.66 30.41 -10.91
N LEU B 528 -12.84 29.85 -9.71
CA LEU B 528 -14.18 29.75 -9.16
C LEU B 528 -14.81 31.12 -9.04
N ALA B 529 -14.11 32.05 -8.39
CA ALA B 529 -14.66 33.38 -8.17
C ALA B 529 -14.85 34.14 -9.48
N SER B 530 -13.90 34.02 -10.40
CA SER B 530 -13.96 34.84 -11.60
C SER B 530 -15.05 34.35 -12.55
N THR B 531 -14.99 33.08 -12.97
CA THR B 531 -15.94 32.58 -13.95
C THR B 531 -17.22 32.06 -13.33
N GLU B 532 -17.14 31.26 -12.27
CA GLU B 532 -18.34 30.64 -11.71
C GLU B 532 -19.06 31.55 -10.74
N ASN B 533 -18.44 32.65 -10.33
CA ASN B 533 -19.00 33.57 -9.34
C ASN B 533 -19.32 32.85 -8.04
N ILE B 534 -18.27 32.30 -7.45
CA ILE B 534 -18.36 31.51 -6.23
C ILE B 534 -17.47 32.15 -5.18
N ILE B 535 -18.02 32.40 -3.99
CA ILE B 535 -17.18 32.88 -2.90
C ILE B 535 -16.38 31.71 -2.34
N VAL B 536 -15.07 31.89 -2.23
CA VAL B 536 -14.19 30.85 -1.71
C VAL B 536 -13.61 31.38 -0.42
N ALA B 537 -14.16 30.94 0.71
CA ALA B 537 -13.80 31.44 2.02
C ALA B 537 -12.91 30.45 2.75
N SER B 538 -11.97 30.99 3.53
CA SER B 538 -11.13 30.19 4.40
C SER B 538 -11.14 30.82 5.78
N PHE B 539 -11.18 29.98 6.81
CA PHE B 539 -11.37 30.44 8.18
C PHE B 539 -10.22 29.95 9.05
N ASP B 540 -9.75 30.81 9.94
CA ASP B 540 -8.79 30.42 10.97
C ASP B 540 -9.54 30.23 12.28
N GLY B 541 -9.80 28.97 12.63
CA GLY B 541 -10.44 28.67 13.89
C GLY B 541 -9.42 28.38 14.97
N ARG B 542 -9.81 27.63 16.00
CA ARG B 542 -8.85 27.19 16.99
C ARG B 542 -7.89 26.20 16.36
N GLY B 543 -6.64 26.23 16.82
CA GLY B 543 -5.58 25.42 16.25
C GLY B 543 -4.64 26.16 15.33
N SER B 544 -4.99 27.36 14.87
CA SER B 544 -4.09 28.15 14.06
C SER B 544 -2.93 28.67 14.91
N GLY B 545 -1.80 28.89 14.26
CA GLY B 545 -0.53 28.94 14.98
C GLY B 545 0.16 30.25 15.23
N TYR B 546 -0.24 31.31 14.52
CA TYR B 546 0.43 32.60 14.65
C TYR B 546 -0.40 33.60 15.46
N GLN B 547 -1.30 33.11 16.31
CA GLN B 547 -2.16 33.95 17.11
C GLN B 547 -1.95 33.76 18.61
N GLY B 548 -1.04 32.88 19.00
CA GLY B 548 -0.80 32.61 20.40
C GLY B 548 -0.84 31.12 20.65
N ASP B 549 -0.40 30.74 21.86
CA ASP B 549 -0.39 29.35 22.28
C ASP B 549 -1.66 28.97 23.02
N LYS B 550 -2.61 29.88 23.15
CA LYS B 550 -3.93 29.55 23.68
C LYS B 550 -4.92 29.20 22.58
N ILE B 551 -4.76 29.79 21.39
CA ILE B 551 -5.55 29.37 20.26
C ILE B 551 -4.98 28.10 19.63
N MET B 552 -3.66 28.01 19.53
CA MET B 552 -3.07 26.90 18.78
C MET B 552 -3.12 25.60 19.59
N HIS B 553 -2.90 25.69 20.90
CA HIS B 553 -2.84 24.50 21.75
C HIS B 553 -4.22 24.08 22.25
N ALA B 554 -5.30 24.63 21.69
CA ALA B 554 -6.64 24.25 22.13
C ALA B 554 -7.04 22.88 21.62
N ILE B 555 -6.42 22.42 20.54
CA ILE B 555 -6.76 21.13 19.94
C ILE B 555 -5.76 20.08 20.38
N ASN B 556 -5.06 20.35 21.47
CA ASN B 556 -4.13 19.37 22.02
C ASN B 556 -4.89 18.13 22.47
N ARG B 557 -4.55 16.98 21.88
CA ARG B 557 -5.15 15.70 22.21
C ARG B 557 -6.63 15.64 21.83
N ARG B 558 -7.09 16.58 21.00
CA ARG B 558 -8.50 16.71 20.67
C ARG B 558 -8.68 16.98 19.17
N LEU B 559 -7.90 16.29 18.34
CA LEU B 559 -8.05 16.47 16.90
C LEU B 559 -9.43 16.00 16.43
N GLY B 560 -10.01 16.77 15.51
CA GLY B 560 -11.33 16.46 14.99
C GLY B 560 -12.48 16.90 15.87
N THR B 561 -12.23 17.77 16.86
CA THR B 561 -13.31 18.23 17.73
C THR B 561 -13.56 19.73 17.58
N PHE B 562 -12.53 20.55 17.79
CA PHE B 562 -12.69 21.99 17.65
C PHE B 562 -12.38 22.45 16.24
N GLU B 563 -11.40 21.80 15.58
CA GLU B 563 -11.13 22.09 14.19
C GLU B 563 -12.37 21.93 13.34
N VAL B 564 -13.21 20.95 13.68
CA VAL B 564 -14.39 20.64 12.89
C VAL B 564 -15.58 21.52 13.22
N GLU B 565 -15.83 21.79 14.50
CA GLU B 565 -16.94 22.65 14.88
C GLU B 565 -16.70 24.11 14.56
N ASP B 566 -15.45 24.57 14.58
CA ASP B 566 -15.16 25.96 14.23
C ASP B 566 -15.53 26.24 12.78
N GLN B 567 -15.29 25.29 11.88
CA GLN B 567 -15.65 25.50 10.48
C GLN B 567 -17.16 25.53 10.27
N ILE B 568 -17.91 24.69 10.99
CA ILE B 568 -19.36 24.73 10.88
C ILE B 568 -19.91 26.05 11.43
N GLU B 569 -19.37 26.51 12.56
CA GLU B 569 -19.81 27.79 13.09
C GLU B 569 -19.40 28.94 12.18
N ALA B 570 -18.24 28.85 11.53
CA ALA B 570 -17.83 29.84 10.56
C ALA B 570 -18.78 29.88 9.37
N ALA B 571 -19.20 28.71 8.89
CA ALA B 571 -20.18 28.66 7.81
C ALA B 571 -21.51 29.27 8.24
N ARG B 572 -21.93 29.01 9.48
CA ARG B 572 -23.15 29.65 9.99
C ARG B 572 -23.01 31.17 10.07
N GLN B 573 -21.84 31.65 10.50
CA GLN B 573 -21.61 33.10 10.56
C GLN B 573 -21.62 33.71 9.16
N PHE B 574 -20.99 33.03 8.20
CA PHE B 574 -21.00 33.51 6.82
C PHE B 574 -22.43 33.55 6.28
N SER B 575 -23.24 32.54 6.63
CA SER B 575 -24.62 32.52 6.19
C SER B 575 -25.41 33.69 6.76
N LYS B 576 -25.07 34.13 7.98
CA LYS B 576 -25.75 35.28 8.57
C LYS B 576 -25.51 36.54 7.76
N MET B 577 -24.37 36.62 7.07
CA MET B 577 -24.12 37.73 6.17
C MET B 577 -25.08 37.65 4.97
N GLY B 578 -25.37 38.81 4.39
CA GLY B 578 -26.44 38.88 3.42
C GLY B 578 -26.12 38.22 2.09
N PHE B 579 -24.84 38.12 1.75
CA PHE B 579 -24.49 37.77 0.37
C PHE B 579 -24.37 36.26 0.17
N VAL B 580 -24.30 35.49 1.25
CA VAL B 580 -24.12 34.04 1.09
C VAL B 580 -25.46 33.35 0.91
N ASP B 581 -25.55 32.50 -0.10
CA ASP B 581 -26.70 31.63 -0.32
C ASP B 581 -26.54 30.42 0.58
N ASN B 582 -27.52 30.20 1.47
CA ASN B 582 -27.38 29.17 2.49
C ASN B 582 -27.61 27.76 1.93
N LYS B 583 -28.40 27.65 0.85
CA LYS B 583 -28.67 26.34 0.28
C LYS B 583 -27.42 25.76 -0.38
N ARG B 584 -26.74 26.55 -1.21
CA ARG B 584 -25.53 26.11 -1.90
C ARG B 584 -24.32 26.52 -1.06
N ILE B 585 -23.87 25.60 -0.21
CA ILE B 585 -22.63 25.76 0.53
C ILE B 585 -21.86 24.46 0.41
N ALA B 586 -20.57 24.55 0.09
CA ALA B 586 -19.75 23.35 -0.08
C ALA B 586 -18.45 23.52 0.68
N ILE B 587 -17.80 22.40 0.96
CA ILE B 587 -16.55 22.37 1.71
C ILE B 587 -15.61 21.41 1.00
N TRP B 588 -14.30 21.66 1.14
CA TRP B 588 -13.31 20.83 0.49
C TRP B 588 -11.93 21.14 1.02
N GLY B 589 -10.99 20.21 0.86
CA GLY B 589 -9.63 20.42 1.29
C GLY B 589 -8.76 19.24 0.94
N TRP B 590 -7.44 19.44 1.05
CA TRP B 590 -6.46 18.48 0.60
C TRP B 590 -5.86 17.76 1.82
N SER B 591 -6.44 16.62 2.14
CA SER B 591 -6.00 15.64 3.14
C SER B 591 -6.19 16.04 4.60
N TYR B 592 -6.20 17.33 4.90
CA TYR B 592 -6.49 17.70 6.28
C TYR B 592 -7.58 18.75 6.19
N GLY B 593 -7.71 19.33 5.01
CA GLY B 593 -8.99 19.85 4.64
C GLY B 593 -9.83 18.65 4.27
N GLY B 594 -9.17 17.55 3.89
CA GLY B 594 -9.85 16.30 3.61
C GLY B 594 -10.38 15.62 4.85
N TYR B 595 -9.54 15.45 5.88
CA TYR B 595 -10.04 14.97 7.15
C TYR B 595 -11.17 15.84 7.68
N VAL B 596 -10.97 17.16 7.71
CA VAL B 596 -11.95 18.06 8.28
C VAL B 596 -13.22 18.09 7.44
N THR B 597 -13.09 17.99 6.11
CA THR B 597 -14.26 17.95 5.25
C THR B 597 -15.09 16.69 5.48
N SER B 598 -14.42 15.54 5.58
CA SER B 598 -15.15 14.31 5.86
C SER B 598 -15.85 14.38 7.20
N MET B 599 -15.17 14.91 8.22
CA MET B 599 -15.75 15.00 9.55
C MET B 599 -16.89 16.01 9.60
N VAL B 600 -16.80 17.08 8.83
CA VAL B 600 -17.86 18.09 8.79
C VAL B 600 -19.10 17.54 8.08
N LEU B 601 -18.89 16.81 6.98
CA LEU B 601 -20.03 16.26 6.25
C LEU B 601 -20.70 15.14 7.03
N GLY B 602 -19.92 14.34 7.75
CA GLY B 602 -20.51 13.29 8.55
C GLY B 602 -20.86 13.74 9.96
N SER B 603 -21.50 14.89 10.11
CA SER B 603 -21.83 15.39 11.43
C SER B 603 -23.29 15.78 11.61
N GLY B 604 -24.11 15.74 10.56
CA GLY B 604 -25.51 16.02 10.70
C GLY B 604 -25.88 17.47 10.87
N SER B 605 -24.93 18.39 10.68
CA SER B 605 -25.23 19.81 10.84
C SER B 605 -26.24 20.29 9.81
N GLY B 606 -26.13 19.81 8.57
CA GLY B 606 -27.02 20.21 7.52
C GLY B 606 -26.67 21.50 6.82
N VAL B 607 -25.56 22.13 7.19
CA VAL B 607 -25.15 23.38 6.57
C VAL B 607 -24.67 23.16 5.14
N PHE B 608 -23.86 22.13 4.92
CA PHE B 608 -23.13 21.96 3.68
C PHE B 608 -23.90 21.04 2.73
N LYS B 609 -24.01 21.46 1.47
CA LYS B 609 -24.68 20.65 0.45
C LYS B 609 -23.83 19.47 0.02
N CYS B 610 -22.53 19.69 -0.19
CA CYS B 610 -21.65 18.65 -0.70
C CYS B 610 -20.22 18.98 -0.36
N GLY B 611 -19.34 18.01 -0.52
CA GLY B 611 -17.94 18.19 -0.16
C GLY B 611 -17.03 17.30 -0.97
N ILE B 612 -15.81 17.79 -1.19
CA ILE B 612 -14.76 17.05 -1.88
C ILE B 612 -13.63 16.82 -0.90
N ALA B 613 -13.30 15.56 -0.66
CA ALA B 613 -12.15 15.21 0.18
C ALA B 613 -11.08 14.61 -0.72
N VAL B 614 -9.94 15.30 -0.83
CA VAL B 614 -8.84 14.86 -1.66
C VAL B 614 -7.75 14.30 -0.76
N ALA B 615 -7.34 13.07 -1.04
CA ALA B 615 -6.35 12.35 -0.25
C ALA B 615 -6.59 12.44 1.27
N PRO B 616 -7.82 12.25 1.73
CA PRO B 616 -8.15 12.58 3.12
C PRO B 616 -7.52 11.62 4.10
N VAL B 617 -7.36 12.09 5.33
CA VAL B 617 -6.99 11.24 6.45
C VAL B 617 -8.26 10.65 7.03
N SER B 618 -8.24 9.35 7.30
CA SER B 618 -9.41 8.65 7.79
C SER B 618 -9.35 8.36 9.28
N ARG B 619 -8.29 7.70 9.73
CA ARG B 619 -8.14 7.29 11.10
C ARG B 619 -6.72 7.62 11.54
N TRP B 620 -6.59 8.16 12.75
CA TRP B 620 -5.31 8.67 13.21
C TRP B 620 -4.34 7.58 13.61
N GLU B 621 -4.76 6.31 13.56
CA GLU B 621 -3.85 5.20 13.75
C GLU B 621 -3.30 4.66 12.44
N TYR B 622 -3.73 5.23 11.30
CA TYR B 622 -3.22 4.89 9.99
C TYR B 622 -2.09 5.82 9.57
N TYR B 623 -1.74 6.79 10.41
CA TYR B 623 -0.85 7.87 10.02
C TYR B 623 0.44 7.76 10.82
N ASP B 624 1.45 8.50 10.38
CA ASP B 624 2.79 8.34 10.91
C ASP B 624 2.89 8.87 12.34
N SER B 625 3.90 8.38 13.07
CA SER B 625 3.97 8.61 14.50
C SER B 625 4.40 10.03 14.84
N VAL B 626 5.35 10.59 14.08
CA VAL B 626 5.89 11.90 14.45
C VAL B 626 4.81 12.97 14.39
N TYR B 627 3.97 12.93 13.37
CA TYR B 627 2.91 13.94 13.24
C TYR B 627 1.78 13.67 14.23
N THR B 628 1.23 12.46 14.21
CA THR B 628 0.03 12.17 14.99
C THR B 628 0.32 12.18 16.49
N GLU B 629 1.42 11.57 16.91
CA GLU B 629 1.81 11.55 18.31
C GLU B 629 2.14 12.94 18.85
N ARG B 630 2.43 13.89 17.96
CA ARG B 630 2.62 15.27 18.39
C ARG B 630 1.34 15.83 18.99
N TYR B 631 0.22 15.57 18.34
CA TYR B 631 -1.03 16.25 18.62
C TYR B 631 -2.02 15.38 19.39
N MET B 632 -1.74 14.09 19.52
CA MET B 632 -2.71 13.16 20.09
C MET B 632 -2.16 12.19 21.13
N GLY B 633 -0.85 12.04 21.23
CA GLY B 633 -0.30 11.06 22.14
C GLY B 633 -0.34 9.65 21.58
N LEU B 634 0.02 8.69 22.42
CA LEU B 634 0.12 7.30 22.00
C LEU B 634 -1.25 6.63 21.98
N PRO B 635 -1.51 5.74 21.03
CA PRO B 635 -2.80 5.03 20.95
C PRO B 635 -2.85 3.81 21.85
N THR B 636 -2.65 4.03 23.14
CA THR B 636 -2.67 3.00 24.16
C THR B 636 -3.86 3.25 25.07
N PRO B 637 -4.42 2.20 25.68
CA PRO B 637 -5.61 2.40 26.50
C PRO B 637 -5.36 3.28 27.71
N GLU B 638 -4.09 3.46 28.10
CA GLU B 638 -3.78 4.38 29.18
C GLU B 638 -3.79 5.82 28.70
N ASP B 639 -3.13 6.11 27.58
CA ASP B 639 -2.91 7.50 27.20
C ASP B 639 -4.10 8.13 26.47
N ASN B 640 -4.36 7.73 25.23
CA ASN B 640 -5.38 8.40 24.42
C ASN B 640 -6.10 7.46 23.45
N LEU B 641 -6.24 6.18 23.78
CA LEU B 641 -6.87 5.27 22.83
C LEU B 641 -8.33 5.64 22.59
N ASP B 642 -9.00 6.19 23.61
CA ASP B 642 -10.42 6.50 23.50
C ASP B 642 -10.67 7.53 22.41
N HIS B 643 -9.90 8.61 22.39
CA HIS B 643 -10.13 9.62 21.36
C HIS B 643 -9.46 9.25 20.04
N TYR B 644 -8.51 8.32 20.07
CA TYR B 644 -8.05 7.76 18.80
C TYR B 644 -9.17 7.01 18.10
N ARG B 645 -9.98 6.29 18.87
CA ARG B 645 -11.10 5.55 18.29
C ARG B 645 -12.37 6.38 18.14
N ASN B 646 -12.47 7.52 18.80
CA ASN B 646 -13.66 8.37 18.71
C ASN B 646 -13.55 9.48 17.68
N SER B 647 -12.45 9.54 16.93
CA SER B 647 -12.20 10.63 16.00
C SER B 647 -11.99 10.13 14.58
N THR B 648 -12.72 9.08 14.20
CA THR B 648 -12.59 8.46 12.89
C THR B 648 -13.68 8.96 11.96
N VAL B 649 -13.33 9.07 10.68
CA VAL B 649 -14.33 9.41 9.67
C VAL B 649 -15.32 8.28 9.49
N MET B 650 -14.85 7.04 9.63
CA MET B 650 -15.67 5.87 9.36
C MET B 650 -16.89 5.81 10.27
N SER B 651 -16.72 6.12 11.55
CA SER B 651 -17.83 6.07 12.50
C SER B 651 -18.83 7.21 12.31
N ARG B 652 -18.70 8.00 11.25
CA ARG B 652 -19.61 9.10 10.97
C ARG B 652 -20.39 8.85 9.69
N ALA B 653 -20.39 7.61 9.22
CA ALA B 653 -20.86 7.29 7.87
C ALA B 653 -22.36 7.34 7.70
N GLU B 654 -23.13 7.21 8.77
CA GLU B 654 -24.59 7.25 8.65
C GLU B 654 -25.12 8.63 8.36
N ASN B 655 -24.39 9.68 8.74
CA ASN B 655 -24.78 11.07 8.47
C ASN B 655 -24.37 11.52 7.08
N PHE B 656 -23.68 10.68 6.32
CA PHE B 656 -23.29 10.96 4.95
C PHE B 656 -24.44 10.79 3.97
N LYS B 657 -25.62 10.40 4.45
CA LYS B 657 -26.77 10.21 3.58
C LYS B 657 -27.44 11.51 3.20
N GLN B 658 -27.12 12.61 3.88
CA GLN B 658 -27.63 13.94 3.56
C GLN B 658 -26.64 14.77 2.76
N VAL B 659 -25.56 14.15 2.29
CA VAL B 659 -24.43 14.85 1.71
C VAL B 659 -24.10 14.22 0.36
N GLU B 660 -23.55 15.02 -0.54
CA GLU B 660 -22.93 14.53 -1.76
C GLU B 660 -21.42 14.54 -1.57
N TYR B 661 -20.79 13.39 -1.81
CA TYR B 661 -19.40 13.18 -1.44
C TYR B 661 -18.59 12.82 -2.68
N LEU B 662 -17.44 13.46 -2.84
CA LEU B 662 -16.46 13.08 -3.85
C LEU B 662 -15.17 12.75 -3.13
N LEU B 663 -14.69 11.53 -3.32
CA LEU B 663 -13.53 11.01 -2.62
C LEU B 663 -12.45 10.72 -3.65
N ILE B 664 -11.36 11.47 -3.59
CA ILE B 664 -10.28 11.38 -4.57
C ILE B 664 -9.01 10.95 -3.83
N HIS B 665 -8.27 10.03 -4.44
CA HIS B 665 -7.03 9.57 -3.82
C HIS B 665 -6.11 9.01 -4.90
N GLY B 666 -4.82 9.25 -4.77
CA GLY B 666 -3.84 8.65 -5.67
C GLY B 666 -3.39 7.30 -5.13
N THR B 667 -3.40 6.29 -6.00
CA THR B 667 -3.17 4.91 -5.56
C THR B 667 -1.72 4.65 -5.17
N ALA B 668 -0.77 5.50 -5.56
CA ALA B 668 0.62 5.33 -5.18
C ALA B 668 1.02 6.31 -4.08
N ASP B 669 0.03 6.82 -3.34
CA ASP B 669 0.29 7.79 -2.30
C ASP B 669 1.15 7.20 -1.19
N ASP B 670 2.21 7.91 -0.84
CA ASP B 670 3.18 7.49 0.16
C ASP B 670 3.00 8.19 1.50
N ASN B 671 2.39 9.38 1.51
CA ASN B 671 2.23 10.16 2.73
C ASN B 671 0.92 9.81 3.43
N VAL B 672 -0.20 10.00 2.74
CA VAL B 672 -1.52 9.63 3.23
C VAL B 672 -2.00 8.50 2.35
N HIS B 673 -1.82 7.27 2.82
CA HIS B 673 -1.91 6.09 1.97
C HIS B 673 -3.32 5.92 1.41
N PHE B 674 -3.42 5.08 0.38
CA PHE B 674 -4.72 4.76 -0.20
C PHE B 674 -5.59 3.97 0.77
N GLN B 675 -5.00 3.44 1.83
CA GLN B 675 -5.76 2.77 2.87
C GLN B 675 -6.81 3.68 3.48
N GLN B 676 -6.50 4.97 3.62
CA GLN B 676 -7.46 5.92 4.20
C GLN B 676 -8.75 5.94 3.40
N SER B 677 -8.65 6.17 2.09
CA SER B 677 -9.82 6.26 1.24
C SER B 677 -10.48 4.91 1.03
N ALA B 678 -9.69 3.84 1.00
CA ALA B 678 -10.28 2.50 0.91
C ALA B 678 -11.16 2.21 2.10
N GLN B 679 -10.71 2.56 3.31
CA GLN B 679 -11.49 2.32 4.50
C GLN B 679 -12.66 3.29 4.65
N ILE B 680 -12.56 4.50 4.11
CA ILE B 680 -13.75 5.36 4.05
C ILE B 680 -14.79 4.75 3.12
N SER B 681 -14.37 4.35 1.93
CA SER B 681 -15.33 3.83 0.95
C SER B 681 -15.98 2.56 1.45
N LYS B 682 -15.21 1.68 2.11
CA LYS B 682 -15.79 0.48 2.68
C LYS B 682 -16.85 0.80 3.72
N ALA B 683 -16.60 1.78 4.58
CA ALA B 683 -17.53 2.16 5.64
C ALA B 683 -18.78 2.82 5.10
N LEU B 684 -18.70 3.55 3.99
CA LEU B 684 -19.90 4.08 3.35
C LEU B 684 -20.65 3.09 2.49
N VAL B 685 -19.98 2.05 1.96
CA VAL B 685 -20.69 0.99 1.26
C VAL B 685 -21.42 0.10 2.25
N ASP B 686 -20.76 -0.22 3.38
CA ASP B 686 -21.32 -1.13 4.37
C ASP B 686 -22.59 -0.62 5.02
N VAL B 687 -22.89 0.68 4.89
CA VAL B 687 -24.08 1.26 5.49
C VAL B 687 -25.07 1.77 4.45
N GLY B 688 -24.70 1.84 3.18
CA GLY B 688 -25.63 2.18 2.13
C GLY B 688 -25.62 3.62 1.68
N VAL B 689 -24.48 4.31 1.77
CA VAL B 689 -24.38 5.71 1.39
C VAL B 689 -23.81 5.81 -0.02
N ASP B 690 -24.51 6.53 -0.89
CA ASP B 690 -24.06 6.72 -2.26
C ASP B 690 -23.09 7.89 -2.33
N PHE B 691 -22.01 7.70 -3.06
CA PHE B 691 -20.98 8.72 -3.19
C PHE B 691 -20.22 8.48 -4.48
N GLN B 692 -19.43 9.47 -4.88
CA GLN B 692 -18.58 9.36 -6.05
C GLN B 692 -17.12 9.24 -5.62
N ALA B 693 -16.35 8.49 -6.40
CA ALA B 693 -14.96 8.21 -6.08
C ALA B 693 -14.14 8.30 -7.35
N MET B 694 -12.85 8.56 -7.17
CA MET B 694 -11.90 8.59 -8.29
C MET B 694 -10.51 8.28 -7.76
N TRP B 695 -9.84 7.35 -8.44
CA TRP B 695 -8.47 7.00 -8.11
C TRP B 695 -7.57 7.50 -9.24
N TYR B 696 -6.35 7.88 -8.89
CA TYR B 696 -5.35 8.28 -9.86
C TYR B 696 -4.19 7.31 -9.78
N THR B 697 -3.91 6.65 -10.89
CA THR B 697 -2.92 5.58 -10.90
C THR B 697 -1.51 6.16 -10.88
N ASP B 698 -0.66 5.59 -10.02
CA ASP B 698 0.75 5.88 -9.89
C ASP B 698 1.00 7.27 -9.32
N GLU B 699 0.02 7.90 -8.68
CA GLU B 699 0.16 9.27 -8.22
C GLU B 699 0.37 9.33 -6.72
N ASP B 700 1.23 10.25 -6.30
CA ASP B 700 1.59 10.43 -4.90
C ASP B 700 0.63 11.44 -4.26
N HIS B 701 0.98 11.92 -3.06
CA HIS B 701 0.07 12.78 -2.31
C HIS B 701 -0.27 14.05 -3.06
N GLY B 702 0.75 14.80 -3.46
CA GLY B 702 0.53 16.00 -4.24
C GLY B 702 0.38 15.75 -5.72
N ILE B 703 -0.81 15.34 -6.17
CA ILE B 703 -1.03 15.00 -7.56
C ILE B 703 -0.57 16.16 -8.41
N ALA B 704 0.48 15.94 -9.21
CA ALA B 704 1.22 17.03 -9.82
C ALA B 704 1.56 16.78 -11.28
N SER B 705 1.52 15.53 -11.74
CA SER B 705 1.72 15.25 -13.15
C SER B 705 0.79 16.12 -13.97
N SER B 706 1.34 16.74 -15.03
CA SER B 706 0.58 17.74 -15.76
C SER B 706 -0.77 17.20 -16.22
N THR B 707 -0.79 15.99 -16.77
CA THR B 707 -2.05 15.39 -17.17
C THR B 707 -2.97 15.15 -15.98
N ALA B 708 -2.43 14.65 -14.86
CA ALA B 708 -3.26 14.35 -13.71
C ALA B 708 -3.67 15.61 -12.96
N HIS B 709 -2.76 16.59 -12.86
CA HIS B 709 -3.13 17.85 -12.23
C HIS B 709 -4.20 18.57 -13.05
N GLN B 710 -4.15 18.41 -14.37
CA GLN B 710 -5.19 18.98 -15.21
C GLN B 710 -6.49 18.19 -15.10
N HIS B 711 -6.40 16.88 -14.88
CA HIS B 711 -7.59 16.05 -14.83
C HIS B 711 -8.36 16.24 -13.52
N ILE B 712 -7.63 16.33 -12.40
CA ILE B 712 -8.30 16.37 -11.09
C ILE B 712 -9.10 17.66 -10.95
N TYR B 713 -8.55 18.78 -11.40
CA TYR B 713 -9.24 20.04 -11.23
C TYR B 713 -10.40 20.18 -12.21
N THR B 714 -10.27 19.57 -13.40
CA THR B 714 -11.38 19.54 -14.34
C THR B 714 -12.52 18.66 -13.85
N HIS B 715 -12.19 17.58 -13.13
CA HIS B 715 -13.18 16.70 -12.50
C HIS B 715 -13.87 17.40 -11.33
N MET B 716 -13.09 18.04 -10.46
CA MET B 716 -13.62 18.74 -9.30
C MET B 716 -14.46 19.94 -9.70
N SER B 717 -14.07 20.68 -10.73
CA SER B 717 -14.85 21.82 -11.21
C SER B 717 -16.13 21.40 -11.92
N HIS B 718 -16.25 20.15 -12.32
CA HIS B 718 -17.51 19.60 -12.79
C HIS B 718 -18.39 19.15 -11.64
N PHE B 719 -17.81 18.52 -10.63
CA PHE B 719 -18.58 18.15 -9.45
C PHE B 719 -19.16 19.38 -8.76
N ILE B 720 -18.35 20.42 -8.59
CA ILE B 720 -18.83 21.64 -7.95
C ILE B 720 -19.92 22.30 -8.77
N LYS B 721 -19.74 22.35 -10.10
CA LYS B 721 -20.76 22.94 -10.97
C LYS B 721 -22.06 22.15 -10.96
N GLN B 722 -21.98 20.84 -10.73
CA GLN B 722 -23.19 20.04 -10.58
C GLN B 722 -23.86 20.29 -9.24
N CYS B 723 -23.06 20.38 -8.16
CA CYS B 723 -23.59 20.72 -6.85
C CYS B 723 -24.35 22.05 -6.88
N PHE B 724 -23.72 23.09 -7.42
CA PHE B 724 -24.27 24.44 -7.34
C PHE B 724 -25.26 24.73 -8.46
N SER B 725 -25.69 23.71 -9.19
CA SER B 725 -26.67 23.86 -10.26
C SER B 725 -26.22 24.85 -11.32
N ARG C 1 -51.19 -1.29 -10.91
CA ARG C 1 -50.37 -2.25 -10.17
C ARG C 1 -49.02 -1.65 -9.82
N LYS C 2 -48.15 -2.47 -9.23
CA LYS C 2 -46.81 -2.07 -8.88
C LYS C 2 -45.83 -2.62 -9.90
N THR C 3 -44.58 -2.17 -9.82
CA THR C 3 -43.53 -2.59 -10.74
C THR C 3 -42.38 -3.20 -9.95
N TYR C 4 -41.57 -3.99 -10.66
CA TYR C 4 -40.32 -4.48 -10.08
C TYR C 4 -39.39 -3.31 -9.80
N THR C 5 -38.98 -3.18 -8.54
CA THR C 5 -38.19 -2.04 -8.11
C THR C 5 -36.81 -2.51 -7.67
N LEU C 6 -35.93 -1.54 -7.42
CA LEU C 6 -34.63 -1.87 -6.86
C LEU C 6 -34.76 -2.50 -5.48
N THR C 7 -35.79 -2.12 -4.72
CA THR C 7 -36.05 -2.79 -3.45
C THR C 7 -36.44 -4.24 -3.68
N ASP C 8 -37.28 -4.51 -4.69
CA ASP C 8 -37.71 -5.87 -4.95
C ASP C 8 -36.56 -6.72 -5.48
N TYR C 9 -35.64 -6.12 -6.23
CA TYR C 9 -34.53 -6.88 -6.79
C TYR C 9 -33.44 -7.11 -5.75
N LEU C 10 -33.03 -6.05 -5.04
CA LEU C 10 -31.89 -6.16 -4.14
C LEU C 10 -32.26 -6.80 -2.80
N LYS C 11 -33.55 -6.93 -2.49
CA LYS C 11 -34.00 -7.63 -1.30
C LYS C 11 -34.61 -8.99 -1.60
N ASN C 12 -34.75 -9.34 -2.88
CA ASN C 12 -35.35 -10.61 -3.30
C ASN C 12 -36.76 -10.78 -2.73
N THR C 13 -37.60 -9.77 -2.97
CA THR C 13 -38.98 -9.86 -2.52
C THR C 13 -39.70 -11.03 -3.17
N TYR C 14 -39.47 -11.22 -4.47
CA TYR C 14 -40.10 -12.30 -5.24
C TYR C 14 -39.03 -13.34 -5.54
N ARG C 15 -39.23 -14.56 -5.04
CA ARG C 15 -38.22 -15.60 -5.08
C ARG C 15 -38.72 -16.79 -5.90
N LEU C 16 -37.77 -17.47 -6.53
CA LEU C 16 -38.04 -18.69 -7.29
C LEU C 16 -37.74 -19.89 -6.41
N LYS C 17 -38.75 -20.75 -6.21
CA LYS C 17 -38.56 -21.96 -5.43
C LYS C 17 -37.89 -23.03 -6.29
N LEU C 18 -36.99 -23.78 -5.69
CA LEU C 18 -36.20 -24.79 -6.38
C LEU C 18 -36.28 -26.11 -5.63
N TYR C 19 -36.48 -27.21 -6.37
CA TYR C 19 -36.61 -28.54 -5.78
C TYR C 19 -35.28 -29.27 -5.96
N SER C 20 -34.32 -28.91 -5.13
CA SER C 20 -32.99 -29.53 -5.18
C SER C 20 -33.03 -30.87 -4.46
N LEU C 21 -33.02 -31.95 -5.24
CA LEU C 21 -33.01 -33.31 -4.70
C LEU C 21 -31.63 -33.91 -4.88
N ARG C 22 -31.49 -35.17 -4.45
CA ARG C 22 -30.19 -35.85 -4.46
C ARG C 22 -30.44 -37.35 -4.51
N TRP C 23 -30.25 -37.94 -5.70
CA TRP C 23 -30.47 -39.37 -5.87
C TRP C 23 -29.44 -40.18 -5.09
N ILE C 24 -29.87 -41.32 -4.54
CA ILE C 24 -28.97 -42.24 -3.86
C ILE C 24 -29.14 -43.68 -4.33
N SER C 25 -30.14 -43.97 -5.13
CA SER C 25 -30.39 -45.35 -5.57
C SER C 25 -31.26 -45.29 -6.82
N ASP C 26 -31.77 -46.46 -7.22
CA ASP C 26 -32.59 -46.54 -8.42
C ASP C 26 -33.91 -45.78 -8.26
N HIS C 27 -34.42 -45.67 -7.02
CA HIS C 27 -35.77 -45.19 -6.80
C HIS C 27 -35.92 -44.24 -5.62
N GLU C 28 -34.85 -43.82 -4.97
CA GLU C 28 -34.95 -42.95 -3.81
C GLU C 28 -34.05 -41.73 -3.97
N TYR C 29 -34.57 -40.56 -3.60
CA TYR C 29 -33.78 -39.34 -3.51
C TYR C 29 -33.99 -38.69 -2.15
N LEU C 30 -33.06 -37.81 -1.77
CA LEU C 30 -33.10 -37.10 -0.50
C LEU C 30 -33.37 -35.62 -0.75
N TYR C 31 -34.48 -35.14 -0.19
CA TYR C 31 -34.86 -33.75 -0.25
C TYR C 31 -34.84 -33.18 1.17
N LYS C 32 -34.30 -31.97 1.30
CA LYS C 32 -34.26 -31.30 2.60
C LYS C 32 -35.47 -30.37 2.69
N GLN C 33 -36.46 -30.78 3.49
CA GLN C 33 -37.57 -29.93 3.86
C GLN C 33 -37.14 -29.21 5.14
N GLU C 34 -38.10 -28.64 5.88
CA GLU C 34 -37.91 -27.47 6.77
C GLU C 34 -36.50 -27.51 7.36
N ASN C 35 -36.13 -28.54 8.10
CA ASN C 35 -34.73 -28.85 8.38
C ASN C 35 -34.46 -30.34 8.34
N ASN C 36 -35.48 -31.16 8.07
CA ASN C 36 -35.32 -32.60 8.06
C ASN C 36 -34.83 -33.07 6.70
N ILE C 37 -34.00 -34.10 6.69
CA ILE C 37 -33.56 -34.76 5.47
C ILE C 37 -34.53 -35.91 5.24
N LEU C 38 -35.29 -35.84 4.16
CA LEU C 38 -36.29 -36.86 3.88
C LEU C 38 -35.78 -37.85 2.83
N VAL C 39 -36.52 -38.94 2.69
CA VAL C 39 -36.29 -39.94 1.65
C VAL C 39 -37.62 -40.18 0.95
N PHE C 40 -37.63 -39.98 -0.37
CA PHE C 40 -38.84 -40.12 -1.17
C PHE C 40 -38.73 -41.34 -2.06
N ASN C 41 -39.70 -42.24 -1.96
CA ASN C 41 -39.81 -43.32 -2.93
C ASN C 41 -40.37 -42.75 -4.24
N ALA C 42 -39.62 -42.95 -5.32
CA ALA C 42 -39.91 -42.26 -6.56
C ALA C 42 -41.10 -42.82 -7.33
N GLU C 43 -41.50 -44.06 -7.08
CA GLU C 43 -42.57 -44.66 -7.86
C GLU C 43 -43.94 -44.16 -7.39
N TYR C 44 -44.11 -43.97 -6.08
CA TYR C 44 -45.39 -43.57 -5.51
C TYR C 44 -45.40 -42.17 -4.91
N GLY C 45 -44.28 -41.69 -4.39
CA GLY C 45 -44.21 -40.36 -3.82
C GLY C 45 -44.26 -40.30 -2.31
N ASN C 46 -44.43 -41.43 -1.63
CA ASN C 46 -44.41 -41.44 -0.18
C ASN C 46 -43.02 -41.07 0.34
N SER C 47 -42.99 -40.45 1.51
CA SER C 47 -41.75 -39.93 2.08
C SER C 47 -41.59 -40.43 3.51
N SER C 48 -40.34 -40.44 3.96
CA SER C 48 -40.00 -40.80 5.33
C SER C 48 -38.81 -39.97 5.75
N VAL C 49 -38.70 -39.74 7.05
CA VAL C 49 -37.69 -38.84 7.60
C VAL C 49 -36.39 -39.62 7.75
N PHE C 50 -35.40 -39.29 6.93
CA PHE C 50 -34.10 -39.95 6.99
C PHE C 50 -33.31 -39.50 8.21
N LEU C 51 -33.40 -38.21 8.55
CA LEU C 51 -32.71 -37.67 9.71
C LEU C 51 -33.49 -36.45 10.19
N GLU C 52 -34.10 -36.56 11.37
CA GLU C 52 -34.81 -35.43 11.96
C GLU C 52 -33.85 -34.29 12.24
N ASN C 53 -34.41 -33.11 12.45
CA ASN C 53 -33.61 -31.90 12.60
C ASN C 53 -32.91 -31.88 13.97
N SER C 54 -32.04 -32.88 14.16
CA SER C 54 -31.14 -32.94 15.29
C SER C 54 -29.83 -32.22 15.03
N THR C 55 -29.79 -31.38 13.99
CA THR C 55 -28.56 -30.66 13.65
C THR C 55 -28.20 -29.64 14.72
N PHE C 56 -29.14 -29.36 15.65
CA PHE C 56 -28.82 -28.49 16.77
C PHE C 56 -28.28 -29.26 17.97
N ASP C 57 -28.08 -30.57 17.84
CA ASP C 57 -27.42 -31.33 18.90
C ASP C 57 -25.99 -30.86 19.09
N GLU C 58 -25.30 -30.56 17.99
CA GLU C 58 -23.98 -29.95 18.10
C GLU C 58 -24.08 -28.57 18.74
N PHE C 59 -24.80 -27.65 18.09
CA PHE C 59 -25.22 -26.37 18.67
C PHE C 59 -24.04 -25.41 18.81
N GLY C 60 -22.83 -25.90 18.57
CA GLY C 60 -21.66 -25.03 18.60
C GLY C 60 -21.29 -24.49 17.25
N HIS C 61 -21.82 -25.07 16.18
CA HIS C 61 -21.46 -24.71 14.82
C HIS C 61 -22.64 -24.96 13.90
N SER C 62 -22.96 -23.97 13.07
CA SER C 62 -24.02 -24.13 12.09
C SER C 62 -23.53 -24.99 10.93
N ILE C 63 -24.38 -25.93 10.51
CA ILE C 63 -24.02 -26.91 9.50
C ILE C 63 -24.20 -26.27 8.12
N ASN C 64 -23.09 -26.05 7.42
CA ASN C 64 -23.16 -25.44 6.10
C ASN C 64 -23.69 -26.41 5.05
N ASP C 65 -23.22 -27.66 5.09
CA ASP C 65 -23.64 -28.65 4.10
C ASP C 65 -23.48 -30.04 4.70
N TYR C 66 -24.02 -31.03 4.00
CA TYR C 66 -24.01 -32.41 4.46
C TYR C 66 -23.77 -33.33 3.28
N SER C 67 -23.26 -34.52 3.57
CA SER C 67 -22.94 -35.52 2.54
C SER C 67 -23.17 -36.90 3.13
N ILE C 68 -24.20 -37.59 2.67
CA ILE C 68 -24.50 -38.93 3.16
C ILE C 68 -23.58 -39.93 2.48
N SER C 69 -23.07 -40.88 3.27
CA SER C 69 -22.32 -41.98 2.70
C SER C 69 -23.18 -42.73 1.69
N PRO C 70 -22.59 -43.16 0.58
CA PRO C 70 -23.42 -43.77 -0.49
C PRO C 70 -24.24 -44.96 -0.02
N ASP C 71 -23.71 -45.78 0.87
CA ASP C 71 -24.51 -46.87 1.42
C ASP C 71 -25.60 -46.34 2.35
N GLY C 72 -25.31 -45.26 3.07
CA GLY C 72 -26.30 -44.60 3.90
C GLY C 72 -26.12 -44.77 5.40
N GLN C 73 -24.91 -45.03 5.86
CA GLN C 73 -24.66 -45.28 7.28
C GLN C 73 -23.81 -44.20 7.94
N PHE C 74 -23.55 -43.09 7.25
CA PHE C 74 -22.77 -41.99 7.82
C PHE C 74 -23.20 -40.70 7.15
N ILE C 75 -22.67 -39.59 7.64
CA ILE C 75 -22.94 -38.28 7.08
C ILE C 75 -21.88 -37.30 7.55
N LEU C 76 -21.44 -36.43 6.65
CA LEU C 76 -20.45 -35.40 6.96
C LEU C 76 -21.16 -34.08 7.24
N LEU C 77 -20.60 -33.29 8.14
CA LEU C 77 -21.19 -32.03 8.56
C LEU C 77 -20.16 -30.92 8.45
N GLU C 78 -20.35 -30.02 7.48
CA GLU C 78 -19.46 -28.88 7.28
C GLU C 78 -19.75 -27.80 8.31
N TYR C 79 -18.69 -27.11 8.74
CA TYR C 79 -18.83 -25.86 9.48
C TYR C 79 -17.52 -25.10 9.38
N ASN C 80 -17.55 -23.83 9.76
CA ASN C 80 -16.41 -22.92 9.65
C ASN C 80 -15.98 -22.74 8.19
N TYR C 81 -16.96 -22.78 7.28
CA TYR C 81 -16.69 -22.60 5.85
C TYR C 81 -16.06 -21.24 5.58
N VAL C 82 -14.96 -21.25 4.83
CA VAL C 82 -14.24 -20.05 4.43
C VAL C 82 -13.92 -20.15 2.95
N LYS C 83 -14.34 -19.14 2.18
CA LYS C 83 -14.19 -19.15 0.74
C LYS C 83 -12.85 -18.56 0.32
N GLN C 84 -12.12 -19.31 -0.54
CA GLN C 84 -10.88 -18.81 -1.12
C GLN C 84 -11.17 -18.24 -2.49
N TRP C 85 -11.57 -19.05 -3.47
CA TRP C 85 -11.84 -18.61 -4.84
C TRP C 85 -13.24 -19.06 -5.23
N ARG C 86 -13.58 -18.98 -6.52
CA ARG C 86 -14.94 -19.31 -6.95
C ARG C 86 -15.33 -20.73 -6.56
N HIS C 87 -14.42 -21.69 -6.72
CA HIS C 87 -14.70 -23.07 -6.37
C HIS C 87 -13.93 -23.55 -5.14
N SER C 88 -12.87 -22.87 -4.74
CA SER C 88 -12.08 -23.31 -3.62
C SER C 88 -12.64 -22.78 -2.31
N TYR C 89 -12.40 -23.53 -1.23
CA TYR C 89 -12.77 -23.11 0.11
C TYR C 89 -12.15 -24.04 1.15
N THR C 90 -12.30 -23.71 2.42
CA THR C 90 -11.88 -24.55 3.52
C THR C 90 -13.00 -24.64 4.54
N ALA C 91 -13.05 -25.76 5.24
CA ALA C 91 -14.11 -25.99 6.23
C ALA C 91 -13.64 -27.05 7.19
N SER C 92 -14.36 -27.17 8.31
CA SER C 92 -14.14 -28.22 9.29
C SER C 92 -15.32 -29.17 9.25
N TYR C 93 -15.04 -30.46 9.45
CA TYR C 93 -16.04 -31.50 9.23
C TYR C 93 -16.18 -32.38 10.46
N ASP C 94 -17.38 -32.92 10.63
CA ASP C 94 -17.67 -33.93 11.64
C ASP C 94 -18.41 -35.08 10.97
N ILE C 95 -18.21 -36.28 11.51
CA ILE C 95 -18.85 -37.48 10.98
C ILE C 95 -19.89 -37.95 11.99
N TYR C 96 -21.13 -38.09 11.52
CA TYR C 96 -22.24 -38.51 12.36
C TYR C 96 -22.67 -39.91 11.95
N ASP C 97 -22.59 -40.85 12.90
CA ASP C 97 -22.98 -42.23 12.64
C ASP C 97 -24.49 -42.33 12.62
N LEU C 98 -25.04 -42.66 11.47
CA LEU C 98 -26.48 -42.78 11.28
C LEU C 98 -27.01 -44.13 11.75
N ASN C 99 -26.14 -45.01 12.23
CA ASN C 99 -26.54 -46.34 12.66
C ASN C 99 -26.76 -46.45 14.16
N LYS C 100 -25.84 -45.98 15.00
CA LYS C 100 -26.12 -46.16 16.41
C LYS C 100 -27.04 -45.06 16.91
N ARG C 101 -26.49 -43.91 17.27
CA ARG C 101 -27.11 -42.60 17.07
C ARG C 101 -26.01 -41.54 17.14
N GLN C 102 -24.77 -41.99 17.30
CA GLN C 102 -23.74 -41.22 17.98
C GLN C 102 -22.80 -40.52 17.02
N LEU C 103 -22.43 -39.28 17.36
CA LEU C 103 -21.45 -38.53 16.58
C LEU C 103 -20.04 -39.00 16.91
N ILE C 104 -19.25 -39.25 15.88
CA ILE C 104 -17.92 -39.82 16.04
C ILE C 104 -16.94 -38.73 16.47
N THR C 105 -16.21 -38.99 17.56
CA THR C 105 -15.18 -38.09 18.06
C THR C 105 -13.78 -38.70 17.97
N GLU C 106 -13.64 -39.85 17.33
CA GLU C 106 -12.36 -40.54 17.23
C GLU C 106 -11.71 -40.25 15.88
N GLU C 107 -10.45 -39.79 15.92
CA GLU C 107 -9.70 -39.41 14.74
C GLU C 107 -10.52 -38.55 13.79
N ARG C 108 -10.90 -37.35 14.25
CA ARG C 108 -11.72 -36.44 13.47
C ARG C 108 -10.92 -35.83 12.33
N ILE C 109 -11.63 -35.38 11.30
CA ILE C 109 -11.00 -34.72 10.16
C ILE C 109 -10.41 -33.39 10.62
N PRO C 110 -9.20 -33.02 10.18
CA PRO C 110 -8.59 -31.77 10.63
C PRO C 110 -9.47 -30.55 10.34
N ASN C 111 -9.17 -29.47 11.07
CA ASN C 111 -10.00 -28.26 10.95
C ASN C 111 -9.85 -27.59 9.59
N ASN C 112 -8.63 -27.37 9.13
CA ASN C 112 -8.41 -26.60 7.90
C ASN C 112 -8.34 -27.53 6.69
N THR C 113 -9.37 -28.35 6.56
CA THR C 113 -9.44 -29.29 5.44
C THR C 113 -9.87 -28.55 4.17
N GLN C 114 -9.28 -28.94 3.05
CA GLN C 114 -9.51 -28.28 1.76
C GLN C 114 -10.54 -28.98 0.90
N TRP C 115 -10.47 -30.32 0.80
CA TRP C 115 -11.45 -31.09 0.06
C TRP C 115 -11.74 -32.38 0.82
N VAL C 116 -12.98 -32.86 0.73
CA VAL C 116 -13.38 -34.14 1.30
C VAL C 116 -14.38 -34.79 0.34
N THR C 117 -14.26 -36.09 0.13
CA THR C 117 -15.18 -36.82 -0.74
C THR C 117 -15.38 -38.23 -0.23
N TRP C 118 -16.54 -38.80 -0.58
CA TRP C 118 -16.91 -40.16 -0.26
C TRP C 118 -16.58 -41.08 -1.44
N SER C 119 -16.19 -42.31 -1.13
CA SER C 119 -16.02 -43.29 -2.19
C SER C 119 -17.38 -43.61 -2.81
N PRO C 120 -17.44 -43.82 -4.13
CA PRO C 120 -18.75 -44.02 -4.77
C PRO C 120 -19.52 -45.22 -4.25
N VAL C 121 -18.82 -46.26 -3.80
CA VAL C 121 -19.44 -47.42 -3.19
C VAL C 121 -18.72 -47.69 -1.87
N GLY C 122 -19.46 -47.68 -0.78
CA GLY C 122 -18.89 -47.87 0.54
C GLY C 122 -18.90 -46.58 1.34
N HIS C 123 -18.06 -46.56 2.36
CA HIS C 123 -17.96 -45.42 3.27
C HIS C 123 -16.50 -45.07 3.52
N LYS C 124 -15.73 -44.96 2.44
CA LYS C 124 -14.34 -44.58 2.50
C LYS C 124 -14.20 -43.09 2.18
N LEU C 125 -13.32 -42.42 2.89
CA LEU C 125 -13.12 -40.98 2.76
C LEU C 125 -11.70 -40.67 2.34
N ALA C 126 -11.54 -39.80 1.35
CA ALA C 126 -10.26 -39.21 1.01
C ALA C 126 -10.38 -37.70 1.11
N TYR C 127 -9.47 -37.08 1.87
CA TYR C 127 -9.50 -35.65 2.08
C TYR C 127 -8.12 -35.05 1.87
N VAL C 128 -8.09 -33.76 1.61
CA VAL C 128 -6.86 -33.02 1.38
C VAL C 128 -6.68 -32.04 2.53
N TRP C 129 -5.50 -32.08 3.16
CA TRP C 129 -5.17 -31.18 4.25
C TRP C 129 -3.73 -30.74 4.08
N ASN C 130 -3.53 -29.43 3.94
CA ASN C 130 -2.20 -28.86 3.68
C ASN C 130 -1.59 -29.44 2.41
N ASN C 131 -2.39 -29.49 1.34
CA ASN C 131 -1.96 -29.97 0.03
C ASN C 131 -1.46 -31.42 0.08
N ASP C 132 -2.08 -32.25 0.91
CA ASP C 132 -1.67 -33.64 1.06
C ASP C 132 -2.91 -34.51 1.16
N ILE C 133 -2.84 -35.72 0.65
CA ILE C 133 -4.00 -36.59 0.56
C ILE C 133 -3.97 -37.62 1.67
N TYR C 134 -5.08 -37.77 2.38
CA TYR C 134 -5.23 -38.79 3.42
C TYR C 134 -6.50 -39.58 3.12
N VAL C 135 -6.46 -40.89 3.41
CA VAL C 135 -7.57 -41.80 3.11
C VAL C 135 -7.98 -42.49 4.40
N LYS C 136 -9.29 -42.43 4.70
CA LYS C 136 -9.87 -43.08 5.87
C LYS C 136 -10.70 -44.27 5.40
N ILE C 137 -10.21 -45.48 5.65
CA ILE C 137 -10.97 -46.67 5.29
C ILE C 137 -12.25 -46.74 6.11
N GLU C 138 -12.16 -46.47 7.41
CA GLU C 138 -13.31 -46.41 8.30
C GLU C 138 -13.31 -45.08 9.03
N PRO C 139 -14.47 -44.44 9.19
CA PRO C 139 -14.50 -43.15 9.89
C PRO C 139 -13.95 -43.21 11.31
N ASN C 140 -14.15 -44.34 12.00
CA ASN C 140 -13.57 -44.50 13.32
C ASN C 140 -12.04 -44.54 13.25
N LEU C 141 -11.50 -45.27 12.28
CA LEU C 141 -10.08 -45.56 12.21
C LEU C 141 -9.29 -44.32 11.76
N PRO C 142 -8.00 -44.27 12.04
CA PRO C 142 -7.18 -43.14 11.58
C PRO C 142 -6.96 -43.19 10.07
N SER C 143 -6.34 -42.13 9.57
CA SER C 143 -6.15 -41.93 8.14
C SER C 143 -4.71 -42.24 7.74
N TYR C 144 -4.55 -42.78 6.53
CA TYR C 144 -3.24 -43.09 5.97
C TYR C 144 -2.83 -41.97 5.03
N ARG C 145 -1.64 -41.42 5.23
CA ARG C 145 -1.15 -40.37 4.36
C ARG C 145 -0.69 -40.95 3.03
N ILE C 146 -1.07 -40.30 1.93
CA ILE C 146 -0.72 -40.75 0.60
C ILE C 146 0.46 -39.96 0.06
N THR C 147 0.33 -38.65 -0.02
CA THR C 147 1.32 -37.77 -0.62
C THR C 147 2.06 -36.99 0.45
N TRP C 148 3.38 -36.93 0.34
CA TRP C 148 4.22 -36.22 1.29
C TRP C 148 4.88 -34.98 0.69
N THR C 149 4.52 -34.61 -0.54
CA THR C 149 5.20 -33.52 -1.24
C THR C 149 4.38 -32.24 -1.30
N GLY C 150 3.30 -32.15 -0.54
CA GLY C 150 2.47 -30.96 -0.58
C GLY C 150 3.15 -29.75 0.04
N LYS C 151 2.95 -28.60 -0.59
CA LYS C 151 3.49 -27.33 -0.11
C LYS C 151 2.54 -26.23 -0.53
N GLU C 152 2.53 -25.13 0.24
CA GLU C 152 1.60 -24.04 0.00
C GLU C 152 2.08 -23.20 -1.17
N ASP C 153 1.22 -23.04 -2.17
CA ASP C 153 1.45 -22.26 -3.39
C ASP C 153 2.59 -22.79 -4.24
N ILE C 154 3.06 -24.01 -3.99
CA ILE C 154 4.13 -24.59 -4.80
C ILE C 154 3.65 -25.92 -5.39
N ILE C 155 3.29 -26.87 -4.52
CA ILE C 155 2.88 -28.20 -4.94
C ILE C 155 1.47 -28.46 -4.44
N TYR C 156 0.56 -28.77 -5.35
CA TYR C 156 -0.85 -29.03 -5.02
C TYR C 156 -1.12 -30.50 -5.28
N ASN C 157 -1.22 -31.29 -4.21
CA ASN C 157 -1.47 -32.72 -4.32
C ASN C 157 -2.96 -32.98 -4.11
N GLY C 158 -3.66 -33.35 -5.17
CA GLY C 158 -5.06 -33.69 -5.08
C GLY C 158 -6.03 -32.54 -5.25
N ILE C 159 -5.53 -31.31 -5.36
CA ILE C 159 -6.38 -30.15 -5.60
C ILE C 159 -5.74 -29.33 -6.71
N THR C 160 -6.54 -28.48 -7.32
CA THR C 160 -6.06 -27.65 -8.41
C THR C 160 -5.58 -26.29 -7.89
N ASP C 161 -4.63 -25.72 -8.61
CA ASP C 161 -4.17 -24.36 -8.33
C ASP C 161 -5.15 -23.35 -8.93
N TRP C 162 -4.75 -22.08 -8.97
CA TRP C 162 -5.68 -21.06 -9.45
C TRP C 162 -6.06 -21.28 -10.90
N VAL C 163 -5.07 -21.50 -11.77
CA VAL C 163 -5.34 -21.48 -13.20
C VAL C 163 -6.14 -22.71 -13.61
N TYR C 164 -5.79 -23.90 -13.12
CA TYR C 164 -6.52 -25.10 -13.45
C TYR C 164 -7.95 -25.05 -12.93
N GLU C 165 -8.13 -24.63 -11.68
CA GLU C 165 -9.47 -24.50 -11.11
C GLU C 165 -10.31 -23.50 -11.88
N GLU C 166 -9.73 -22.38 -12.26
CA GLU C 166 -10.51 -21.34 -12.91
C GLU C 166 -10.87 -21.73 -14.34
N GLU C 167 -9.92 -22.26 -15.11
CA GLU C 167 -10.14 -22.48 -16.53
C GLU C 167 -10.22 -23.95 -16.89
N VAL C 168 -9.25 -24.77 -16.50
CA VAL C 168 -9.15 -26.11 -17.07
C VAL C 168 -10.19 -27.03 -16.44
N PHE C 169 -10.06 -27.30 -15.14
CA PHE C 169 -10.94 -28.31 -14.54
C PHE C 169 -12.26 -27.71 -14.12
N SER C 170 -12.30 -26.39 -13.89
CA SER C 170 -13.49 -25.71 -13.40
C SER C 170 -14.00 -26.33 -12.10
N ALA C 171 -13.06 -26.73 -11.25
CA ALA C 171 -13.39 -27.36 -9.97
C ALA C 171 -12.15 -27.38 -9.10
N TYR C 172 -12.37 -27.55 -7.80
CA TYR C 172 -11.28 -27.61 -6.83
C TYR C 172 -10.79 -29.03 -6.58
N SER C 173 -11.51 -30.05 -7.05
CA SER C 173 -11.16 -31.44 -6.78
C SER C 173 -10.30 -31.97 -7.92
N ALA C 174 -9.11 -32.45 -7.59
CA ALA C 174 -8.22 -33.08 -8.56
C ALA C 174 -7.88 -34.50 -8.13
N LEU C 175 -8.80 -35.16 -7.45
CA LEU C 175 -8.68 -36.58 -7.13
C LEU C 175 -9.98 -37.29 -7.52
N TRP C 176 -9.85 -38.47 -8.11
CA TRP C 176 -10.96 -39.24 -8.65
C TRP C 176 -10.95 -40.65 -8.09
N TRP C 177 -12.13 -41.15 -7.73
CA TRP C 177 -12.28 -42.48 -7.16
C TRP C 177 -12.67 -43.48 -8.25
N SER C 178 -12.17 -44.70 -8.12
CA SER C 178 -12.52 -45.79 -9.02
C SER C 178 -13.99 -46.14 -8.83
N PRO C 179 -14.63 -46.76 -9.83
CA PRO C 179 -16.08 -47.04 -9.69
C PRO C 179 -16.43 -47.86 -8.45
N ASN C 180 -15.60 -48.83 -8.07
CA ASN C 180 -15.78 -49.54 -6.81
C ASN C 180 -15.12 -48.84 -5.63
N GLY C 181 -14.41 -47.75 -5.88
CA GLY C 181 -13.61 -47.14 -4.84
C GLY C 181 -12.32 -47.87 -4.55
N THR C 182 -11.88 -48.77 -5.43
CA THR C 182 -10.64 -49.48 -5.21
C THR C 182 -9.41 -48.61 -5.45
N PHE C 183 -9.45 -47.77 -6.48
CA PHE C 183 -8.34 -46.93 -6.86
C PHE C 183 -8.68 -45.47 -6.59
N LEU C 184 -7.66 -44.72 -6.16
CA LEU C 184 -7.78 -43.27 -6.01
C LEU C 184 -6.77 -42.61 -6.94
N ALA C 185 -7.27 -41.98 -8.00
CA ALA C 185 -6.43 -41.29 -8.96
C ALA C 185 -6.45 -39.80 -8.66
N TYR C 186 -5.27 -39.19 -8.64
CA TYR C 186 -5.15 -37.78 -8.31
C TYR C 186 -4.10 -37.14 -9.20
N ALA C 187 -4.11 -35.81 -9.23
CA ALA C 187 -3.19 -35.03 -10.04
C ALA C 187 -2.39 -34.09 -9.15
N GLN C 188 -1.09 -34.02 -9.39
CA GLN C 188 -0.17 -33.15 -8.64
C GLN C 188 0.26 -32.00 -9.53
N PHE C 189 0.30 -30.79 -8.97
CA PHE C 189 0.66 -29.59 -9.69
C PHE C 189 1.88 -28.95 -9.07
N ASN C 190 2.61 -28.16 -9.87
CA ASN C 190 3.90 -27.62 -9.48
C ASN C 190 3.98 -26.17 -9.96
N ASP C 191 3.87 -25.22 -9.05
CA ASP C 191 3.85 -23.80 -9.37
C ASP C 191 5.15 -23.11 -8.98
N THR C 192 6.29 -23.80 -9.13
CA THR C 192 7.56 -23.24 -8.67
C THR C 192 7.97 -22.04 -9.49
N GLU C 193 7.86 -22.12 -10.81
CA GLU C 193 8.32 -21.07 -11.71
C GLU C 193 7.20 -20.18 -12.21
N VAL C 194 5.98 -20.35 -11.71
CA VAL C 194 4.87 -19.51 -12.15
C VAL C 194 4.94 -18.16 -11.43
N PRO C 195 4.90 -17.04 -12.16
CA PRO C 195 4.99 -15.73 -11.50
C PRO C 195 3.78 -15.44 -10.63
N LEU C 196 3.99 -14.62 -9.61
CA LEU C 196 2.98 -14.30 -8.62
C LEU C 196 2.37 -12.94 -8.92
N ILE C 197 1.06 -12.82 -8.71
CA ILE C 197 0.39 -11.53 -8.71
C ILE C 197 0.29 -11.04 -7.28
N GLU C 198 0.39 -9.72 -7.10
CA GLU C 198 0.38 -9.11 -5.78
C GLU C 198 -0.58 -7.94 -5.77
N TYR C 199 -1.55 -7.96 -4.86
CA TYR C 199 -2.47 -6.84 -4.68
C TYR C 199 -2.68 -6.65 -3.18
N SER C 200 -3.17 -5.47 -2.82
CA SER C 200 -3.38 -5.11 -1.42
C SER C 200 -4.79 -5.46 -0.99
N PHE C 201 -4.89 -6.38 -0.02
CA PHE C 201 -6.11 -6.62 0.72
C PHE C 201 -5.97 -5.90 2.05
N TYR C 202 -6.86 -4.93 2.31
CA TYR C 202 -6.57 -4.07 3.45
C TYR C 202 -6.94 -4.74 4.76
N SER C 203 -8.23 -4.74 5.11
CA SER C 203 -8.83 -5.55 6.17
C SER C 203 -10.22 -5.04 6.46
N ASP C 204 -10.82 -5.58 7.53
CA ASP C 204 -11.76 -4.76 8.30
C ASP C 204 -11.03 -3.54 8.88
N GLU C 205 -11.81 -2.64 9.48
CA GLU C 205 -11.32 -1.32 9.87
C GLU C 205 -10.15 -1.34 10.83
N SER C 206 -9.95 -2.42 11.59
CA SER C 206 -9.08 -2.39 12.75
C SER C 206 -7.64 -2.84 12.48
N LEU C 207 -7.25 -3.02 11.22
CA LEU C 207 -5.88 -3.42 10.89
C LEU C 207 -5.08 -2.17 10.51
N GLN C 208 -3.94 -1.98 11.17
CA GLN C 208 -3.13 -0.79 10.92
C GLN C 208 -2.48 -0.82 9.54
N TYR C 209 -1.87 -1.96 9.18
CA TYR C 209 -1.11 -2.10 7.94
C TYR C 209 -1.84 -3.02 6.98
N PRO C 210 -2.09 -2.60 5.74
CA PRO C 210 -2.71 -3.51 4.77
C PRO C 210 -1.78 -4.67 4.45
N LYS C 211 -2.38 -5.83 4.20
CA LYS C 211 -1.62 -7.01 3.84
C LYS C 211 -1.60 -7.21 2.33
N THR C 212 -0.61 -7.95 1.87
CA THR C 212 -0.40 -8.22 0.45
C THR C 212 -0.79 -9.66 0.15
N VAL C 213 -1.59 -9.85 -0.90
CA VAL C 213 -2.03 -11.17 -1.32
C VAL C 213 -1.19 -11.57 -2.53
N ARG C 214 -0.50 -12.71 -2.42
CA ARG C 214 0.37 -13.21 -3.48
C ARG C 214 -0.19 -14.54 -3.96
N VAL C 215 -0.63 -14.57 -5.22
CA VAL C 215 -1.22 -15.76 -5.83
C VAL C 215 -0.36 -16.18 -7.03
N PRO C 216 0.00 -17.46 -7.16
CA PRO C 216 0.73 -17.88 -8.36
C PRO C 216 -0.17 -17.82 -9.58
N TYR C 217 0.07 -16.83 -10.43
CA TYR C 217 -0.83 -16.49 -11.52
C TYR C 217 -0.03 -16.39 -12.81
N PRO C 218 -0.21 -17.31 -13.75
CA PRO C 218 0.50 -17.20 -15.03
C PRO C 218 -0.25 -16.32 -16.01
N LYS C 219 0.39 -15.26 -16.48
CA LYS C 219 -0.22 -14.35 -17.45
C LYS C 219 0.15 -14.77 -18.86
N ALA C 220 -0.56 -14.21 -19.83
CA ALA C 220 -0.42 -14.64 -21.22
C ALA C 220 1.03 -14.59 -21.68
N GLY C 221 1.58 -15.76 -21.97
CA GLY C 221 2.96 -15.87 -22.39
C GLY C 221 3.94 -16.20 -21.29
N ALA C 222 3.49 -16.32 -20.04
CA ALA C 222 4.37 -16.60 -18.92
C ALA C 222 4.42 -18.10 -18.64
N VAL C 223 5.28 -18.48 -17.70
CA VAL C 223 5.47 -19.88 -17.37
C VAL C 223 4.20 -20.45 -16.75
N ASN C 224 3.79 -21.62 -17.23
CA ASN C 224 2.60 -22.31 -16.72
C ASN C 224 2.98 -23.30 -15.63
N PRO C 225 2.03 -23.86 -14.90
CA PRO C 225 2.33 -24.95 -13.97
C PRO C 225 2.66 -26.24 -14.71
N THR C 226 3.05 -27.23 -13.92
CA THR C 226 3.38 -28.57 -14.42
C THR C 226 2.51 -29.57 -13.70
N VAL C 227 1.99 -30.55 -14.43
CA VAL C 227 1.04 -31.51 -13.89
C VAL C 227 1.65 -32.91 -13.97
N LYS C 228 1.28 -33.73 -12.99
CA LYS C 228 1.64 -35.15 -12.96
C LYS C 228 0.39 -35.91 -12.55
N PHE C 229 0.24 -37.13 -13.07
CA PHE C 229 -0.91 -37.96 -12.76
C PHE C 229 -0.47 -39.24 -12.06
N PHE C 230 -1.17 -39.59 -10.98
CA PHE C 230 -0.87 -40.78 -10.21
C PHE C 230 -2.16 -41.54 -9.95
N VAL C 231 -2.03 -42.85 -9.73
CA VAL C 231 -3.15 -43.71 -9.36
C VAL C 231 -2.71 -44.59 -8.20
N VAL C 232 -3.55 -44.70 -7.17
CA VAL C 232 -3.23 -45.43 -5.95
C VAL C 232 -4.20 -46.59 -5.80
N ASN C 233 -3.72 -47.69 -5.22
CA ASN C 233 -4.56 -48.83 -4.87
C ASN C 233 -4.87 -48.73 -3.39
N THR C 234 -6.11 -48.40 -3.06
CA THR C 234 -6.47 -48.10 -1.68
C THR C 234 -6.71 -49.37 -0.87
N ASP C 235 -7.01 -50.49 -1.53
CA ASP C 235 -7.28 -51.71 -0.80
C ASP C 235 -6.03 -52.25 -0.12
N SER C 236 -4.87 -52.05 -0.73
CA SER C 236 -3.62 -52.56 -0.19
C SER C 236 -2.90 -51.56 0.71
N LEU C 237 -3.62 -50.64 1.33
CA LEU C 237 -3.01 -49.68 2.23
C LEU C 237 -2.68 -50.33 3.57
N SER C 238 -1.64 -49.83 4.23
CA SER C 238 -1.25 -50.29 5.54
C SER C 238 -0.62 -49.14 6.31
N SER C 239 -0.67 -49.25 7.65
CA SER C 239 -0.11 -48.19 8.48
C SER C 239 1.41 -48.28 8.54
N VAL C 240 1.97 -49.49 8.43
CA VAL C 240 3.40 -49.67 8.57
C VAL C 240 4.18 -49.11 7.38
N THR C 241 3.64 -49.21 6.18
CA THR C 241 4.36 -48.83 4.97
C THR C 241 3.66 -47.68 4.27
N ASN C 242 4.45 -46.74 3.76
CA ASN C 242 3.91 -45.64 2.96
C ASN C 242 3.28 -46.16 1.68
N ALA C 243 2.26 -45.44 1.20
CA ALA C 243 1.58 -45.85 0.00
C ALA C 243 2.48 -45.70 -1.22
N THR C 244 2.13 -46.42 -2.29
CA THR C 244 2.86 -46.38 -3.54
C THR C 244 1.93 -45.87 -4.64
N SER C 245 2.24 -44.69 -5.17
CA SER C 245 1.46 -44.07 -6.23
C SER C 245 2.15 -44.34 -7.56
N ILE C 246 1.43 -44.93 -8.50
CA ILE C 246 1.99 -45.30 -9.79
C ILE C 246 1.65 -44.21 -10.78
N GLN C 247 2.68 -43.57 -11.33
CA GLN C 247 2.48 -42.46 -12.25
C GLN C 247 2.10 -42.97 -13.63
N ILE C 248 1.17 -42.27 -14.28
CA ILE C 248 0.81 -42.51 -15.67
C ILE C 248 1.36 -41.35 -16.47
N THR C 249 2.35 -41.61 -17.31
CA THR C 249 3.05 -40.55 -18.02
C THR C 249 2.28 -40.13 -19.26
N ALA C 250 2.35 -38.84 -19.57
CA ALA C 250 1.63 -38.29 -20.71
C ALA C 250 2.15 -38.90 -22.01
N PRO C 251 1.31 -38.96 -23.04
CA PRO C 251 1.72 -39.60 -24.30
C PRO C 251 2.82 -38.81 -25.00
N ALA C 252 3.57 -39.51 -25.84
CA ALA C 252 4.73 -38.90 -26.48
C ALA C 252 4.36 -37.68 -27.30
N SER C 253 3.11 -37.61 -27.78
CA SER C 253 2.66 -36.45 -28.53
C SER C 253 2.58 -35.18 -27.68
N MET C 254 2.56 -35.31 -26.36
CA MET C 254 2.43 -34.17 -25.46
C MET C 254 3.73 -33.78 -24.79
N LEU C 255 4.61 -34.74 -24.51
CA LEU C 255 5.84 -34.51 -23.77
C LEU C 255 6.83 -33.62 -24.51
N ILE C 256 6.62 -33.37 -25.80
CA ILE C 256 7.60 -32.59 -26.56
C ILE C 256 7.62 -31.13 -26.10
N GLY C 257 6.49 -30.60 -25.66
CA GLY C 257 6.39 -29.21 -25.23
C GLY C 257 5.59 -29.08 -23.96
N ASP C 258 4.87 -27.97 -23.86
CA ASP C 258 4.01 -27.68 -22.72
C ASP C 258 2.61 -28.20 -23.00
N HIS C 259 2.03 -28.89 -22.02
CA HIS C 259 0.75 -29.55 -22.21
C HIS C 259 -0.12 -29.38 -20.96
N TYR C 260 -1.42 -29.61 -21.15
CA TYR C 260 -2.40 -29.57 -20.08
C TYR C 260 -3.04 -30.93 -19.90
N LEU C 261 -3.46 -31.23 -18.67
CA LEU C 261 -4.40 -32.31 -18.42
C LEU C 261 -5.80 -31.74 -18.34
N CYS C 262 -6.72 -32.26 -19.16
CA CYS C 262 -8.02 -31.64 -19.29
C CYS C 262 -9.20 -32.52 -18.91
N ASP C 263 -9.00 -33.81 -18.64
CA ASP C 263 -10.10 -34.69 -18.27
C ASP C 263 -9.55 -35.97 -17.64
N VAL C 264 -10.30 -36.52 -16.70
CA VAL C 264 -10.09 -37.87 -16.18
C VAL C 264 -11.44 -38.56 -16.12
N THR C 265 -11.45 -39.86 -16.40
CA THR C 265 -12.68 -40.64 -16.46
C THR C 265 -12.33 -42.11 -16.33
N TRP C 266 -13.15 -42.84 -15.58
CA TRP C 266 -12.96 -44.26 -15.33
C TRP C 266 -13.89 -45.04 -16.24
N ALA C 267 -13.32 -45.87 -17.11
CA ALA C 267 -14.13 -46.63 -18.05
C ALA C 267 -14.69 -47.90 -17.41
N THR C 268 -13.80 -48.82 -17.05
CA THR C 268 -14.12 -50.03 -16.33
C THR C 268 -13.62 -49.84 -14.89
N GLN C 269 -13.65 -50.89 -14.08
CA GLN C 269 -13.06 -50.84 -12.75
C GLN C 269 -11.54 -50.79 -12.78
N GLU C 270 -10.94 -50.98 -13.96
CA GLU C 270 -9.49 -51.01 -14.09
C GLU C 270 -8.96 -50.27 -15.31
N ARG C 271 -9.75 -49.41 -15.93
CA ARG C 271 -9.37 -48.73 -17.18
C ARG C 271 -9.69 -47.26 -17.07
N ILE C 272 -8.66 -46.42 -17.10
CA ILE C 272 -8.81 -44.98 -16.96
C ILE C 272 -8.85 -44.38 -18.36
N SER C 273 -9.40 -43.18 -18.49
CA SER C 273 -9.39 -42.46 -19.76
C SER C 273 -8.84 -41.05 -19.51
N LEU C 274 -7.52 -40.92 -19.54
CA LEU C 274 -6.90 -39.61 -19.41
C LEU C 274 -6.94 -38.87 -20.74
N GLN C 275 -7.19 -37.57 -20.67
CA GLN C 275 -7.29 -36.73 -21.86
C GLN C 275 -6.36 -35.55 -21.70
N TRP C 276 -5.36 -35.46 -22.57
CA TRP C 276 -4.31 -34.45 -22.48
C TRP C 276 -4.52 -33.41 -23.56
N LEU C 277 -3.93 -32.24 -23.37
CA LEU C 277 -4.03 -31.15 -24.33
C LEU C 277 -2.73 -30.35 -24.30
N ARG C 278 -2.40 -29.71 -25.42
CA ARG C 278 -1.15 -28.97 -25.56
C ARG C 278 -1.38 -27.48 -25.31
N ARG C 279 -0.30 -26.79 -24.94
CA ARG C 279 -0.39 -25.36 -24.69
C ARG C 279 -0.86 -24.62 -25.93
N ILE C 280 -0.39 -25.04 -27.10
CA ILE C 280 -1.04 -24.66 -28.35
C ILE C 280 -2.28 -25.54 -28.49
N GLN C 281 -3.44 -25.01 -28.09
CA GLN C 281 -4.64 -25.81 -27.87
C GLN C 281 -5.34 -26.11 -29.18
N ASN C 282 -4.61 -26.80 -30.06
CA ASN C 282 -5.14 -27.32 -31.31
C ASN C 282 -5.24 -28.83 -31.35
N TYR C 283 -4.70 -29.54 -30.36
CA TYR C 283 -4.39 -30.95 -30.52
C TYR C 283 -4.48 -31.62 -29.15
N SER C 284 -5.34 -32.63 -29.04
CA SER C 284 -5.54 -33.37 -27.81
C SER C 284 -5.44 -34.86 -28.09
N VAL C 285 -4.95 -35.62 -27.11
CA VAL C 285 -4.79 -37.07 -27.22
C VAL C 285 -5.38 -37.72 -25.99
N MET C 286 -6.30 -38.66 -26.20
CA MET C 286 -6.89 -39.42 -25.10
C MET C 286 -6.11 -40.73 -24.91
N ASP C 287 -5.98 -41.15 -23.65
CA ASP C 287 -5.22 -42.35 -23.28
C ASP C 287 -6.15 -43.35 -22.62
N ILE C 288 -6.76 -44.23 -23.41
CA ILE C 288 -7.44 -45.38 -22.82
C ILE C 288 -6.38 -46.28 -22.21
N CYS C 289 -6.45 -46.48 -20.90
CA CYS C 289 -5.26 -46.75 -20.13
C CYS C 289 -5.58 -47.78 -19.05
N ASP C 290 -4.92 -48.94 -19.13
CA ASP C 290 -5.35 -50.13 -18.37
C ASP C 290 -4.38 -50.45 -17.23
N TYR C 291 -4.72 -51.52 -16.49
CA TYR C 291 -4.00 -51.95 -15.30
C TYR C 291 -3.65 -53.44 -15.43
N ASP C 292 -2.40 -53.78 -15.10
CA ASP C 292 -1.97 -55.18 -15.13
C ASP C 292 -2.03 -55.79 -13.74
N GLU C 293 -2.70 -56.94 -13.62
CA GLU C 293 -2.74 -57.64 -12.35
C GLU C 293 -1.36 -58.12 -11.94
N SER C 294 -0.62 -58.72 -12.86
CA SER C 294 0.69 -59.29 -12.53
C SER C 294 1.72 -58.19 -12.27
N SER C 295 1.80 -57.21 -13.18
CA SER C 295 2.81 -56.17 -13.04
C SER C 295 2.44 -55.18 -11.94
N GLY C 296 1.15 -54.88 -11.80
CA GLY C 296 0.72 -53.86 -10.88
C GLY C 296 0.87 -52.45 -11.39
N ARG C 297 1.38 -52.28 -12.61
CA ARG C 297 1.58 -50.98 -13.22
C ARG C 297 0.48 -50.70 -14.21
N TRP C 298 0.37 -49.44 -14.62
CA TRP C 298 -0.59 -49.04 -15.64
C TRP C 298 0.13 -48.83 -16.96
N ASN C 299 0.44 -49.92 -17.67
CA ASN C 299 0.95 -49.80 -19.03
C ASN C 299 -0.22 -49.40 -19.91
N CYS C 300 0.05 -48.58 -20.91
CA CYS C 300 -0.99 -47.71 -21.44
C CYS C 300 -0.74 -47.54 -22.94
N LEU C 301 -1.35 -48.41 -23.74
CA LEU C 301 -0.91 -48.72 -25.09
C LEU C 301 -1.11 -47.54 -26.03
N VAL C 302 -0.43 -47.63 -27.19
CA VAL C 302 -0.45 -46.57 -28.19
C VAL C 302 -1.54 -46.80 -29.24
N ALA C 303 -1.98 -48.04 -29.43
CA ALA C 303 -3.05 -48.33 -30.38
C ALA C 303 -4.41 -47.85 -29.89
N ARG C 304 -4.52 -47.42 -28.63
CA ARG C 304 -5.77 -46.98 -28.05
C ARG C 304 -5.84 -45.47 -27.86
N GLN C 305 -4.86 -44.73 -28.38
CA GLN C 305 -4.89 -43.27 -28.31
C GLN C 305 -5.79 -42.72 -29.42
N HIS C 306 -6.56 -41.70 -29.08
CA HIS C 306 -7.48 -41.07 -30.01
C HIS C 306 -7.13 -39.58 -30.12
N ILE C 307 -6.75 -39.16 -31.32
CA ILE C 307 -6.32 -37.79 -31.58
C ILE C 307 -7.50 -36.99 -32.08
N GLU C 308 -7.74 -35.83 -31.46
CA GLU C 308 -8.68 -34.85 -31.96
C GLU C 308 -7.91 -33.58 -32.28
N MET C 309 -8.17 -33.02 -33.46
CA MET C 309 -7.48 -31.82 -33.91
C MET C 309 -8.50 -30.78 -34.34
N SER C 310 -8.02 -29.56 -34.55
CA SER C 310 -8.84 -28.48 -35.06
C SER C 310 -7.98 -27.60 -35.95
N THR C 311 -8.25 -27.61 -37.26
CA THR C 311 -7.51 -26.75 -38.17
C THR C 311 -7.95 -25.30 -38.03
N THR C 312 -9.26 -25.06 -37.95
CA THR C 312 -9.78 -23.69 -37.94
C THR C 312 -9.60 -23.01 -36.59
N GLY C 313 -9.81 -23.73 -35.49
CA GLY C 313 -9.86 -23.09 -34.19
C GLY C 313 -9.17 -23.83 -33.07
N TRP C 314 -9.90 -24.07 -31.98
CA TRP C 314 -9.37 -24.75 -30.81
C TRP C 314 -10.23 -25.98 -30.54
N VAL C 315 -9.65 -26.95 -29.84
CA VAL C 315 -10.33 -28.21 -29.57
C VAL C 315 -11.37 -28.00 -28.47
N GLY C 316 -12.61 -28.36 -28.76
CA GLY C 316 -13.67 -28.29 -27.77
C GLY C 316 -14.37 -26.95 -27.75
N ARG C 317 -15.45 -26.84 -26.97
CA ARG C 317 -16.08 -25.55 -26.78
C ARG C 317 -15.28 -24.69 -25.82
N PHE C 318 -15.13 -25.16 -24.57
CA PHE C 318 -14.15 -24.62 -23.65
C PHE C 318 -13.05 -25.61 -23.32
N ARG C 319 -13.23 -26.88 -23.67
CA ARG C 319 -12.30 -27.96 -23.35
C ARG C 319 -12.71 -29.17 -24.17
N PRO C 320 -11.81 -30.13 -24.36
CA PRO C 320 -12.23 -31.41 -24.94
C PRO C 320 -13.31 -32.06 -24.09
N SER C 321 -14.28 -32.68 -24.75
CA SER C 321 -15.42 -33.25 -24.06
C SER C 321 -15.00 -34.53 -23.33
N GLU C 322 -15.97 -35.20 -22.73
CA GLU C 322 -15.71 -36.35 -21.88
C GLU C 322 -16.35 -37.61 -22.46
N PRO C 323 -15.66 -38.75 -22.41
CA PRO C 323 -16.20 -39.98 -23.00
C PRO C 323 -17.22 -40.64 -22.07
N HIS C 324 -18.35 -41.03 -22.63
CA HIS C 324 -19.38 -41.79 -21.91
C HIS C 324 -19.21 -43.25 -22.28
N PHE C 325 -18.46 -43.98 -21.48
CA PHE C 325 -18.09 -45.34 -21.82
C PHE C 325 -19.28 -46.30 -21.70
N THR C 326 -19.23 -47.35 -22.49
CA THR C 326 -20.14 -48.47 -22.37
C THR C 326 -19.75 -49.31 -21.16
N LEU C 327 -20.70 -50.11 -20.66
CA LEU C 327 -20.51 -50.81 -19.40
C LEU C 327 -19.27 -51.72 -19.43
N ASP C 328 -19.06 -52.43 -20.54
CA ASP C 328 -17.92 -53.33 -20.62
C ASP C 328 -16.61 -52.57 -20.80
N GLY C 329 -16.68 -51.33 -21.25
CA GLY C 329 -15.50 -50.49 -21.40
C GLY C 329 -14.79 -50.60 -22.72
N ASN C 330 -15.30 -51.40 -23.66
CA ASN C 330 -14.69 -51.56 -24.97
C ASN C 330 -15.21 -50.57 -25.99
N SER C 331 -16.07 -49.63 -25.57
CA SER C 331 -16.60 -48.62 -26.46
C SER C 331 -16.92 -47.38 -25.64
N PHE C 332 -17.02 -46.24 -26.31
CA PHE C 332 -17.43 -45.02 -25.62
C PHE C 332 -18.06 -44.07 -26.61
N TYR C 333 -18.80 -43.11 -26.06
CA TYR C 333 -19.51 -42.10 -26.84
C TYR C 333 -18.96 -40.73 -26.45
N LYS C 334 -18.83 -39.85 -27.43
CA LYS C 334 -18.18 -38.56 -27.20
C LYS C 334 -18.72 -37.55 -28.20
N ILE C 335 -18.71 -36.28 -27.81
CA ILE C 335 -19.19 -35.20 -28.65
C ILE C 335 -17.98 -34.52 -29.30
N ILE C 336 -17.84 -34.65 -30.61
CA ILE C 336 -16.79 -33.98 -31.35
C ILE C 336 -17.39 -33.35 -32.60
N SER C 337 -16.61 -32.46 -33.22
CA SER C 337 -17.06 -31.72 -34.39
C SER C 337 -17.01 -32.57 -35.64
N ASN C 338 -18.04 -32.46 -36.49
CA ASN C 338 -18.07 -33.18 -37.74
C ASN C 338 -17.32 -32.43 -38.84
N GLU C 339 -17.47 -32.91 -40.07
CA GLU C 339 -16.87 -32.25 -41.22
C GLU C 339 -17.58 -30.93 -41.53
N GLU C 340 -18.84 -30.79 -41.12
CA GLU C 340 -19.59 -29.56 -41.32
C GLU C 340 -19.38 -28.55 -40.20
N GLY C 341 -18.68 -28.93 -39.13
CA GLY C 341 -18.35 -28.03 -38.05
C GLY C 341 -19.21 -28.20 -36.80
N TYR C 342 -20.40 -28.76 -36.94
CA TYR C 342 -21.30 -28.90 -35.81
C TYR C 342 -20.88 -30.07 -34.92
N ARG C 343 -21.16 -29.96 -33.63
CA ARG C 343 -20.75 -30.99 -32.68
C ARG C 343 -21.86 -32.01 -32.47
N HIS C 344 -21.51 -33.28 -32.67
CA HIS C 344 -22.47 -34.37 -32.58
C HIS C 344 -21.78 -35.54 -31.89
N ILE C 345 -22.44 -36.69 -31.87
CA ILE C 345 -22.02 -37.81 -31.04
C ILE C 345 -21.35 -38.88 -31.89
N CYS C 346 -20.11 -39.22 -31.54
CA CYS C 346 -19.36 -40.30 -32.19
C CYS C 346 -19.43 -41.56 -31.36
N TYR C 347 -19.73 -42.67 -32.01
CA TYR C 347 -19.47 -43.98 -31.45
C TYR C 347 -18.01 -44.34 -31.74
N PHE C 348 -17.21 -44.48 -30.68
CA PHE C 348 -15.84 -44.93 -30.83
C PHE C 348 -15.70 -46.36 -30.35
N GLN C 349 -14.61 -46.98 -30.78
CA GLN C 349 -14.07 -48.18 -30.14
C GLN C 349 -12.66 -47.86 -29.66
N ILE C 350 -12.25 -48.51 -28.57
CA ILE C 350 -10.96 -48.18 -27.97
C ILE C 350 -9.82 -48.51 -28.91
N ASP C 351 -10.04 -49.42 -29.86
CA ASP C 351 -8.97 -49.92 -30.73
C ASP C 351 -9.12 -49.48 -32.17
N LYS C 352 -9.88 -48.43 -32.44
CA LYS C 352 -10.09 -47.96 -33.80
C LYS C 352 -10.06 -46.44 -33.86
N LYS C 353 -9.45 -45.90 -34.91
CA LYS C 353 -9.32 -44.45 -35.03
C LYS C 353 -10.63 -43.79 -35.44
N ASP C 354 -11.40 -44.45 -36.30
CA ASP C 354 -12.63 -43.85 -36.80
C ASP C 354 -13.71 -43.81 -35.73
N CYS C 355 -14.60 -42.82 -35.85
CA CYS C 355 -15.84 -42.78 -35.09
C CYS C 355 -17.00 -42.74 -36.07
N THR C 356 -18.15 -43.22 -35.63
CA THR C 356 -19.37 -43.19 -36.42
C THR C 356 -20.33 -42.17 -35.84
N PHE C 357 -20.86 -41.29 -36.68
CA PHE C 357 -21.81 -40.27 -36.23
C PHE C 357 -23.19 -40.90 -36.11
N ILE C 358 -23.71 -40.92 -34.89
CA ILE C 358 -25.06 -41.41 -34.65
C ILE C 358 -26.07 -40.28 -34.71
N THR C 359 -25.59 -39.04 -34.66
CA THR C 359 -26.42 -37.85 -34.81
C THR C 359 -25.80 -36.91 -35.83
N LYS C 360 -26.65 -36.21 -36.57
CA LYS C 360 -26.18 -35.27 -37.59
C LYS C 360 -27.26 -34.26 -37.90
N GLY C 361 -26.85 -33.06 -38.27
CA GLY C 361 -27.79 -32.01 -38.61
C GLY C 361 -27.15 -30.65 -38.42
N THR C 362 -27.95 -29.62 -38.67
CA THR C 362 -27.50 -28.24 -38.48
C THR C 362 -27.83 -27.76 -37.07
N TRP C 363 -27.41 -28.56 -36.09
CA TRP C 363 -27.57 -28.24 -34.69
C TRP C 363 -26.42 -28.89 -33.92
N GLU C 364 -26.46 -28.81 -32.60
CA GLU C 364 -25.39 -29.34 -31.77
C GLU C 364 -25.97 -30.13 -30.62
N VAL C 365 -25.15 -31.01 -30.07
CA VAL C 365 -25.50 -31.79 -28.89
C VAL C 365 -24.76 -31.16 -27.70
N ILE C 366 -25.52 -30.57 -26.78
CA ILE C 366 -24.91 -29.86 -25.66
C ILE C 366 -24.29 -30.84 -24.67
N GLY C 367 -24.91 -32.00 -24.45
CA GLY C 367 -24.33 -32.98 -23.56
C GLY C 367 -24.98 -34.33 -23.66
N ILE C 368 -24.26 -35.37 -23.25
CA ILE C 368 -24.80 -36.72 -23.12
C ILE C 368 -25.08 -36.91 -21.64
N GLU C 369 -26.35 -37.11 -21.29
CA GLU C 369 -26.74 -37.10 -19.88
C GLU C 369 -26.74 -38.50 -19.28
N ALA C 370 -27.36 -39.46 -19.94
CA ALA C 370 -27.34 -40.83 -19.44
C ALA C 370 -27.16 -41.79 -20.60
N LEU C 371 -26.48 -42.90 -20.32
CA LEU C 371 -26.25 -43.96 -21.28
C LEU C 371 -26.63 -45.29 -20.64
N THR C 372 -27.63 -45.95 -21.22
CA THR C 372 -28.04 -47.27 -20.79
C THR C 372 -27.67 -48.30 -21.84
N SER C 373 -27.94 -49.57 -21.52
CA SER C 373 -27.56 -50.65 -22.43
C SER C 373 -28.37 -50.60 -23.72
N ASP C 374 -29.50 -49.90 -23.72
CA ASP C 374 -30.35 -49.84 -24.90
C ASP C 374 -30.58 -48.44 -25.45
N TYR C 375 -30.39 -47.40 -24.64
CA TYR C 375 -30.69 -46.04 -25.06
C TYR C 375 -29.60 -45.09 -24.59
N LEU C 376 -29.42 -44.01 -25.34
CA LEU C 376 -28.52 -42.92 -24.97
C LEU C 376 -29.32 -41.63 -24.87
N TYR C 377 -29.19 -40.94 -23.75
CA TYR C 377 -29.95 -39.73 -23.46
C TYR C 377 -29.04 -38.52 -23.64
N TYR C 378 -29.51 -37.53 -24.39
CA TYR C 378 -28.71 -36.34 -24.64
C TYR C 378 -29.59 -35.09 -24.71
N ILE C 379 -28.98 -33.95 -24.42
CA ILE C 379 -29.62 -32.65 -24.49
C ILE C 379 -29.18 -31.96 -25.78
N SER C 380 -30.13 -31.48 -26.56
CA SER C 380 -29.84 -30.89 -27.86
C SER C 380 -30.65 -29.61 -28.03
N ASN C 381 -30.17 -28.74 -28.93
CA ASN C 381 -30.92 -27.57 -29.35
C ASN C 381 -31.54 -27.76 -30.74
N GLU C 382 -31.91 -28.99 -31.07
CA GLU C 382 -32.51 -29.32 -32.35
C GLU C 382 -33.91 -28.73 -32.53
N TYR C 383 -34.71 -28.69 -31.46
CA TYR C 383 -36.15 -28.40 -31.58
C TYR C 383 -36.36 -26.96 -32.03
N LYS C 384 -37.21 -26.78 -33.03
CA LYS C 384 -37.62 -25.49 -33.59
C LYS C 384 -36.47 -24.71 -34.22
N GLY C 385 -35.26 -25.28 -34.26
CA GLY C 385 -34.13 -24.56 -34.82
C GLY C 385 -33.66 -23.40 -33.98
N MET C 386 -33.95 -23.41 -32.69
CA MET C 386 -33.54 -22.33 -31.79
C MET C 386 -32.35 -22.78 -30.96
N PRO C 387 -31.18 -22.14 -31.08
CA PRO C 387 -30.07 -22.48 -30.18
C PRO C 387 -30.36 -22.15 -28.72
N GLY C 388 -31.36 -21.34 -28.45
CA GLY C 388 -31.68 -21.01 -27.06
C GLY C 388 -32.22 -22.19 -26.27
N GLY C 389 -33.08 -22.99 -26.90
CA GLY C 389 -33.70 -24.09 -26.19
C GLY C 389 -32.78 -25.27 -26.00
N ARG C 390 -33.11 -26.08 -24.99
CA ARG C 390 -32.35 -27.30 -24.68
C ARG C 390 -33.35 -28.36 -24.23
N ASN C 391 -33.69 -29.30 -25.11
CA ASN C 391 -34.63 -30.36 -24.79
C ASN C 391 -33.89 -31.69 -24.67
N LEU C 392 -34.63 -32.71 -24.25
CA LEU C 392 -34.06 -34.02 -23.97
C LEU C 392 -34.52 -35.04 -25.01
N TYR C 393 -33.56 -35.83 -25.50
CA TYR C 393 -33.81 -36.83 -26.53
C TYR C 393 -33.22 -38.17 -26.09
N LYS C 394 -33.64 -39.24 -26.76
CA LYS C 394 -33.01 -40.54 -26.59
C LYS C 394 -32.93 -41.25 -27.93
N ILE C 395 -31.91 -42.08 -28.10
CA ILE C 395 -31.68 -42.83 -29.32
C ILE C 395 -31.49 -44.30 -28.99
N GLN C 396 -32.03 -45.17 -29.83
CA GLN C 396 -31.82 -46.59 -29.66
C GLN C 396 -30.43 -46.97 -30.13
N LEU C 397 -29.62 -47.52 -29.22
CA LEU C 397 -28.25 -47.88 -29.57
C LEU C 397 -28.22 -48.99 -30.62
N SER C 398 -29.27 -49.80 -30.70
CA SER C 398 -29.32 -50.83 -31.72
C SER C 398 -29.66 -50.24 -33.09
N ASP C 399 -30.58 -49.28 -33.14
CA ASP C 399 -31.01 -48.65 -34.39
C ASP C 399 -30.92 -47.14 -34.20
N TYR C 400 -29.88 -46.53 -34.79
CA TYR C 400 -29.61 -45.11 -34.59
C TYR C 400 -30.65 -44.22 -35.27
N THR C 401 -31.50 -44.79 -36.12
CA THR C 401 -32.47 -43.97 -36.83
C THR C 401 -33.69 -43.64 -35.96
N LYS C 402 -33.85 -44.33 -34.85
CA LYS C 402 -35.01 -44.14 -33.97
C LYS C 402 -34.65 -43.11 -32.90
N VAL C 403 -35.18 -41.90 -33.06
CA VAL C 403 -34.94 -40.81 -32.13
C VAL C 403 -36.28 -40.35 -31.56
N THR C 404 -36.37 -40.27 -30.24
CA THR C 404 -37.57 -39.84 -29.55
C THR C 404 -37.23 -38.70 -28.61
N CYS C 405 -38.05 -37.64 -28.65
CA CYS C 405 -37.87 -36.49 -27.77
C CYS C 405 -38.77 -36.67 -26.55
N LEU C 406 -38.15 -36.70 -25.37
CA LEU C 406 -38.87 -36.96 -24.14
C LEU C 406 -39.43 -35.70 -23.49
N SER C 407 -39.06 -34.52 -23.99
CA SER C 407 -39.46 -33.27 -23.35
C SER C 407 -39.88 -32.18 -24.32
N CYS C 408 -39.96 -32.44 -25.62
CA CYS C 408 -40.36 -31.40 -26.56
C CYS C 408 -41.79 -30.94 -26.32
N GLU C 409 -42.71 -31.87 -26.07
CA GLU C 409 -44.14 -31.59 -26.08
C GLU C 409 -44.77 -31.69 -24.70
N LEU C 410 -43.97 -31.79 -23.64
CA LEU C 410 -44.53 -31.84 -22.29
C LEU C 410 -45.30 -30.57 -21.97
N ASN C 411 -44.66 -29.42 -22.17
CA ASN C 411 -45.32 -28.12 -21.97
C ASN C 411 -44.68 -27.16 -22.94
N PRO C 412 -45.16 -27.12 -24.18
CA PRO C 412 -44.42 -26.40 -25.23
C PRO C 412 -44.43 -24.89 -25.08
N GLU C 413 -45.54 -24.30 -24.67
CA GLU C 413 -45.62 -22.84 -24.59
C GLU C 413 -45.06 -22.29 -23.29
N ARG C 414 -44.64 -23.15 -22.35
CA ARG C 414 -44.06 -22.70 -21.10
C ARG C 414 -42.63 -23.17 -20.88
N CYS C 415 -42.29 -24.39 -21.28
CA CYS C 415 -40.94 -24.93 -21.10
C CYS C 415 -40.27 -25.15 -22.45
N GLN C 416 -39.11 -24.51 -22.62
CA GLN C 416 -38.28 -24.73 -23.80
C GLN C 416 -36.81 -24.88 -23.44
N TYR C 417 -36.44 -24.81 -22.16
CA TYR C 417 -35.06 -24.89 -21.70
C TYR C 417 -35.02 -25.91 -20.57
N TYR C 418 -34.50 -27.11 -20.86
CA TYR C 418 -34.59 -28.23 -19.94
C TYR C 418 -33.21 -28.65 -19.45
N SER C 419 -33.19 -29.15 -18.22
CA SER C 419 -32.05 -29.86 -17.66
C SER C 419 -32.59 -31.11 -16.98
N VAL C 420 -31.81 -32.18 -17.01
CA VAL C 420 -32.29 -33.47 -16.52
C VAL C 420 -31.30 -34.03 -15.51
N SER C 421 -31.83 -34.61 -14.44
CA SER C 421 -31.05 -35.34 -13.45
C SER C 421 -31.55 -36.78 -13.43
N PHE C 422 -30.63 -37.72 -13.56
CA PHE C 422 -30.97 -39.12 -13.73
C PHE C 422 -30.64 -39.91 -12.48
N SER C 423 -31.55 -40.82 -12.11
CA SER C 423 -31.27 -41.73 -11.01
C SER C 423 -30.23 -42.75 -11.44
N LYS C 424 -29.65 -43.43 -10.44
CA LYS C 424 -28.73 -44.50 -10.74
C LYS C 424 -29.42 -45.57 -11.59
N GLU C 425 -28.71 -46.08 -12.58
CA GLU C 425 -29.19 -46.99 -13.61
C GLU C 425 -30.22 -46.32 -14.52
N ALA C 426 -30.44 -45.01 -14.38
CA ALA C 426 -31.34 -44.25 -15.26
C ALA C 426 -32.74 -44.85 -15.29
N LYS C 427 -33.29 -45.07 -14.09
CA LYS C 427 -34.66 -45.56 -13.97
C LYS C 427 -35.69 -44.45 -13.88
N TYR C 428 -35.39 -43.37 -13.16
CA TYR C 428 -36.24 -42.20 -13.09
C TYR C 428 -35.38 -40.97 -13.32
N TYR C 429 -36.00 -39.90 -13.81
CA TYR C 429 -35.27 -38.66 -14.05
C TYR C 429 -36.15 -37.47 -13.76
N GLN C 430 -35.53 -36.41 -13.22
CA GLN C 430 -36.20 -35.15 -12.92
C GLN C 430 -35.88 -34.15 -14.03
N LEU C 431 -36.91 -33.72 -14.76
CA LEU C 431 -36.74 -32.74 -15.82
C LEU C 431 -36.89 -31.34 -15.22
N ARG C 432 -35.77 -30.64 -15.09
CA ARG C 432 -35.76 -29.25 -14.64
C ARG C 432 -36.08 -28.33 -15.81
N CYS C 433 -36.97 -27.39 -15.58
CA CYS C 433 -37.40 -26.45 -16.61
C CYS C 433 -37.12 -25.03 -16.12
N SER C 434 -36.65 -24.18 -17.03
CA SER C 434 -36.42 -22.77 -16.73
C SER C 434 -36.77 -21.86 -17.90
N GLY C 435 -37.53 -22.37 -18.87
CA GLY C 435 -37.75 -21.68 -20.13
C GLY C 435 -38.65 -20.48 -20.03
N PRO C 436 -39.38 -20.19 -21.10
CA PRO C 436 -40.14 -18.93 -21.16
C PRO C 436 -41.33 -18.91 -20.21
N GLY C 437 -41.05 -19.11 -18.93
CA GLY C 437 -42.09 -19.21 -17.93
C GLY C 437 -41.46 -19.60 -16.62
N LEU C 438 -42.28 -19.60 -15.58
CA LEU C 438 -41.79 -19.95 -14.27
C LEU C 438 -41.27 -21.38 -14.27
N PRO C 439 -40.14 -21.64 -13.62
CA PRO C 439 -39.56 -22.98 -13.61
C PRO C 439 -40.56 -24.06 -13.19
N LEU C 440 -40.31 -25.28 -13.64
CA LEU C 440 -41.20 -26.41 -13.43
C LEU C 440 -40.37 -27.67 -13.28
N TYR C 441 -40.45 -28.30 -12.11
CA TYR C 441 -39.76 -29.55 -11.85
C TYR C 441 -40.77 -30.69 -11.86
N THR C 442 -40.46 -31.76 -12.59
CA THR C 442 -41.32 -32.93 -12.66
C THR C 442 -40.47 -34.18 -12.60
N LEU C 443 -41.03 -35.25 -12.04
CA LEU C 443 -40.34 -36.53 -11.93
C LEU C 443 -40.95 -37.52 -12.91
N HIS C 444 -40.09 -38.17 -13.70
CA HIS C 444 -40.54 -39.02 -14.78
C HIS C 444 -39.97 -40.42 -14.61
N SER C 445 -40.55 -41.36 -15.35
CA SER C 445 -40.13 -42.77 -15.34
C SER C 445 -39.50 -43.12 -16.68
N SER C 446 -38.31 -43.73 -16.63
CA SER C 446 -37.60 -44.05 -17.86
C SER C 446 -38.18 -45.28 -18.55
N VAL C 447 -38.96 -46.08 -17.82
CA VAL C 447 -39.48 -47.32 -18.40
C VAL C 447 -40.50 -47.04 -19.48
N ASN C 448 -41.37 -46.05 -19.25
CA ASN C 448 -42.47 -45.76 -20.17
C ASN C 448 -42.59 -44.30 -20.55
N ASP C 449 -41.71 -43.42 -20.04
CA ASP C 449 -41.78 -41.99 -20.29
C ASP C 449 -43.16 -41.45 -19.91
N LYS C 450 -43.47 -41.55 -18.62
CA LYS C 450 -44.71 -41.02 -18.07
C LYS C 450 -44.40 -40.10 -16.90
N GLY C 451 -45.15 -39.01 -16.80
CA GLY C 451 -44.95 -38.06 -15.72
C GLY C 451 -45.54 -38.55 -14.43
N LEU C 452 -44.68 -38.84 -13.46
CA LEU C 452 -45.16 -39.34 -12.18
C LEU C 452 -45.88 -38.25 -11.39
N ARG C 453 -45.26 -37.08 -11.26
CA ARG C 453 -45.86 -35.98 -10.51
C ARG C 453 -45.12 -34.69 -10.81
N VAL C 454 -45.72 -33.59 -10.39
CA VAL C 454 -45.11 -32.26 -10.51
C VAL C 454 -44.48 -31.93 -9.16
N LEU C 455 -43.15 -31.85 -9.14
CA LEU C 455 -42.45 -31.61 -7.88
C LEU C 455 -42.60 -30.17 -7.40
N GLU C 456 -42.45 -29.20 -8.31
CA GLU C 456 -42.51 -27.78 -7.93
C GLU C 456 -42.89 -26.98 -9.15
N ASP C 457 -44.13 -26.49 -9.19
CA ASP C 457 -44.63 -25.73 -10.32
C ASP C 457 -44.60 -24.23 -10.10
N ASN C 458 -44.10 -23.77 -8.95
CA ASN C 458 -44.00 -22.35 -8.62
C ASN C 458 -45.35 -21.65 -8.78
N SER C 459 -46.30 -22.06 -7.96
CA SER C 459 -47.66 -21.52 -8.04
C SER C 459 -47.86 -20.29 -7.18
N ALA C 460 -47.07 -20.13 -6.10
CA ALA C 460 -47.18 -18.92 -5.28
C ALA C 460 -46.58 -17.72 -5.99
N LEU C 461 -45.49 -17.93 -6.74
CA LEU C 461 -44.92 -16.83 -7.51
C LEU C 461 -45.83 -16.44 -8.66
N ASP C 462 -46.52 -17.40 -9.26
CA ASP C 462 -47.48 -17.07 -10.30
C ASP C 462 -48.66 -16.26 -9.79
N LYS C 463 -48.90 -16.27 -8.48
CA LYS C 463 -49.92 -15.43 -7.86
C LYS C 463 -49.38 -14.09 -7.39
N MET C 464 -48.13 -14.06 -6.91
CA MET C 464 -47.52 -12.80 -6.54
C MET C 464 -47.25 -11.92 -7.75
N LEU C 465 -46.82 -12.52 -8.86
CA LEU C 465 -46.41 -11.77 -10.04
C LEU C 465 -47.58 -11.35 -10.92
N GLN C 466 -48.81 -11.70 -10.57
CA GLN C 466 -49.98 -11.13 -11.24
C GLN C 466 -50.38 -9.80 -10.62
N ASN C 467 -49.69 -9.36 -9.58
CA ASN C 467 -49.84 -8.03 -9.01
C ASN C 467 -48.76 -7.07 -9.47
N VAL C 468 -47.67 -7.59 -10.04
CA VAL C 468 -46.57 -6.76 -10.50
C VAL C 468 -46.71 -6.53 -12.01
N GLN C 469 -46.20 -5.40 -12.47
CA GLN C 469 -46.11 -5.11 -13.89
C GLN C 469 -44.78 -5.64 -14.39
N MET C 470 -44.82 -6.77 -15.09
CA MET C 470 -43.60 -7.49 -15.41
C MET C 470 -43.24 -7.34 -16.88
N PRO C 471 -41.94 -7.33 -17.20
CA PRO C 471 -41.53 -7.16 -18.60
C PRO C 471 -41.87 -8.37 -19.45
N SER C 472 -41.87 -8.17 -20.75
CA SER C 472 -42.00 -9.24 -21.71
C SER C 472 -40.62 -9.80 -22.03
N LYS C 473 -40.52 -10.64 -23.05
CA LYS C 473 -39.24 -11.06 -23.60
C LYS C 473 -39.45 -11.48 -25.04
N LYS C 474 -38.62 -10.93 -25.93
CA LYS C 474 -38.67 -11.23 -27.35
C LYS C 474 -37.40 -11.98 -27.71
N LEU C 475 -37.52 -12.94 -28.62
CA LEU C 475 -36.38 -13.71 -29.11
C LEU C 475 -36.56 -13.95 -30.61
N ASP C 476 -35.64 -13.41 -31.39
CA ASP C 476 -35.74 -13.49 -32.84
C ASP C 476 -34.33 -13.43 -33.42
N PHE C 477 -34.24 -13.26 -34.74
CA PHE C 477 -32.96 -13.26 -35.43
C PHE C 477 -32.90 -12.13 -36.45
N ILE C 478 -31.67 -11.76 -36.80
CA ILE C 478 -31.39 -10.79 -37.86
C ILE C 478 -30.30 -11.36 -38.74
N ILE C 479 -30.43 -11.14 -40.05
CA ILE C 479 -29.58 -11.78 -41.05
C ILE C 479 -28.39 -10.86 -41.33
N LEU C 480 -27.18 -11.40 -41.19
CA LEU C 480 -25.96 -10.67 -41.50
C LEU C 480 -25.26 -11.32 -42.70
N ASN C 481 -25.72 -10.95 -43.89
CA ASN C 481 -25.16 -11.17 -45.22
C ASN C 481 -25.32 -12.59 -45.75
N GLU C 482 -25.42 -13.60 -44.89
CA GLU C 482 -26.09 -14.87 -45.17
C GLU C 482 -26.69 -15.50 -43.92
N THR C 483 -26.22 -15.11 -42.75
CA THR C 483 -26.39 -15.89 -41.54
C THR C 483 -27.38 -15.21 -40.60
N LYS C 484 -28.13 -16.03 -39.87
CA LYS C 484 -29.08 -15.54 -38.89
C LYS C 484 -28.43 -15.56 -37.51
N PHE C 485 -28.36 -14.40 -36.88
CA PHE C 485 -27.87 -14.25 -35.52
C PHE C 485 -29.03 -13.88 -34.62
N TRP C 486 -29.06 -14.46 -33.42
CA TRP C 486 -30.21 -14.36 -32.53
C TRP C 486 -29.98 -13.28 -31.49
N TYR C 487 -31.03 -12.50 -31.24
CA TYR C 487 -31.03 -11.44 -30.23
C TYR C 487 -32.23 -11.62 -29.31
N GLN C 488 -32.15 -11.00 -28.13
CA GLN C 488 -33.26 -10.97 -27.20
C GLN C 488 -33.47 -9.53 -26.73
N MET C 489 -34.72 -9.18 -26.44
CA MET C 489 -35.07 -7.86 -25.95
C MET C 489 -36.07 -8.02 -24.80
N ILE C 490 -35.72 -7.49 -23.64
CA ILE C 490 -36.60 -7.51 -22.48
C ILE C 490 -37.47 -6.25 -22.52
N LEU C 491 -38.65 -6.37 -23.11
CA LEU C 491 -39.46 -5.21 -23.45
C LEU C 491 -40.16 -4.66 -22.21
N PRO C 492 -40.41 -3.36 -22.15
CA PRO C 492 -41.14 -2.77 -21.03
C PRO C 492 -42.59 -3.23 -21.01
N PRO C 493 -43.23 -3.23 -19.85
CA PRO C 493 -44.66 -3.57 -19.80
C PRO C 493 -45.49 -2.62 -20.66
N HIS C 494 -46.55 -3.16 -21.25
CA HIS C 494 -47.43 -2.40 -22.13
C HIS C 494 -46.65 -1.81 -23.30
N PHE C 495 -45.76 -2.62 -23.87
CA PHE C 495 -44.89 -2.16 -24.95
C PHE C 495 -45.70 -1.68 -26.14
N ASP C 496 -45.24 -0.58 -26.74
CA ASP C 496 -45.85 -0.01 -27.93
C ASP C 496 -44.76 0.33 -28.92
N LYS C 497 -44.83 -0.28 -30.11
CA LYS C 497 -43.84 -0.02 -31.15
C LYS C 497 -43.97 1.38 -31.74
N SER C 498 -45.09 2.06 -31.52
CA SER C 498 -45.24 3.42 -32.02
C SER C 498 -44.29 4.38 -31.31
N LYS C 499 -44.05 4.18 -30.02
CA LYS C 499 -43.22 5.07 -29.23
C LYS C 499 -41.77 4.59 -29.21
N LYS C 500 -40.88 5.51 -28.91
CA LYS C 500 -39.45 5.26 -28.84
C LYS C 500 -39.05 5.02 -27.39
N TYR C 501 -38.14 4.08 -27.18
CA TYR C 501 -37.65 3.73 -25.86
C TYR C 501 -36.13 3.83 -25.86
N PRO C 502 -35.52 4.03 -24.69
CA PRO C 502 -34.07 3.87 -24.58
C PRO C 502 -33.67 2.42 -24.85
N LEU C 503 -32.36 2.21 -24.90
CA LEU C 503 -31.84 0.87 -25.11
C LEU C 503 -30.51 0.72 -24.39
N LEU C 504 -30.46 -0.22 -23.45
CA LEU C 504 -29.21 -0.63 -22.83
C LEU C 504 -28.84 -1.98 -23.41
N LEU C 505 -27.65 -2.07 -24.00
CA LEU C 505 -27.22 -3.27 -24.71
C LEU C 505 -26.36 -4.09 -23.77
N ASP C 506 -26.97 -5.04 -23.06
CA ASP C 506 -26.23 -5.92 -22.18
C ASP C 506 -25.34 -6.82 -23.02
N VAL C 507 -24.04 -6.86 -22.68
CA VAL C 507 -23.05 -7.52 -23.52
C VAL C 507 -22.20 -8.45 -22.67
N TYR C 508 -21.99 -9.66 -23.18
CA TYR C 508 -20.85 -10.48 -22.80
C TYR C 508 -19.92 -10.74 -23.97
N ALA C 509 -20.47 -11.16 -25.11
CA ALA C 509 -19.72 -11.31 -26.36
C ALA C 509 -18.48 -12.18 -26.20
N GLY C 510 -18.41 -12.96 -25.14
CA GLY C 510 -17.31 -13.88 -24.95
C GLY C 510 -17.35 -14.98 -25.99
N PRO C 511 -16.22 -15.65 -26.20
CA PRO C 511 -16.20 -16.76 -27.15
C PRO C 511 -16.98 -17.96 -26.62
N CYS C 512 -17.80 -18.55 -27.49
CA CYS C 512 -18.67 -19.67 -27.14
C CYS C 512 -19.69 -19.28 -26.07
N SER C 513 -20.24 -18.08 -26.19
CA SER C 513 -21.20 -17.56 -25.22
C SER C 513 -22.60 -17.54 -25.80
N GLN C 514 -23.53 -18.15 -25.09
CA GLN C 514 -24.95 -18.04 -25.37
C GLN C 514 -25.50 -16.93 -24.49
N LYS C 515 -26.06 -15.90 -25.11
CA LYS C 515 -26.67 -14.79 -24.37
C LYS C 515 -28.13 -14.59 -24.70
N ALA C 516 -28.57 -14.95 -25.90
CA ALA C 516 -29.98 -14.88 -26.25
C ALA C 516 -30.62 -16.27 -26.10
N ASP C 517 -30.64 -16.74 -24.85
CA ASP C 517 -31.25 -18.02 -24.53
C ASP C 517 -32.73 -17.80 -24.18
N THR C 518 -33.36 -18.84 -23.64
CA THR C 518 -34.79 -18.86 -23.41
C THR C 518 -35.12 -18.84 -21.90
N VAL C 519 -34.09 -18.81 -21.05
CA VAL C 519 -34.30 -18.87 -19.60
C VAL C 519 -35.14 -17.69 -19.12
N PHE C 520 -35.84 -17.92 -18.01
CA PHE C 520 -36.60 -16.89 -17.30
C PHE C 520 -35.74 -16.38 -16.15
N ARG C 521 -35.59 -15.06 -16.06
CA ARG C 521 -34.72 -14.45 -15.06
C ARG C 521 -35.41 -13.28 -14.39
N LEU C 522 -34.98 -12.99 -13.17
CA LEU C 522 -35.41 -11.83 -12.39
C LEU C 522 -34.15 -11.10 -11.94
N ASN C 523 -33.78 -10.05 -12.66
CA ASN C 523 -32.48 -9.41 -12.44
C ASN C 523 -32.60 -7.92 -12.71
N TRP C 524 -31.46 -7.25 -12.82
CA TRP C 524 -31.44 -5.80 -13.00
C TRP C 524 -32.13 -5.37 -14.29
N ALA C 525 -32.09 -6.20 -15.32
CA ALA C 525 -32.81 -5.89 -16.54
C ALA C 525 -34.32 -5.88 -16.32
N THR C 526 -34.83 -6.71 -15.41
CA THR C 526 -36.25 -6.67 -15.08
C THR C 526 -36.62 -5.35 -14.43
N TYR C 527 -35.81 -4.89 -13.47
CA TYR C 527 -35.94 -3.52 -12.97
C TYR C 527 -35.97 -2.50 -14.10
N LEU C 528 -34.95 -2.50 -14.95
CA LEU C 528 -34.85 -1.44 -15.93
C LEU C 528 -36.07 -1.42 -16.84
N ALA C 529 -36.45 -2.59 -17.36
CA ALA C 529 -37.58 -2.65 -18.28
C ALA C 529 -38.91 -2.35 -17.59
N SER C 530 -39.06 -2.75 -16.33
CA SER C 530 -40.36 -2.61 -15.67
C SER C 530 -40.55 -1.20 -15.12
N THR C 531 -39.60 -0.72 -14.34
CA THR C 531 -39.67 0.60 -13.72
C THR C 531 -39.22 1.72 -14.64
N GLU C 532 -38.02 1.62 -15.22
CA GLU C 532 -37.45 2.73 -15.96
C GLU C 532 -37.90 2.77 -17.42
N ASN C 533 -38.66 1.78 -17.88
CA ASN C 533 -39.14 1.71 -19.26
C ASN C 533 -37.97 1.74 -20.25
N ILE C 534 -36.92 1.02 -19.93
CA ILE C 534 -35.75 0.86 -20.78
C ILE C 534 -35.88 -0.48 -21.49
N ILE C 535 -35.38 -0.56 -22.72
CA ILE C 535 -35.24 -1.83 -23.42
C ILE C 535 -33.83 -2.34 -23.15
N VAL C 536 -33.72 -3.58 -22.69
CA VAL C 536 -32.43 -4.20 -22.41
C VAL C 536 -32.25 -5.37 -23.37
N ALA C 537 -31.40 -5.18 -24.37
CA ALA C 537 -31.22 -6.15 -25.44
C ALA C 537 -29.87 -6.85 -25.32
N SER C 538 -29.81 -8.05 -25.89
CA SER C 538 -28.58 -8.83 -25.97
C SER C 538 -28.53 -9.48 -27.35
N PHE C 539 -27.32 -9.76 -27.82
CA PHE C 539 -27.12 -10.22 -29.19
C PHE C 539 -26.00 -11.24 -29.22
N ASP C 540 -26.12 -12.22 -30.11
CA ASP C 540 -25.14 -13.27 -30.29
C ASP C 540 -24.56 -13.20 -31.70
N GLY C 541 -23.34 -12.69 -31.81
CA GLY C 541 -22.70 -12.55 -33.11
C GLY C 541 -21.65 -13.60 -33.36
N ARG C 542 -20.57 -13.22 -34.04
CA ARG C 542 -19.49 -14.13 -34.34
C ARG C 542 -18.68 -14.39 -33.07
N GLY C 543 -18.30 -15.65 -32.87
CA GLY C 543 -17.66 -16.08 -31.64
C GLY C 543 -18.60 -16.76 -30.65
N SER C 544 -19.91 -16.63 -30.85
CA SER C 544 -20.88 -17.25 -29.96
C SER C 544 -21.03 -18.72 -30.29
N GLY C 545 -21.16 -19.55 -29.26
CA GLY C 545 -21.20 -20.99 -29.45
C GLY C 545 -22.59 -21.53 -29.75
N TYR C 546 -22.64 -22.85 -29.91
CA TYR C 546 -23.84 -23.68 -30.09
C TYR C 546 -24.50 -23.47 -31.45
N GLN C 547 -23.86 -22.77 -32.40
CA GLN C 547 -24.34 -22.69 -33.76
C GLN C 547 -23.33 -23.19 -34.79
N GLY C 548 -22.34 -23.97 -34.37
CA GLY C 548 -21.35 -24.48 -35.30
C GLY C 548 -19.99 -23.90 -34.97
N ASP C 549 -18.97 -24.47 -35.61
CA ASP C 549 -17.61 -23.99 -35.45
C ASP C 549 -17.24 -22.92 -36.47
N LYS C 550 -18.11 -22.63 -37.44
CA LYS C 550 -17.85 -21.51 -38.34
C LYS C 550 -18.11 -20.18 -37.64
N ILE C 551 -19.18 -20.12 -36.84
CA ILE C 551 -19.45 -18.92 -36.05
C ILE C 551 -18.52 -18.85 -34.84
N MET C 552 -18.36 -19.98 -34.15
CA MET C 552 -17.57 -19.97 -32.91
C MET C 552 -16.11 -19.63 -33.16
N HIS C 553 -15.52 -20.20 -34.21
CA HIS C 553 -14.10 -20.03 -34.48
C HIS C 553 -13.80 -18.83 -35.36
N ALA C 554 -14.81 -18.01 -35.67
CA ALA C 554 -14.59 -16.85 -36.52
C ALA C 554 -13.64 -15.84 -35.87
N ILE C 555 -13.53 -15.85 -34.55
CA ILE C 555 -12.69 -14.91 -33.83
C ILE C 555 -11.36 -15.56 -33.44
N ASN C 556 -10.97 -16.63 -34.11
CA ASN C 556 -9.74 -17.33 -33.75
C ASN C 556 -8.53 -16.44 -34.06
N ARG C 557 -7.68 -16.24 -33.05
CA ARG C 557 -6.47 -15.43 -33.12
C ARG C 557 -6.77 -13.94 -33.38
N ARG C 558 -8.02 -13.51 -33.26
CA ARG C 558 -8.41 -12.14 -33.56
C ARG C 558 -9.40 -11.64 -32.51
N LEU C 559 -9.11 -11.92 -31.23
CA LEU C 559 -10.00 -11.49 -30.15
C LEU C 559 -10.09 -9.97 -30.11
N GLY C 560 -11.32 -9.46 -30.07
CA GLY C 560 -11.54 -8.03 -29.99
C GLY C 560 -11.76 -7.33 -31.30
N THR C 561 -11.98 -8.05 -32.39
CA THR C 561 -12.26 -7.45 -33.69
C THR C 561 -13.67 -7.76 -34.16
N PHE C 562 -14.04 -9.03 -34.25
CA PHE C 562 -15.38 -9.38 -34.71
C PHE C 562 -16.41 -9.27 -33.61
N GLU C 563 -16.04 -9.59 -32.36
CA GLU C 563 -16.95 -9.41 -31.25
C GLU C 563 -17.43 -7.97 -31.17
N VAL C 564 -16.52 -7.02 -31.28
CA VAL C 564 -16.86 -5.60 -31.19
C VAL C 564 -17.73 -5.17 -32.37
N GLU C 565 -17.32 -5.53 -33.58
CA GLU C 565 -18.02 -5.05 -34.77
C GLU C 565 -19.42 -5.64 -34.88
N ASP C 566 -19.60 -6.90 -34.50
CA ASP C 566 -20.94 -7.48 -34.49
C ASP C 566 -21.84 -6.79 -33.48
N GLN C 567 -21.31 -6.43 -32.31
CA GLN C 567 -22.12 -5.71 -31.34
C GLN C 567 -22.51 -4.34 -31.86
N ILE C 568 -21.59 -3.63 -32.52
CA ILE C 568 -21.92 -2.32 -33.07
C ILE C 568 -22.97 -2.44 -34.17
N GLU C 569 -22.85 -3.45 -35.04
CA GLU C 569 -23.85 -3.63 -36.08
C GLU C 569 -25.20 -4.06 -35.52
N ALA C 570 -25.20 -4.88 -34.48
CA ALA C 570 -26.44 -5.24 -33.81
C ALA C 570 -27.12 -4.02 -33.22
N ALA C 571 -26.34 -3.14 -32.59
CA ALA C 571 -26.91 -1.91 -32.06
C ALA C 571 -27.45 -1.03 -33.17
N ARG C 572 -26.76 -0.95 -34.30
CA ARG C 572 -27.28 -0.17 -35.43
C ARG C 572 -28.60 -0.73 -35.95
N GLN C 573 -28.69 -2.05 -36.09
CA GLN C 573 -29.93 -2.63 -36.61
C GLN C 573 -31.05 -2.58 -35.58
N PHE C 574 -30.72 -2.59 -34.30
CA PHE C 574 -31.72 -2.30 -33.28
C PHE C 574 -32.22 -0.87 -33.42
N SER C 575 -31.32 0.08 -33.57
CA SER C 575 -31.70 1.48 -33.63
C SER C 575 -32.53 1.78 -34.88
N LYS C 576 -32.28 1.06 -35.97
CA LYS C 576 -33.09 1.25 -37.17
C LYS C 576 -34.42 0.51 -37.11
N MET C 577 -34.84 0.06 -35.93
CA MET C 577 -36.19 -0.44 -35.71
C MET C 577 -37.09 0.72 -35.28
N GLY C 578 -38.39 0.45 -35.25
CA GLY C 578 -39.36 1.51 -35.06
C GLY C 578 -39.53 1.99 -33.63
N PHE C 579 -38.91 1.32 -32.66
CA PHE C 579 -39.20 1.59 -31.25
C PHE C 579 -37.98 1.94 -30.43
N VAL C 580 -36.81 2.11 -31.05
CA VAL C 580 -35.58 2.42 -30.34
C VAL C 580 -35.23 3.88 -30.58
N ASP C 581 -34.95 4.61 -29.51
CA ASP C 581 -34.56 6.01 -29.59
C ASP C 581 -33.09 6.11 -29.94
N ASN C 582 -32.78 6.77 -31.06
CA ASN C 582 -31.42 6.75 -31.59
C ASN C 582 -30.42 7.39 -30.65
N LYS C 583 -30.83 8.45 -29.95
CA LYS C 583 -29.90 9.20 -29.11
C LYS C 583 -29.48 8.39 -27.89
N ARG C 584 -30.46 7.83 -27.17
CA ARG C 584 -30.21 7.16 -25.90
C ARG C 584 -29.96 5.68 -26.15
N ILE C 585 -28.68 5.31 -26.29
CA ILE C 585 -28.26 3.93 -26.41
C ILE C 585 -27.02 3.74 -25.55
N ALA C 586 -26.97 2.65 -24.80
CA ALA C 586 -25.88 2.39 -23.88
C ALA C 586 -25.42 0.94 -24.02
N ILE C 587 -24.45 0.56 -23.19
CA ILE C 587 -23.83 -0.75 -23.28
C ILE C 587 -23.03 -0.99 -22.00
N TRP C 588 -23.01 -2.23 -21.52
CA TRP C 588 -22.28 -2.51 -20.29
C TRP C 588 -21.91 -3.99 -20.22
N GLY C 589 -21.02 -4.32 -19.29
CA GLY C 589 -20.58 -5.69 -19.09
C GLY C 589 -19.78 -5.82 -17.82
N TRP C 590 -19.50 -7.08 -17.46
CA TRP C 590 -18.83 -7.40 -16.19
C TRP C 590 -17.49 -8.08 -16.40
N SER C 591 -17.13 -8.39 -17.63
CA SER C 591 -16.08 -9.35 -17.93
C SER C 591 -15.61 -9.09 -19.34
N TYR C 592 -15.24 -10.13 -20.09
CA TYR C 592 -15.14 -9.98 -21.53
C TYR C 592 -16.25 -9.11 -22.11
N GLY C 593 -17.44 -9.10 -21.51
CA GLY C 593 -18.41 -8.07 -21.80
C GLY C 593 -17.97 -6.67 -21.49
N GLY C 594 -17.21 -6.46 -20.41
CA GLY C 594 -16.63 -5.16 -20.12
C GLY C 594 -15.56 -4.77 -21.12
N TYR C 595 -14.74 -5.76 -21.51
CA TYR C 595 -13.79 -5.55 -22.60
C TYR C 595 -14.50 -5.09 -23.87
N VAL C 596 -15.57 -5.79 -24.24
CA VAL C 596 -16.29 -5.44 -25.46
C VAL C 596 -16.96 -4.08 -25.33
N THR C 597 -17.49 -3.76 -24.15
CA THR C 597 -18.07 -2.44 -23.94
C THR C 597 -17.03 -1.33 -24.09
N SER C 598 -15.84 -1.51 -23.50
CA SER C 598 -14.80 -0.51 -23.62
C SER C 598 -14.34 -0.35 -25.06
N MET C 599 -14.11 -1.47 -25.76
CA MET C 599 -13.63 -1.42 -27.14
C MET C 599 -14.70 -1.00 -28.13
N VAL C 600 -15.97 -1.11 -27.78
CA VAL C 600 -17.05 -0.56 -28.59
C VAL C 600 -17.24 0.93 -28.34
N LEU C 601 -17.17 1.36 -27.09
CA LEU C 601 -17.35 2.76 -26.72
C LEU C 601 -16.19 3.63 -27.16
N GLY C 602 -14.97 3.10 -27.13
CA GLY C 602 -13.83 3.84 -27.61
C GLY C 602 -13.44 3.50 -29.04
N SER C 603 -14.43 3.21 -29.87
CA SER C 603 -14.19 2.90 -31.28
C SER C 603 -14.60 4.01 -32.22
N GLY C 604 -15.19 5.10 -31.73
CA GLY C 604 -15.62 6.18 -32.58
C GLY C 604 -16.81 5.88 -33.45
N SER C 605 -17.59 4.85 -33.12
CA SER C 605 -18.74 4.49 -33.93
C SER C 605 -19.79 5.60 -33.93
N GLY C 606 -20.02 6.21 -32.77
CA GLY C 606 -21.02 7.24 -32.63
C GLY C 606 -22.42 6.74 -32.36
N VAL C 607 -22.63 5.42 -32.33
CA VAL C 607 -23.95 4.87 -32.06
C VAL C 607 -24.34 5.08 -30.61
N PHE C 608 -23.40 4.85 -29.70
CA PHE C 608 -23.69 4.83 -28.27
C PHE C 608 -23.49 6.20 -27.64
N LYS C 609 -24.12 6.38 -26.48
CA LYS C 609 -24.08 7.61 -25.73
C LYS C 609 -23.39 7.47 -24.38
N CYS C 610 -23.20 6.26 -23.89
CA CYS C 610 -22.97 6.02 -22.48
C CYS C 610 -22.47 4.59 -22.33
N GLY C 611 -21.88 4.29 -21.18
CA GLY C 611 -21.38 2.94 -20.98
C GLY C 611 -20.76 2.66 -19.64
N ILE C 612 -21.01 1.46 -19.11
CA ILE C 612 -20.44 1.01 -17.84
C ILE C 612 -19.58 -0.21 -18.12
N ALA C 613 -18.39 -0.25 -17.53
CA ALA C 613 -17.48 -1.38 -17.70
C ALA C 613 -17.08 -1.88 -16.32
N VAL C 614 -17.79 -2.88 -15.82
CA VAL C 614 -17.50 -3.47 -14.52
C VAL C 614 -16.42 -4.52 -14.72
N ALA C 615 -15.36 -4.44 -13.91
CA ALA C 615 -14.25 -5.38 -13.97
C ALA C 615 -13.83 -5.73 -15.40
N PRO C 616 -13.49 -4.75 -16.24
CA PRO C 616 -13.21 -5.04 -17.63
C PRO C 616 -11.82 -5.60 -17.85
N VAL C 617 -11.60 -6.09 -19.06
CA VAL C 617 -10.27 -6.50 -19.52
C VAL C 617 -9.73 -5.40 -20.42
N SER C 618 -8.46 -5.04 -20.24
CA SER C 618 -7.83 -4.01 -21.04
C SER C 618 -6.83 -4.57 -22.03
N ARG C 619 -5.85 -5.33 -21.56
CA ARG C 619 -4.91 -6.03 -22.42
C ARG C 619 -5.05 -7.52 -22.19
N TRP C 620 -4.75 -8.30 -23.22
CA TRP C 620 -4.76 -9.74 -23.09
C TRP C 620 -3.45 -10.28 -22.55
N GLU C 621 -2.41 -9.46 -22.47
CA GLU C 621 -1.16 -9.84 -21.83
C GLU C 621 -1.22 -9.74 -20.32
N TYR C 622 -2.31 -9.18 -19.78
CA TYR C 622 -2.52 -9.11 -18.35
C TYR C 622 -3.34 -10.28 -17.81
N TYR C 623 -3.97 -11.05 -18.68
CA TYR C 623 -4.88 -12.12 -18.27
C TYR C 623 -4.16 -13.45 -18.28
N ASP C 624 -4.83 -14.51 -17.81
CA ASP C 624 -4.16 -15.77 -17.61
C ASP C 624 -3.83 -16.45 -18.94
N SER C 625 -2.95 -17.45 -18.86
CA SER C 625 -2.42 -18.06 -20.07
C SER C 625 -3.44 -18.98 -20.73
N VAL C 626 -4.16 -19.78 -19.95
CA VAL C 626 -5.03 -20.80 -20.52
C VAL C 626 -6.14 -20.17 -21.35
N TYR C 627 -6.79 -19.14 -20.81
CA TYR C 627 -7.92 -18.54 -21.50
C TYR C 627 -7.48 -17.76 -22.73
N THR C 628 -6.43 -16.95 -22.61
CA THR C 628 -6.04 -16.09 -23.73
C THR C 628 -5.29 -16.84 -24.82
N GLU C 629 -4.48 -17.82 -24.46
CA GLU C 629 -3.68 -18.56 -25.44
C GLU C 629 -4.49 -19.64 -26.16
N ARG C 630 -5.75 -19.82 -25.79
CA ARG C 630 -6.67 -20.68 -26.51
C ARG C 630 -7.31 -19.95 -27.69
N TYR C 631 -7.48 -18.64 -27.57
CA TYR C 631 -8.19 -17.85 -28.56
C TYR C 631 -7.27 -16.91 -29.32
N MET C 632 -6.04 -16.69 -28.84
CA MET C 632 -5.16 -15.67 -29.36
C MET C 632 -3.74 -16.13 -29.62
N GLY C 633 -3.33 -17.28 -29.11
CA GLY C 633 -1.96 -17.74 -29.29
C GLY C 633 -1.00 -17.04 -28.36
N LEU C 634 0.28 -17.40 -28.46
CA LEU C 634 1.29 -16.81 -27.62
C LEU C 634 1.63 -15.39 -28.07
N PRO C 635 2.01 -14.51 -27.12
CA PRO C 635 2.34 -13.12 -27.45
C PRO C 635 3.79 -12.93 -27.89
N THR C 636 4.24 -13.76 -28.83
CA THR C 636 5.60 -13.70 -29.32
C THR C 636 5.62 -13.09 -30.72
N PRO C 637 6.72 -12.47 -31.13
CA PRO C 637 6.77 -11.85 -32.46
C PRO C 637 6.52 -12.81 -33.60
N GLU C 638 6.93 -14.08 -33.47
CA GLU C 638 6.77 -15.01 -34.58
C GLU C 638 5.34 -15.53 -34.68
N ASP C 639 4.64 -15.71 -33.56
CA ASP C 639 3.31 -16.30 -33.64
C ASP C 639 2.22 -15.22 -33.70
N ASN C 640 2.06 -14.46 -32.62
CA ASN C 640 1.02 -13.44 -32.53
C ASN C 640 1.46 -12.38 -31.53
N LEU C 641 2.03 -11.30 -32.03
CA LEU C 641 2.32 -10.15 -31.17
C LEU C 641 1.69 -8.88 -31.69
N ASP C 642 1.47 -8.78 -33.00
CA ASP C 642 0.84 -7.60 -33.56
C ASP C 642 -0.54 -7.40 -32.96
N HIS C 643 -1.26 -8.49 -32.67
CA HIS C 643 -2.62 -8.39 -32.18
C HIS C 643 -2.72 -8.46 -30.67
N TYR C 644 -1.66 -8.83 -29.97
CA TYR C 644 -1.63 -8.65 -28.53
C TYR C 644 -1.38 -7.21 -28.14
N ARG C 645 -0.85 -6.40 -29.07
CA ARG C 645 -0.63 -4.98 -28.88
C ARG C 645 -1.64 -4.13 -29.62
N ASN C 646 -2.26 -4.65 -30.67
CA ASN C 646 -3.02 -3.80 -31.57
C ASN C 646 -4.51 -3.87 -31.24
N SER C 647 -4.90 -4.75 -30.32
CA SER C 647 -6.25 -4.80 -29.78
C SER C 647 -6.18 -4.64 -28.26
N THR C 648 -6.09 -3.39 -27.81
CA THR C 648 -6.12 -3.04 -26.40
C THR C 648 -7.02 -1.83 -26.21
N VAL C 649 -7.60 -1.69 -25.02
CA VAL C 649 -8.50 -0.57 -24.77
C VAL C 649 -7.72 0.74 -24.70
N MET C 650 -6.55 0.72 -24.07
CA MET C 650 -5.76 1.93 -23.89
C MET C 650 -5.18 2.49 -25.19
N SER C 651 -5.23 1.72 -26.28
CA SER C 651 -4.85 2.24 -27.58
C SER C 651 -5.99 2.99 -28.25
N ARG C 652 -7.16 3.06 -27.62
CA ARG C 652 -8.32 3.76 -28.15
C ARG C 652 -8.76 4.87 -27.22
N ALA C 653 -7.87 5.33 -26.35
CA ALA C 653 -8.22 6.26 -25.28
C ALA C 653 -8.59 7.64 -25.79
N GLU C 654 -8.28 7.96 -27.04
CA GLU C 654 -8.61 9.26 -27.60
C GLU C 654 -10.03 9.33 -28.16
N ASN C 655 -10.70 8.18 -28.28
CA ASN C 655 -12.06 8.12 -28.78
C ASN C 655 -13.10 8.12 -27.67
N PHE C 656 -12.67 8.22 -26.41
CA PHE C 656 -13.56 8.30 -25.27
C PHE C 656 -14.04 9.71 -25.00
N LYS C 657 -13.62 10.68 -25.81
CA LYS C 657 -14.03 12.07 -25.67
C LYS C 657 -15.47 12.28 -26.12
N GLN C 658 -16.10 11.27 -26.70
CA GLN C 658 -17.44 11.38 -27.27
C GLN C 658 -18.49 10.65 -26.44
N VAL C 659 -18.10 10.03 -25.33
CA VAL C 659 -18.98 9.17 -24.55
C VAL C 659 -18.82 9.48 -23.06
N GLU C 660 -19.84 9.08 -22.30
CA GLU C 660 -19.78 9.09 -20.85
C GLU C 660 -19.47 7.67 -20.38
N TYR C 661 -18.38 7.53 -19.63
CA TYR C 661 -17.84 6.22 -19.31
C TYR C 661 -17.75 6.05 -17.80
N LEU C 662 -18.33 4.97 -17.31
CA LEU C 662 -18.21 4.58 -15.91
C LEU C 662 -17.37 3.31 -15.82
N LEU C 663 -16.37 3.34 -14.96
CA LEU C 663 -15.40 2.26 -14.84
C LEU C 663 -15.39 1.77 -13.40
N ILE C 664 -15.82 0.53 -13.18
CA ILE C 664 -15.94 -0.04 -11.85
C ILE C 664 -15.04 -1.26 -11.78
N HIS C 665 -14.41 -1.47 -10.61
CA HIS C 665 -13.52 -2.59 -10.42
C HIS C 665 -13.32 -2.80 -8.93
N GLY C 666 -13.31 -4.06 -8.51
CA GLY C 666 -13.00 -4.39 -7.12
C GLY C 666 -11.50 -4.49 -6.92
N THR C 667 -11.02 -3.90 -5.83
CA THR C 667 -9.58 -3.73 -5.64
C THR C 667 -8.86 -5.00 -5.23
N ALA C 668 -9.57 -6.02 -4.75
CA ALA C 668 -8.95 -7.31 -4.46
C ALA C 668 -9.60 -8.33 -5.39
N ASP C 669 -9.10 -8.38 -6.62
CA ASP C 669 -9.67 -9.21 -7.67
C ASP C 669 -8.60 -10.17 -8.16
N ASP C 670 -8.82 -11.46 -7.96
CA ASP C 670 -7.91 -12.49 -8.43
C ASP C 670 -8.02 -12.75 -9.92
N ASN C 671 -9.23 -12.70 -10.47
CA ASN C 671 -9.48 -13.18 -11.83
C ASN C 671 -9.07 -12.12 -12.85
N VAL C 672 -9.73 -10.97 -12.83
CA VAL C 672 -9.40 -9.85 -13.69
C VAL C 672 -8.85 -8.77 -12.77
N HIS C 673 -7.53 -8.68 -12.69
CA HIS C 673 -6.87 -7.91 -11.66
C HIS C 673 -7.25 -6.43 -11.75
N PHE C 674 -7.00 -5.70 -10.65
CA PHE C 674 -7.29 -4.28 -10.64
C PHE C 674 -6.39 -3.51 -11.59
N GLN C 675 -5.23 -4.08 -11.94
CA GLN C 675 -4.32 -3.47 -12.91
C GLN C 675 -5.01 -3.13 -14.21
N GLN C 676 -5.94 -3.98 -14.65
CA GLN C 676 -6.52 -3.82 -15.98
C GLN C 676 -7.46 -2.63 -16.04
N SER C 677 -7.97 -2.16 -14.91
CA SER C 677 -8.71 -0.92 -14.85
C SER C 677 -7.85 0.25 -14.41
N ALA C 678 -6.86 0.00 -13.56
CA ALA C 678 -5.95 1.04 -13.12
C ALA C 678 -5.09 1.56 -14.26
N GLN C 679 -4.96 0.82 -15.35
CA GLN C 679 -4.23 1.35 -16.50
C GLN C 679 -5.16 1.91 -17.58
N ILE C 680 -6.40 1.44 -17.66
CA ILE C 680 -7.39 2.15 -18.46
C ILE C 680 -7.57 3.57 -17.94
N SER C 681 -7.66 3.71 -16.61
CA SER C 681 -7.81 5.03 -16.02
C SER C 681 -6.60 5.90 -16.32
N LYS C 682 -5.39 5.35 -16.21
CA LYS C 682 -4.18 6.12 -16.48
C LYS C 682 -4.11 6.57 -17.93
N ALA C 683 -4.46 5.67 -18.86
CA ALA C 683 -4.44 6.05 -20.27
C ALA C 683 -5.51 7.09 -20.59
N LEU C 684 -6.67 7.00 -19.94
CA LEU C 684 -7.70 8.01 -20.14
C LEU C 684 -7.29 9.35 -19.57
N VAL C 685 -6.60 9.35 -18.44
CA VAL C 685 -6.11 10.59 -17.83
C VAL C 685 -5.07 11.24 -18.74
N ASP C 686 -4.13 10.44 -19.24
CA ASP C 686 -3.00 10.96 -20.01
C ASP C 686 -3.43 11.67 -21.29
N VAL C 687 -4.65 11.42 -21.78
CA VAL C 687 -5.13 12.03 -23.02
C VAL C 687 -6.14 13.14 -22.76
N GLY C 688 -6.67 13.24 -21.54
CA GLY C 688 -7.58 14.33 -21.22
C GLY C 688 -9.04 14.01 -21.34
N VAL C 689 -9.46 12.78 -21.01
CA VAL C 689 -10.85 12.38 -21.07
C VAL C 689 -11.41 12.37 -19.66
N ASP C 690 -12.60 12.96 -19.50
CA ASP C 690 -13.29 12.95 -18.22
C ASP C 690 -14.16 11.71 -18.14
N PHE C 691 -13.93 10.88 -17.12
CA PHE C 691 -14.68 9.65 -16.92
C PHE C 691 -14.98 9.53 -15.44
N GLN C 692 -16.00 8.73 -15.13
CA GLN C 692 -16.37 8.46 -13.75
C GLN C 692 -15.87 7.07 -13.36
N ALA C 693 -15.26 6.97 -12.19
CA ALA C 693 -14.70 5.73 -11.71
C ALA C 693 -15.33 5.37 -10.37
N MET C 694 -15.03 4.16 -9.91
CA MET C 694 -15.46 3.68 -8.60
C MET C 694 -14.71 2.40 -8.29
N TRP C 695 -14.20 2.30 -7.07
CA TRP C 695 -13.51 1.11 -6.63
C TRP C 695 -14.26 0.52 -5.45
N TYR C 696 -14.31 -0.80 -5.41
CA TYR C 696 -14.94 -1.53 -4.31
C TYR C 696 -13.85 -2.27 -3.56
N THR C 697 -13.44 -1.73 -2.42
CA THR C 697 -12.30 -2.26 -1.70
C THR C 697 -12.61 -3.64 -1.14
N ASP C 698 -11.64 -4.55 -1.24
CA ASP C 698 -11.69 -5.93 -0.80
C ASP C 698 -12.72 -6.76 -1.57
N GLU C 699 -13.42 -6.17 -2.53
CA GLU C 699 -14.34 -6.93 -3.35
C GLU C 699 -13.58 -7.70 -4.41
N ASP C 700 -14.25 -8.72 -4.95
CA ASP C 700 -13.62 -9.61 -5.92
C ASP C 700 -14.32 -9.50 -7.27
N HIS C 701 -13.98 -10.38 -8.21
CA HIS C 701 -14.48 -10.23 -9.57
C HIS C 701 -15.99 -10.22 -9.61
N GLY C 702 -16.63 -11.22 -9.01
CA GLY C 702 -18.07 -11.21 -8.85
C GLY C 702 -18.53 -10.46 -7.62
N ILE C 703 -18.56 -9.12 -7.68
CA ILE C 703 -18.94 -8.34 -6.51
C ILE C 703 -20.33 -8.80 -6.07
N ALA C 704 -20.39 -9.49 -4.93
CA ALA C 704 -21.61 -10.20 -4.56
C ALA C 704 -21.89 -10.16 -3.06
N SER C 705 -21.06 -9.47 -2.29
CA SER C 705 -21.43 -9.25 -0.90
C SER C 705 -22.63 -8.32 -0.84
N SER C 706 -23.54 -8.60 0.09
CA SER C 706 -24.86 -8.00 0.05
C SER C 706 -24.80 -6.48 0.00
N THR C 707 -24.00 -5.87 0.89
CA THR C 707 -23.86 -4.42 0.86
C THR C 707 -23.24 -3.94 -0.44
N ALA C 708 -22.16 -4.59 -0.89
CA ALA C 708 -21.54 -4.19 -2.14
C ALA C 708 -22.42 -4.51 -3.33
N HIS C 709 -23.18 -5.61 -3.27
CA HIS C 709 -24.07 -5.96 -4.37
C HIS C 709 -25.21 -4.96 -4.51
N GLN C 710 -25.66 -4.38 -3.40
CA GLN C 710 -26.67 -3.33 -3.51
C GLN C 710 -26.07 -2.02 -3.95
N HIS C 711 -24.86 -1.71 -3.46
CA HIS C 711 -24.22 -0.45 -3.83
C HIS C 711 -23.90 -0.40 -5.32
N ILE C 712 -23.37 -1.50 -5.86
CA ILE C 712 -22.98 -1.51 -7.27
C ILE C 712 -24.18 -1.23 -8.17
N TYR C 713 -25.32 -1.86 -7.89
CA TYR C 713 -26.46 -1.72 -8.76
C TYR C 713 -27.25 -0.44 -8.53
N THR C 714 -27.27 0.09 -7.30
CA THR C 714 -27.83 1.43 -7.13
C THR C 714 -26.98 2.50 -7.81
N HIS C 715 -25.65 2.38 -7.72
CA HIS C 715 -24.77 3.30 -8.42
C HIS C 715 -24.96 3.23 -9.93
N MET C 716 -24.99 2.01 -10.48
CA MET C 716 -25.19 1.84 -11.90
C MET C 716 -26.56 2.33 -12.35
N SER C 717 -27.60 2.13 -11.51
CA SER C 717 -28.92 2.63 -11.83
C SER C 717 -28.96 4.15 -11.88
N HIS C 718 -28.33 4.80 -10.91
CA HIS C 718 -28.23 6.26 -10.95
C HIS C 718 -27.51 6.74 -12.19
N PHE C 719 -26.39 6.08 -12.53
CA PHE C 719 -25.62 6.49 -13.70
C PHE C 719 -26.44 6.31 -14.98
N ILE C 720 -27.18 5.21 -15.10
CA ILE C 720 -27.98 4.98 -16.30
C ILE C 720 -29.12 6.00 -16.39
N LYS C 721 -29.77 6.31 -15.26
CA LYS C 721 -30.85 7.29 -15.30
C LYS C 721 -30.33 8.68 -15.61
N GLN C 722 -29.09 8.98 -15.19
CA GLN C 722 -28.48 10.25 -15.56
C GLN C 722 -28.15 10.30 -17.04
N CYS C 723 -27.62 9.20 -17.59
CA CYS C 723 -27.33 9.15 -19.02
C CYS C 723 -28.60 9.30 -19.85
N PHE C 724 -29.68 8.64 -19.45
CA PHE C 724 -30.93 8.69 -20.20
C PHE C 724 -31.83 9.84 -19.77
N SER C 725 -31.43 10.61 -18.76
CA SER C 725 -32.22 11.74 -18.25
C SER C 725 -33.64 11.32 -17.90
#